data_7LLK
#
_entry.id   7LLK
#
_cell.length_a   1.00
_cell.length_b   1.00
_cell.length_c   1.00
_cell.angle_alpha   90.00
_cell.angle_beta   90.00
_cell.angle_gamma   90.00
#
_symmetry.space_group_name_H-M   'P 1'
#
loop_
_entity.id
_entity.type
_entity.pdbx_description
1 polymer 'Envelope glycoprotein gp120'
2 polymer 'Envelope glycoprotein gp41'
3 polymer '179NC75 Fab Heavy chain'
4 polymer '179NC75 Fab Light chain'
5 branched 2-acetamido-2-deoxy-beta-D-glucopyranose-(1-4)-2-acetamido-2-deoxy-beta-D-glucopyranose
6 branched beta-D-mannopyranose-(1-4)-2-acetamido-2-deoxy-beta-D-glucopyranose-(1-4)-2-acetamido-2-deoxy-beta-D-glucopyranose
7 branched alpha-D-mannopyranose-(1-6)-beta-D-mannopyranose-(1-4)-2-acetamido-2-deoxy-beta-D-glucopyranose-(1-4)-2-acetamido-2-deoxy-beta-D-glucopyranose
8 non-polymer 2-acetamido-2-deoxy-beta-D-glucopyranose
#
loop_
_entity_poly.entity_id
_entity_poly.type
_entity_poly.pdbx_seq_one_letter_code
_entity_poly.pdbx_strand_id
1 'polypeptide(L)'
;AENLWVTVYYGVPVWRDADTTLFCASDAKAYETEKHNVWATHACVPTDPNPQEIHLDNVTEKFNMWKNNMVEQMHTDIIS
LWDQSLKPCVKLTPLCVTLHCTNVTSVNTTGDREGLKNCSFNMTTELRDKRQKVYSLFYRLDIVPINENQGSEYRLINCN
TSACTQACPKVSFEPIPIHYCAPAGFAILKCKDEGFNGTGLCKNVSTVQCTHGIKPVVSTQLLLNGSLAEKNITIRSENI
TNNAKIIIVQLVQPVTIKCIRPNNNTRKSIRIGPGQAFYATGDIIGDIRQAHCNVSRSRWNKTLQEVAEKLRTYFGNKTI
IFANSSGGDLEITTHSFNCGGEFFYCNTSGLFNSTWYVNSTWNDTDSTQESNDTITLPCRIKQIINMWQRAGQCMYAPPI
PGVIKCESNITGLLLTRDGGKDNNVNETFRPGGGDMRDNWRSELYKYKVVKIEPLGVAPTRCKRRVVERRRRRR
;
E,A,I
2 'polypeptide(L)'
;AVGIGAVFLGFLGAAGSTMGAASNTLTVQARQLLSGIVQQQNNLPRAPEAQQHLLKLTVWGIKQLQARVLAVERYLEVQQ
LLGIWGCSGKLICCTNVPWNSSWSNKSLDEIWNNMTWLQWDKEINNYTQLIYRLIEESQFQQEINEVELLALD
;
F,B,J
3 'polypeptide(L)'
;EMRLEESGGALVKPGGSLRLSCVASGFKLSEWSLMWVRQAPGKGLQWVSSISLNQDYISYAGSVRGRFDVFRDRTQTSLL
LNMNKLKTEDTGVYFCARVHAWRYFDWVNRRSPVEKVLSIDLWGRGTLVTVSSASTKGPSVFPLAPSSKSTSGGTAALGC
LVKDYFPEPVTVSWNSGALTSGVHTFPAVLQSSGLYSLSSVVTVPSSSLGTQTYICNVNHKPSNTKVDKKVEPKSCDK
;
G,C,K
4 'polypeptide(L)'
;SVTSGATQPPSVSVSKGETARITCSGVELSSQYVSWYRQRPGQSPVLVMFHNNSRASRIPERFSASDSGDTATLTIAGAQ
DVDEAEYYCQTWDSKNYVTFGGGTKLTVLGQPKAAPSVTLFPPSSEELQANKATLVCLISDFYPGAVTVAWKADSSPVKA
GVETTTPSKQSNNKYAASSYLSLTPEQWKSHRSYSCQVTHEGSTVEKTVAPTECS
;
H,D,L
#
# COMPACT_ATOMS: atom_id res chain seq x y z
N GLU A 2 -33.30 -7.77 53.20
CA GLU A 2 -32.25 -7.50 52.20
C GLU A 2 -32.81 -7.48 50.76
N ASN A 3 -32.36 -6.53 49.93
CA ASN A 3 -32.75 -6.39 48.52
C ASN A 3 -31.53 -6.05 47.66
N LEU A 4 -31.67 -6.09 46.33
CA LEU A 4 -30.56 -5.96 45.38
C LEU A 4 -30.93 -5.24 44.08
N TRP A 5 -29.95 -4.60 43.47
CA TRP A 5 -30.02 -4.03 42.12
C TRP A 5 -28.81 -4.46 41.28
N VAL A 6 -29.02 -4.44 39.96
CA VAL A 6 -27.93 -4.36 38.98
C VAL A 6 -27.01 -3.20 39.29
N THR A 7 -25.72 -3.46 39.22
CA THR A 7 -24.68 -2.45 39.32
C THR A 7 -23.51 -2.89 38.46
N VAL A 8 -22.63 -1.94 38.13
CA VAL A 8 -21.43 -2.21 37.35
C VAL A 8 -20.22 -1.61 38.01
N TYR A 9 -19.17 -2.40 38.10
CA TYR A 9 -17.82 -1.91 38.28
C TYR A 9 -17.17 -1.82 36.90
N TYR A 10 -16.53 -0.71 36.57
CA TYR A 10 -15.80 -0.59 35.31
C TYR A 10 -14.40 -1.21 35.40
N GLY A 11 -13.93 -1.90 34.36
CA GLY A 11 -12.50 -2.21 34.20
C GLY A 11 -11.94 -3.38 35.04
N VAL A 12 -12.76 -4.04 35.85
CA VAL A 12 -12.43 -5.30 36.53
C VAL A 12 -11.98 -6.40 35.55
N PRO A 13 -11.18 -7.37 35.99
CA PRO A 13 -10.52 -8.30 35.08
C PRO A 13 -11.45 -9.42 34.63
N VAL A 14 -11.88 -9.36 33.38
CA VAL A 14 -12.64 -10.41 32.69
C VAL A 14 -12.12 -10.53 31.27
N TRP A 15 -11.90 -11.75 30.77
CA TRP A 15 -11.29 -11.92 29.46
C TRP A 15 -11.69 -13.19 28.73
N ARG A 16 -11.50 -13.18 27.40
CA ARG A 16 -11.83 -14.27 26.47
C ARG A 16 -10.86 -14.26 25.30
N ASP A 17 -10.73 -15.36 24.56
CA ASP A 17 -9.85 -15.45 23.38
C ASP A 17 -10.30 -14.52 22.24
N ALA A 18 -9.38 -14.19 21.32
CA ALA A 18 -9.68 -13.27 20.21
C ALA A 18 -8.92 -13.54 18.91
N ASP A 19 -9.58 -13.22 17.80
CA ASP A 19 -9.00 -13.05 16.47
C ASP A 19 -8.24 -11.71 16.34
N THR A 20 -7.89 -11.08 17.46
CA THR A 20 -7.34 -9.73 17.49
C THR A 20 -5.99 -9.65 16.78
N THR A 21 -5.69 -8.53 16.16
CA THR A 21 -4.39 -8.37 15.53
C THR A 21 -3.33 -8.05 16.57
N LEU A 22 -2.08 -8.33 16.25
CA LEU A 22 -0.92 -8.17 17.12
C LEU A 22 0.19 -7.47 16.36
N PHE A 23 1.04 -6.71 17.08
CA PHE A 23 2.05 -5.88 16.44
C PHE A 23 3.39 -5.99 17.14
N CYS A 24 4.44 -5.60 16.42
CA CYS A 24 5.83 -5.83 16.80
C CYS A 24 6.40 -4.83 17.82
N ALA A 25 7.39 -5.30 18.58
CA ALA A 25 8.37 -4.53 19.32
C ALA A 25 9.70 -5.29 19.43
N SER A 26 10.77 -4.56 19.73
CA SER A 26 12.15 -5.04 19.94
C SER A 26 12.98 -3.92 20.57
N ASP A 27 14.27 -4.14 20.83
CA ASP A 27 15.23 -3.03 20.87
C ASP A 27 15.38 -2.40 19.47
N ALA A 28 15.73 -1.11 19.38
CA ALA A 28 16.16 -0.50 18.13
C ALA A 28 17.63 -0.84 17.85
N LYS A 29 17.92 -1.38 16.67
CA LYS A 29 19.29 -1.74 16.27
C LYS A 29 20.12 -0.52 15.82
N ALA A 30 19.46 0.52 15.30
CA ALA A 30 20.09 1.76 14.83
C ALA A 30 19.16 3.00 14.74
N TYR A 31 17.82 2.84 14.81
CA TYR A 31 16.81 3.86 14.49
C TYR A 31 16.80 4.36 13.03
N GLU A 32 17.61 3.80 12.14
CA GLU A 32 17.44 4.00 10.70
C GLU A 32 16.20 3.24 10.19
N THR A 33 15.18 3.99 9.79
CA THR A 33 14.00 3.55 9.05
C THR A 33 14.27 2.69 7.80
N GLU A 34 15.46 2.80 7.21
CA GLU A 34 15.91 2.08 6.00
C GLU A 34 17.02 1.05 6.30
N LYS A 35 17.08 0.52 7.53
CA LYS A 35 18.05 -0.47 8.02
C LYS A 35 18.02 -1.76 7.19
N HIS A 36 19.13 -2.48 7.25
CA HIS A 36 19.45 -3.71 6.50
C HIS A 36 18.63 -4.98 6.86
N ASN A 37 17.46 -4.86 7.48
CA ASN A 37 16.82 -5.93 8.28
C ASN A 37 15.50 -6.49 7.68
N VAL A 38 15.31 -7.82 7.68
CA VAL A 38 14.10 -8.48 7.14
C VAL A 38 12.88 -8.43 8.06
N TRP A 39 13.07 -8.38 9.38
CA TRP A 39 11.97 -8.52 10.35
C TRP A 39 11.41 -7.17 10.81
N ALA A 40 12.27 -6.17 11.01
CA ALA A 40 11.94 -4.91 11.66
C ALA A 40 12.95 -3.81 11.30
N THR A 41 12.77 -3.13 10.16
CA THR A 41 13.57 -1.94 9.74
C THR A 41 13.24 -0.67 10.55
N HIS A 42 12.99 -0.81 11.84
CA HIS A 42 12.41 0.21 12.72
C HIS A 42 11.00 0.71 12.33
N ALA A 43 10.44 0.25 11.20
CA ALA A 43 9.00 0.35 10.90
C ALA A 43 8.14 -0.52 11.84
N CYS A 44 8.75 -1.49 12.53
CA CYS A 44 8.27 -2.02 13.79
C CYS A 44 8.61 -1.02 14.92
N VAL A 45 7.61 -0.43 15.56
CA VAL A 45 7.85 0.52 16.65
C VAL A 45 8.48 -0.19 17.86
N PRO A 46 9.62 0.30 18.41
CA PRO A 46 10.26 -0.29 19.58
C PRO A 46 9.50 0.06 20.87
N THR A 47 8.28 -0.47 20.98
CA THR A 47 7.48 -0.42 22.21
C THR A 47 8.28 -1.03 23.35
N ASP A 48 8.13 -0.47 24.55
CA ASP A 48 9.05 -0.62 25.68
C ASP A 48 9.78 -1.99 25.75
N PRO A 49 11.12 -2.02 25.55
CA PRO A 49 11.93 -3.22 25.71
C PRO A 49 11.90 -3.85 27.11
N ASN A 50 11.43 -3.15 28.15
CA ASN A 50 11.16 -3.76 29.45
C ASN A 50 9.85 -4.61 29.40
N PRO A 51 9.88 -5.95 29.62
CA PRO A 51 8.66 -6.72 29.87
C PRO A 51 8.08 -6.42 31.27
N GLN A 52 7.10 -5.51 31.32
CA GLN A 52 6.45 -5.05 32.55
C GLN A 52 5.35 -6.00 33.02
N GLU A 53 5.68 -7.29 33.09
CA GLU A 53 4.79 -8.40 33.43
C GLU A 53 4.34 -8.38 34.90
N ILE A 54 3.24 -9.06 35.26
CA ILE A 54 2.72 -9.00 36.65
C ILE A 54 2.06 -10.32 37.06
N HIS A 55 1.94 -10.62 38.34
CA HIS A 55 1.43 -11.93 38.82
C HIS A 55 -0.05 -12.09 38.52
N LEU A 56 -0.48 -13.30 38.23
CA LEU A 56 -1.91 -13.63 38.06
C LEU A 56 -2.23 -14.55 39.22
N ASP A 57 -1.78 -14.20 40.42
CA ASP A 57 -1.91 -15.15 41.56
C ASP A 57 -3.33 -15.70 41.58
N ASN A 58 -3.51 -17.01 41.52
CA ASN A 58 -4.83 -17.71 41.65
C ASN A 58 -5.66 -17.56 40.40
N VAL A 59 -5.12 -16.94 39.38
CA VAL A 59 -5.94 -16.67 38.18
C VAL A 59 -5.84 -17.94 37.36
N THR A 60 -6.83 -18.83 37.46
CA THR A 60 -6.78 -20.15 36.78
C THR A 60 -7.26 -19.92 35.36
N GLU A 61 -6.33 -19.96 34.41
CA GLU A 61 -6.67 -19.70 33.01
C GLU A 61 -6.49 -20.98 32.23
N LYS A 62 -7.51 -21.40 31.53
CA LYS A 62 -7.36 -22.55 30.64
C LYS A 62 -6.53 -22.04 29.48
N PHE A 63 -5.47 -22.71 29.10
CA PHE A 63 -4.73 -22.36 27.88
C PHE A 63 -5.18 -23.19 26.68
N ASN A 64 -4.80 -22.76 25.47
CA ASN A 64 -4.99 -23.54 24.25
C ASN A 64 -4.01 -23.15 23.14
N MET A 65 -2.86 -23.79 23.12
CA MET A 65 -1.82 -23.68 22.11
C MET A 65 -2.27 -23.98 20.66
N TRP A 66 -3.46 -24.54 20.45
CA TRP A 66 -3.87 -25.08 19.16
C TRP A 66 -4.92 -24.24 18.47
N LYS A 67 -5.95 -23.79 19.20
CA LYS A 67 -6.89 -22.74 18.76
C LYS A 67 -6.35 -21.31 18.93
N ASN A 68 -5.11 -21.15 19.38
CA ASN A 68 -4.41 -19.88 19.41
C ASN A 68 -4.44 -19.16 18.05
N ASN A 69 -4.67 -17.85 18.04
CA ASN A 69 -4.63 -17.07 16.81
C ASN A 69 -3.20 -16.79 16.29
N MET A 70 -2.23 -16.62 17.20
CA MET A 70 -0.88 -16.14 16.86
C MET A 70 -0.15 -16.98 15.84
N VAL A 71 -0.34 -18.29 15.82
CA VAL A 71 0.36 -19.12 14.84
C VAL A 71 0.02 -18.67 13.42
N GLU A 72 -1.26 -18.58 13.11
CA GLU A 72 -1.73 -18.20 11.78
C GLU A 72 -1.33 -16.76 11.48
N GLN A 73 -1.44 -15.90 12.49
CA GLN A 73 -1.10 -14.50 12.34
C GLN A 73 0.39 -14.37 12.02
N MET A 74 1.29 -14.94 12.81
CA MET A 74 2.71 -14.91 12.53
C MET A 74 3.03 -15.50 11.17
N HIS A 75 2.40 -16.62 10.81
CA HIS A 75 2.66 -17.25 9.52
C HIS A 75 2.37 -16.28 8.38
N THR A 76 1.25 -15.58 8.47
CA THR A 76 0.86 -14.53 7.53
C THR A 76 1.81 -13.33 7.61
N ASP A 77 2.08 -12.81 8.80
CA ASP A 77 2.92 -11.63 9.02
C ASP A 77 4.33 -11.84 8.48
N ILE A 78 4.96 -12.95 8.81
CA ILE A 78 6.32 -13.21 8.40
C ILE A 78 6.38 -13.44 6.90
N ILE A 79 5.37 -14.08 6.29
CA ILE A 79 5.31 -14.16 4.83
C ILE A 79 5.17 -12.75 4.22
N SER A 80 4.40 -11.87 4.86
CA SER A 80 4.29 -10.49 4.44
C SER A 80 5.64 -9.77 4.53
N LEU A 81 6.39 -9.96 5.61
CA LEU A 81 7.72 -9.42 5.77
C LEU A 81 8.66 -9.87 4.65
N TRP A 82 8.67 -11.16 4.33
CA TRP A 82 9.54 -11.67 3.26
C TRP A 82 9.26 -10.92 1.95
N ASP A 83 7.99 -10.83 1.56
CA ASP A 83 7.61 -10.10 0.36
C ASP A 83 8.01 -8.61 0.46
N GLN A 84 7.80 -7.97 1.60
CA GLN A 84 8.13 -6.55 1.82
C GLN A 84 9.63 -6.28 1.94
N SER A 85 10.46 -7.31 2.11
CA SER A 85 11.91 -7.21 2.06
C SER A 85 12.44 -7.46 0.65
N LEU A 86 11.72 -8.29 -0.12
CA LEU A 86 12.15 -8.72 -1.44
C LEU A 86 11.63 -7.79 -2.55
N LYS A 87 10.43 -7.23 -2.46
CA LYS A 87 9.92 -6.22 -3.39
C LYS A 87 10.90 -5.05 -3.61
N PRO A 88 11.57 -4.48 -2.59
CA PRO A 88 12.59 -3.45 -2.78
C PRO A 88 13.79 -3.92 -3.60
N CYS A 89 14.17 -5.18 -3.48
CA CYS A 89 15.35 -5.76 -4.10
C CYS A 89 15.01 -6.46 -5.42
N VAL A 90 16.00 -7.11 -6.05
CA VAL A 90 15.84 -7.64 -7.40
C VAL A 90 14.94 -8.87 -7.47
N LYS A 91 14.05 -8.87 -8.45
CA LYS A 91 13.52 -10.09 -9.05
C LYS A 91 14.51 -10.57 -10.11
N LEU A 92 14.52 -11.86 -10.41
CA LEU A 92 15.55 -12.50 -11.23
C LEU A 92 14.99 -13.10 -12.52
N THR A 93 14.03 -12.43 -13.13
CA THR A 93 13.66 -12.71 -14.52
C THR A 93 14.86 -12.70 -15.48
N PRO A 94 15.87 -11.84 -15.35
CA PRO A 94 17.11 -11.99 -16.09
C PRO A 94 18.04 -13.02 -15.39
N LEU A 95 17.56 -14.25 -15.16
CA LEU A 95 18.41 -15.32 -14.65
C LEU A 95 18.02 -16.73 -15.09
N CYS A 96 16.73 -17.07 -15.18
CA CYS A 96 16.34 -18.35 -15.77
C CYS A 96 16.75 -18.40 -17.25
N VAL A 97 17.73 -19.24 -17.56
CA VAL A 97 18.45 -19.24 -18.84
C VAL A 97 19.26 -20.53 -18.98
N THR A 98 19.76 -20.81 -20.17
CA THR A 98 20.76 -21.84 -20.43
C THR A 98 21.95 -21.76 -19.47
N LEU A 99 22.14 -22.73 -18.57
CA LEU A 99 23.33 -22.84 -17.73
C LEU A 99 24.25 -23.97 -18.20
N HIS A 100 25.53 -23.67 -18.39
CA HIS A 100 26.55 -24.69 -18.64
C HIS A 100 27.28 -24.96 -17.33
N CYS A 101 27.49 -26.22 -16.99
CA CYS A 101 28.09 -26.62 -15.72
C CYS A 101 29.12 -27.75 -15.87
N THR A 102 29.91 -27.94 -14.83
CA THR A 102 31.04 -28.87 -14.75
C THR A 102 31.16 -29.41 -13.32
N ASN A 103 31.81 -30.55 -13.15
CA ASN A 103 31.94 -31.27 -11.88
C ASN A 103 33.35 -31.07 -11.30
N VAL A 104 33.42 -30.76 -10.01
CA VAL A 104 34.62 -30.31 -9.27
C VAL A 104 34.57 -30.88 -7.83
N THR A 105 35.71 -31.07 -7.14
CA THR A 105 35.86 -31.81 -5.87
C THR A 105 34.81 -31.49 -4.82
N GLU A 114 31.22 -33.27 -2.55
CA GLU A 114 30.98 -33.42 -3.98
C GLU A 114 29.63 -32.80 -4.41
N GLY A 115 29.52 -32.31 -5.65
CA GLY A 115 28.27 -31.74 -6.18
C GLY A 115 28.13 -30.23 -6.04
N LEU A 116 29.18 -29.50 -5.69
CA LEU A 116 29.25 -28.05 -5.87
C LEU A 116 29.65 -27.77 -7.32
N LYS A 117 28.64 -27.74 -8.20
CA LYS A 117 28.78 -27.63 -9.66
C LYS A 117 29.33 -26.27 -10.06
N ASN A 118 30.28 -26.24 -10.99
CA ASN A 118 30.96 -25.00 -11.42
C ASN A 118 30.49 -24.59 -12.82
N CYS A 119 30.04 -23.35 -12.99
CA CYS A 119 29.09 -23.02 -14.05
C CYS A 119 29.26 -21.63 -14.64
N SER A 120 28.76 -21.46 -15.87
CA SER A 120 28.71 -20.20 -16.59
C SER A 120 27.47 -20.12 -17.49
N PHE A 121 27.06 -18.91 -17.86
CA PHE A 121 25.88 -18.63 -18.66
C PHE A 121 26.04 -17.31 -19.41
N ASN A 122 25.24 -17.09 -20.45
CA ASN A 122 25.00 -15.79 -21.04
C ASN A 122 23.84 -15.10 -20.30
N MET A 123 23.90 -13.78 -20.18
CA MET A 123 22.82 -12.94 -19.69
C MET A 123 22.96 -11.51 -20.21
N THR A 124 21.91 -10.72 -20.14
CA THR A 124 22.00 -9.27 -20.32
C THR A 124 22.92 -8.66 -19.26
N THR A 125 23.76 -7.71 -19.65
CA THR A 125 24.49 -6.89 -18.68
C THR A 125 23.63 -5.72 -18.17
N GLU A 126 24.27 -4.70 -17.61
CA GLU A 126 23.71 -3.37 -17.36
C GLU A 126 23.07 -2.69 -18.59
N LEU A 127 23.35 -3.19 -19.79
CA LEU A 127 22.79 -2.72 -21.04
C LEU A 127 21.87 -3.78 -21.63
N ARG A 128 20.67 -3.41 -22.11
CA ARG A 128 19.68 -4.32 -22.72
C ARG A 128 19.98 -4.65 -24.19
N ASP A 129 21.24 -4.97 -24.46
CA ASP A 129 21.75 -5.40 -25.75
C ASP A 129 22.90 -6.40 -25.59
N LYS A 130 24.01 -6.00 -24.96
CA LYS A 130 25.21 -6.83 -24.77
C LYS A 130 24.92 -8.07 -23.91
N ARG A 131 25.10 -9.26 -24.50
CA ARG A 131 25.28 -10.48 -23.70
C ARG A 131 26.63 -10.37 -22.98
N GLN A 132 26.66 -10.71 -21.71
CA GLN A 132 27.86 -10.95 -20.93
C GLN A 132 27.93 -12.46 -20.65
N LYS A 133 29.04 -13.11 -20.96
CA LYS A 133 29.34 -14.41 -20.36
C LYS A 133 29.78 -14.18 -18.92
N VAL A 134 29.18 -14.89 -17.98
CA VAL A 134 29.38 -14.73 -16.54
C VAL A 134 29.49 -16.09 -15.86
N TYR A 135 30.09 -16.13 -14.67
CA TYR A 135 30.53 -17.35 -14.00
C TYR A 135 30.01 -17.41 -12.57
N SER A 136 29.60 -18.60 -12.11
CA SER A 136 29.23 -18.84 -10.72
C SER A 136 29.29 -20.30 -10.31
N LEU A 137 29.54 -20.53 -9.04
CA LEU A 137 29.23 -21.78 -8.38
C LEU A 137 27.70 -21.92 -8.20
N PHE A 138 27.26 -23.18 -8.21
CA PHE A 138 25.94 -23.59 -7.72
C PHE A 138 26.07 -24.91 -6.97
N TYR A 139 25.38 -25.06 -5.85
CA TYR A 139 25.19 -26.39 -5.29
C TYR A 139 24.22 -27.15 -6.20
N ARG A 140 24.40 -28.45 -6.45
CA ARG A 140 23.59 -29.20 -7.45
C ARG A 140 22.08 -29.06 -7.29
N LEU A 141 21.62 -28.95 -6.05
CA LEU A 141 20.21 -28.80 -5.73
C LEU A 141 19.64 -27.40 -6.01
N ASP A 142 20.45 -26.49 -6.55
CA ASP A 142 19.99 -25.24 -7.17
C ASP A 142 19.35 -25.46 -8.55
N ILE A 143 19.59 -26.60 -9.22
CA ILE A 143 19.31 -26.75 -10.64
C ILE A 143 18.62 -28.06 -10.99
N VAL A 144 18.06 -28.11 -12.20
CA VAL A 144 17.56 -29.31 -12.88
C VAL A 144 17.99 -29.28 -14.35
N PRO A 145 18.07 -30.43 -15.04
CA PRO A 145 18.39 -30.46 -16.46
C PRO A 145 17.27 -29.78 -17.29
N ILE A 146 17.63 -29.11 -18.38
CA ILE A 146 16.66 -28.38 -19.24
C ILE A 146 15.67 -29.32 -19.97
N ASN A 147 16.16 -30.45 -20.48
CA ASN A 147 15.33 -31.44 -21.20
C ASN A 147 16.01 -32.81 -21.20
N GLU A 148 17.33 -32.83 -21.36
CA GLU A 148 18.11 -34.05 -21.61
C GLU A 148 19.49 -33.93 -20.94
N ASN A 149 20.12 -35.08 -20.69
CA ASN A 149 21.41 -35.25 -20.02
C ASN A 149 22.55 -34.69 -20.89
N GLN A 150 22.77 -33.38 -20.87
CA GLN A 150 23.74 -32.67 -21.73
C GLN A 150 24.41 -31.52 -20.95
N GLY A 151 25.71 -31.29 -21.17
CA GLY A 151 26.49 -30.35 -20.35
C GLY A 151 26.02 -28.88 -20.38
N SER A 152 25.46 -28.45 -21.49
CA SER A 152 24.92 -27.09 -21.68
C SER A 152 23.52 -26.88 -21.11
N GLU A 153 22.86 -27.94 -20.63
CA GLU A 153 21.40 -28.01 -20.51
C GLU A 153 20.91 -28.10 -19.06
N TYR A 154 20.95 -26.98 -18.33
CA TYR A 154 20.38 -26.87 -17.00
C TYR A 154 19.73 -25.51 -16.79
N ARG A 155 18.75 -25.48 -15.90
CA ARG A 155 17.99 -24.29 -15.47
C ARG A 155 17.86 -24.27 -13.95
N LEU A 156 17.60 -23.10 -13.38
CA LEU A 156 17.39 -23.01 -11.94
C LEU A 156 16.08 -23.70 -11.56
N ILE A 157 16.08 -24.34 -10.39
CA ILE A 157 15.06 -25.32 -9.97
C ILE A 157 13.64 -24.76 -9.87
N ASN A 158 13.51 -23.46 -9.67
CA ASN A 158 12.25 -22.75 -9.69
C ASN A 158 11.61 -22.64 -11.08
N CYS A 159 12.40 -22.48 -12.15
CA CYS A 159 11.91 -21.85 -13.39
C CYS A 159 10.80 -22.65 -14.08
N ASN A 160 10.81 -23.96 -13.85
CA ASN A 160 9.80 -24.96 -14.14
C ASN A 160 8.38 -24.48 -13.80
N THR A 161 8.19 -23.74 -12.70
CA THR A 161 6.87 -23.24 -12.26
C THR A 161 6.87 -21.92 -11.46
N SER A 162 8.02 -21.30 -11.17
CA SER A 162 8.11 -20.19 -10.22
C SER A 162 9.22 -19.20 -10.61
N ALA A 163 9.02 -17.91 -10.32
CA ALA A 163 10.01 -16.85 -10.47
C ALA A 163 10.83 -16.63 -9.18
N CYS A 164 12.13 -16.34 -9.30
CA CYS A 164 13.02 -16.10 -8.16
C CYS A 164 13.29 -14.62 -7.90
N THR A 165 13.65 -14.29 -6.65
CA THR A 165 13.94 -12.91 -6.23
C THR A 165 15.04 -12.91 -5.18
N GLN A 166 16.07 -12.10 -5.36
CA GLN A 166 17.23 -12.11 -4.43
C GLN A 166 17.19 -10.85 -3.60
N ALA A 167 17.20 -11.01 -2.29
CA ALA A 167 17.23 -9.87 -1.37
C ALA A 167 18.62 -9.29 -1.43
N CYS A 168 18.73 -8.00 -1.24
CA CYS A 168 20.03 -7.32 -1.15
C CYS A 168 20.76 -8.05 -0.02
N PRO A 169 22.09 -8.29 -0.02
CA PRO A 169 22.73 -8.92 1.12
C PRO A 169 22.44 -8.01 2.31
N LYS A 170 21.95 -6.79 2.06
CA LYS A 170 21.59 -5.81 3.10
C LYS A 170 20.19 -6.10 3.60
N VAL A 171 19.66 -7.30 3.39
CA VAL A 171 18.35 -7.66 4.00
C VAL A 171 18.64 -8.95 4.73
N SER A 172 19.36 -8.83 5.83
CA SER A 172 19.81 -10.01 6.59
C SER A 172 18.63 -10.80 7.09
N PHE A 173 18.72 -12.12 7.05
CA PHE A 173 17.67 -13.00 7.61
C PHE A 173 18.02 -13.27 9.07
N GLU A 174 19.12 -12.69 9.56
CA GLU A 174 19.54 -12.95 10.93
C GLU A 174 18.38 -12.78 11.91
N PRO A 175 18.07 -13.78 12.74
CA PRO A 175 16.90 -13.80 13.57
C PRO A 175 17.03 -12.82 14.75
N ILE A 176 16.70 -11.55 14.53
CA ILE A 176 16.43 -10.64 15.64
C ILE A 176 15.06 -10.95 16.23
N PRO A 177 14.93 -11.15 17.55
CA PRO A 177 13.64 -11.46 18.15
C PRO A 177 12.66 -10.34 17.89
N ILE A 178 11.40 -10.72 17.72
CA ILE A 178 10.25 -9.81 17.77
C ILE A 178 9.43 -10.15 19.01
N HIS A 179 8.94 -9.13 19.68
CA HIS A 179 8.02 -9.23 20.79
C HIS A 179 6.65 -8.88 20.23
N TYR A 180 5.67 -9.78 20.28
CA TYR A 180 4.29 -9.44 19.95
C TYR A 180 3.68 -8.68 21.11
N CYS A 181 3.37 -7.41 20.91
CA CYS A 181 2.43 -6.68 21.73
C CYS A 181 1.00 -7.01 21.33
N ALA A 182 0.13 -7.12 22.32
CA ALA A 182 -1.31 -6.96 22.12
C ALA A 182 -1.66 -5.48 22.08
N PRO A 183 -2.61 -5.05 21.26
CA PRO A 183 -3.19 -3.73 21.41
C PRO A 183 -3.96 -3.60 22.72
N ALA A 184 -4.09 -2.37 23.20
CA ALA A 184 -4.77 -2.05 24.43
C ALA A 184 -6.24 -2.54 24.41
N GLY A 185 -6.80 -2.90 25.57
CA GLY A 185 -8.04 -3.68 25.63
C GLY A 185 -7.89 -5.15 25.20
N PHE A 186 -6.69 -5.55 24.82
CA PHE A 186 -6.27 -6.94 24.70
C PHE A 186 -4.95 -7.11 25.43
N ALA A 187 -4.61 -8.34 25.79
CA ALA A 187 -3.46 -8.64 26.60
C ALA A 187 -2.93 -10.07 26.35
N ILE A 188 -1.70 -10.33 26.82
CA ILE A 188 -1.15 -11.67 26.84
C ILE A 188 -1.16 -12.22 28.26
N LEU A 189 -1.68 -13.42 28.41
CA LEU A 189 -1.52 -14.26 29.58
C LEU A 189 -0.36 -15.23 29.31
N LYS A 190 0.53 -15.42 30.29
CA LYS A 190 1.69 -16.29 30.17
C LYS A 190 1.55 -17.43 31.18
N CYS A 191 1.68 -18.69 30.77
CA CYS A 191 1.76 -19.77 31.76
C CYS A 191 3.11 -19.63 32.48
N LYS A 192 3.05 -19.27 33.75
CA LYS A 192 4.21 -19.05 34.61
C LYS A 192 4.63 -20.37 35.24
N ASP A 193 4.86 -21.37 34.39
CA ASP A 193 5.49 -22.66 34.70
C ASP A 193 6.12 -23.26 33.43
N GLU A 194 7.16 -24.07 33.63
CA GLU A 194 7.72 -24.98 32.63
C GLU A 194 7.06 -26.37 32.67
N GLY A 195 6.58 -26.81 33.83
CA GLY A 195 5.92 -28.09 34.08
C GLY A 195 4.51 -28.12 33.53
N PHE A 196 4.35 -27.74 32.25
CA PHE A 196 3.08 -27.50 31.60
C PHE A 196 3.12 -27.84 30.10
N ASN A 197 1.98 -28.29 29.57
CA ASN A 197 1.74 -28.52 28.16
C ASN A 197 0.53 -27.70 27.71
N GLY A 198 0.50 -27.27 26.45
CA GLY A 198 -0.38 -26.21 25.93
C GLY A 198 -1.89 -26.46 25.88
N THR A 199 -2.45 -27.45 26.57
CA THR A 199 -3.91 -27.64 26.61
C THR A 199 -4.44 -28.01 28.00
N GLY A 200 -5.54 -27.37 28.41
CA GLY A 200 -6.07 -27.45 29.78
C GLY A 200 -5.50 -26.36 30.70
N LEU A 201 -5.54 -26.57 32.00
CA LEU A 201 -5.15 -25.57 32.99
C LEU A 201 -3.62 -25.41 33.07
N CYS A 202 -3.17 -24.18 33.29
CA CYS A 202 -1.91 -23.89 33.97
C CYS A 202 -2.24 -23.28 35.33
N LYS A 203 -1.77 -23.87 36.42
CA LYS A 203 -2.16 -23.42 37.76
C LYS A 203 -1.43 -22.14 38.19
N ASN A 204 -0.24 -21.88 37.63
CA ASN A 204 0.61 -20.71 37.99
C ASN A 204 0.70 -19.87 36.72
N VAL A 205 0.44 -18.57 36.76
CA VAL A 205 0.23 -17.78 35.53
C VAL A 205 0.68 -16.33 35.75
N SER A 206 0.82 -15.56 34.68
CA SER A 206 1.02 -14.11 34.74
C SER A 206 0.41 -13.42 33.52
N THR A 207 0.46 -12.10 33.45
CA THR A 207 0.06 -11.32 32.27
C THR A 207 1.10 -10.28 31.91
N VAL A 208 1.24 -10.04 30.61
CA VAL A 208 2.09 -9.00 30.05
C VAL A 208 1.39 -8.40 28.83
N GLN A 209 1.65 -7.13 28.55
CA GLN A 209 1.11 -6.45 27.36
C GLN A 209 1.75 -6.92 26.06
N CYS A 210 2.98 -7.44 26.16
CA CYS A 210 3.82 -7.83 25.05
C CYS A 210 4.70 -9.02 25.41
N THR A 211 4.74 -10.06 24.58
CA THR A 211 5.45 -11.32 24.84
C THR A 211 6.92 -11.10 25.14
N HIS A 212 7.49 -11.84 26.11
CA HIS A 212 8.95 -11.83 26.37
C HIS A 212 9.61 -12.14 25.02
N GLY A 213 10.89 -11.93 24.74
CA GLY A 213 11.41 -12.27 23.39
C GLY A 213 10.96 -13.61 22.81
N ILE A 214 10.41 -13.66 21.58
CA ILE A 214 10.09 -14.93 20.85
C ILE A 214 10.97 -14.89 19.63
N LYS A 215 11.78 -15.90 19.39
CA LYS A 215 12.73 -15.79 18.26
C LYS A 215 11.91 -16.05 17.02
N PRO A 216 12.18 -15.40 15.89
CA PRO A 216 11.40 -15.66 14.75
C PRO A 216 11.73 -17.12 14.56
N VAL A 217 12.93 -17.58 14.89
CA VAL A 217 13.24 -19.03 14.81
C VAL A 217 12.97 -19.54 13.39
N VAL A 218 13.80 -19.26 12.42
CA VAL A 218 13.45 -19.64 11.00
C VAL A 218 13.14 -21.13 10.93
N SER A 219 13.76 -21.98 11.72
CA SER A 219 13.63 -23.48 11.81
C SER A 219 12.76 -24.29 10.86
N THR A 220 13.19 -25.54 10.59
CA THR A 220 12.44 -26.41 9.69
C THR A 220 12.08 -27.77 10.33
N GLN A 221 12.97 -28.43 11.09
CA GLN A 221 12.71 -29.70 11.76
C GLN A 221 13.06 -29.66 13.26
N LEU A 222 14.31 -29.32 13.57
CA LEU A 222 14.77 -29.14 14.95
C LEU A 222 14.50 -27.69 15.34
N LEU A 223 13.87 -27.47 16.48
CA LEU A 223 13.75 -26.14 17.07
C LEU A 223 15.15 -25.68 17.44
N LEU A 224 15.58 -24.62 16.77
CA LEU A 224 16.77 -23.88 17.09
C LEU A 224 16.35 -22.71 17.96
N ASN A 225 17.27 -22.20 18.76
CA ASN A 225 17.22 -20.86 19.33
C ASN A 225 16.12 -20.61 20.40
N GLY A 226 14.94 -21.23 20.33
CA GLY A 226 13.93 -21.17 21.39
C GLY A 226 14.44 -21.69 22.75
N SER A 227 13.97 -21.12 23.84
CA SER A 227 14.42 -21.37 25.21
C SER A 227 14.16 -22.80 25.75
N LEU A 228 14.75 -23.15 26.90
CA LEU A 228 14.61 -24.44 27.57
C LEU A 228 13.51 -24.46 28.65
N ALA A 229 13.07 -25.66 29.00
CA ALA A 229 12.19 -25.93 30.13
C ALA A 229 12.95 -26.09 31.47
N GLU A 230 12.26 -26.57 32.51
CA GLU A 230 12.74 -27.01 33.84
C GLU A 230 11.83 -28.15 34.34
N LYS A 231 12.20 -28.85 35.42
CA LYS A 231 11.56 -30.02 36.04
C LYS A 231 11.58 -31.28 35.17
N ASN A 232 11.11 -31.19 33.93
CA ASN A 232 11.10 -32.30 32.97
C ASN A 232 11.28 -31.78 31.54
N ILE A 233 11.75 -32.65 30.66
CA ILE A 233 11.62 -32.46 29.21
C ILE A 233 10.13 -32.36 28.88
N THR A 234 9.81 -31.58 27.86
CA THR A 234 8.44 -31.15 27.57
C THR A 234 7.99 -31.61 26.21
N ILE A 235 6.73 -32.02 26.14
CA ILE A 235 6.07 -32.58 24.96
C ILE A 235 4.80 -31.79 24.76
N ARG A 236 4.49 -31.45 23.52
CA ARG A 236 3.26 -30.73 23.16
C ARG A 236 2.68 -31.29 21.87
N SER A 237 1.37 -31.46 21.81
CA SER A 237 0.69 -31.95 20.63
C SER A 237 -0.76 -31.47 20.62
N GLU A 238 -1.37 -31.33 19.44
CA GLU A 238 -2.81 -31.09 19.37
C GLU A 238 -3.58 -32.27 20.00
N ASN A 239 -3.18 -33.46 19.58
CA ASN A 239 -3.84 -34.70 20.03
C ASN A 239 -2.79 -35.80 19.83
N ILE A 240 -2.22 -36.32 20.91
CA ILE A 240 -1.11 -37.28 20.79
C ILE A 240 -1.50 -38.61 20.13
N THR A 241 -2.80 -38.94 20.16
CA THR A 241 -3.33 -40.14 19.51
C THR A 241 -3.45 -39.99 18.00
N ASN A 242 -3.44 -38.78 17.44
CA ASN A 242 -3.23 -38.58 16.03
C ASN A 242 -1.74 -38.72 15.71
N ASN A 243 -1.31 -39.94 15.43
CA ASN A 243 0.08 -40.20 15.12
C ASN A 243 0.60 -39.38 13.93
N ALA A 244 -0.28 -38.98 13.01
CA ALA A 244 0.16 -38.21 11.86
C ALA A 244 0.48 -36.76 12.19
N LYS A 245 -0.34 -36.08 13.02
CA LYS A 245 -0.15 -34.65 13.28
C LYS A 245 0.97 -34.39 14.28
N ILE A 246 1.52 -33.18 14.26
CA ILE A 246 2.85 -32.88 14.80
C ILE A 246 2.97 -33.08 16.31
N ILE A 247 4.16 -33.51 16.73
CA ILE A 247 4.57 -33.56 18.13
C ILE A 247 5.76 -32.62 18.32
N ILE A 248 5.69 -31.75 19.30
CA ILE A 248 6.76 -30.81 19.63
C ILE A 248 7.43 -31.25 20.91
N VAL A 249 8.76 -31.19 20.92
CA VAL A 249 9.58 -31.37 22.12
C VAL A 249 10.32 -30.09 22.42
N GLN A 250 10.42 -29.70 23.68
CA GLN A 250 11.42 -28.75 24.14
C GLN A 250 12.21 -29.38 25.28
N LEU A 251 13.54 -29.28 25.21
CA LEU A 251 14.48 -29.91 26.13
C LEU A 251 14.65 -29.12 27.43
N VAL A 252 15.10 -29.78 28.48
CA VAL A 252 15.61 -29.13 29.72
C VAL A 252 17.07 -28.65 29.58
N GLN A 253 17.79 -29.18 28.59
CA GLN A 253 19.22 -28.97 28.37
C GLN A 253 19.42 -28.56 26.91
N PRO A 254 20.31 -27.62 26.57
CA PRO A 254 20.57 -27.28 25.17
C PRO A 254 21.55 -28.26 24.55
N VAL A 255 21.64 -28.27 23.23
CA VAL A 255 22.84 -28.73 22.52
C VAL A 255 23.22 -27.72 21.46
N THR A 256 24.49 -27.39 21.37
CA THR A 256 24.99 -26.36 20.44
C THR A 256 25.55 -27.00 19.17
N ILE A 257 25.29 -26.37 18.02
CA ILE A 257 25.71 -26.79 16.70
C ILE A 257 26.37 -25.62 15.97
N LYS A 258 27.48 -25.89 15.29
CA LYS A 258 28.36 -24.86 14.70
C LYS A 258 28.64 -25.18 13.23
N CYS A 259 27.59 -25.34 12.45
CA CYS A 259 27.71 -25.73 11.05
C CYS A 259 28.53 -24.73 10.22
N ILE A 260 29.13 -25.24 9.15
CA ILE A 260 30.10 -24.50 8.35
C ILE A 260 29.94 -24.78 6.85
N ARG A 261 30.10 -23.76 6.02
CA ARG A 261 30.54 -23.95 4.62
C ARG A 261 32.07 -23.99 4.66
N PRO A 262 32.74 -25.13 4.60
CA PRO A 262 34.20 -25.21 4.73
C PRO A 262 34.97 -24.65 3.52
N ASN A 263 34.24 -24.04 2.59
CA ASN A 263 34.72 -23.59 1.29
C ASN A 263 34.78 -22.05 1.27
N ASN A 264 35.95 -21.51 0.94
CA ASN A 264 36.24 -20.07 0.92
C ASN A 264 35.56 -19.42 -0.30
N ASN A 265 34.29 -19.02 -0.16
CA ASN A 265 33.43 -18.66 -1.28
C ASN A 265 32.82 -17.26 -1.12
N THR A 266 32.59 -16.56 -2.23
CA THR A 266 32.63 -15.09 -2.26
C THR A 266 31.57 -14.44 -3.16
N ARG A 267 31.14 -13.23 -2.81
CA ARG A 267 30.25 -12.41 -3.63
C ARG A 267 30.90 -12.03 -4.96
N LYS A 268 30.31 -12.41 -6.09
CA LYS A 268 30.59 -11.81 -7.42
C LYS A 268 29.37 -11.03 -7.90
N SER A 269 29.42 -9.71 -7.77
CA SER A 269 28.36 -8.81 -8.19
C SER A 269 28.35 -8.65 -9.71
N ILE A 270 27.25 -9.05 -10.37
CA ILE A 270 27.05 -8.81 -11.80
C ILE A 270 25.77 -8.05 -12.05
N ARG A 271 25.87 -7.01 -12.87
CA ARG A 271 24.74 -6.15 -13.20
C ARG A 271 23.90 -6.77 -14.29
N ILE A 272 22.58 -6.74 -14.07
CA ILE A 272 21.57 -7.55 -14.76
C ILE A 272 20.34 -6.69 -15.05
N GLY A 273 20.51 -5.71 -15.94
CA GLY A 273 19.72 -4.49 -15.90
C GLY A 273 20.38 -3.44 -15.00
N PRO A 274 20.16 -2.15 -15.28
CA PRO A 274 21.06 -1.10 -14.82
C PRO A 274 20.99 -0.80 -13.31
N GLY A 275 19.83 -0.97 -12.66
CA GLY A 275 19.67 -0.80 -11.21
C GLY A 275 19.75 -2.11 -10.42
N GLN A 276 20.02 -3.20 -11.11
CA GLN A 276 19.82 -4.56 -10.61
C GLN A 276 21.16 -5.28 -10.49
N ALA A 277 21.43 -5.79 -9.30
CA ALA A 277 22.70 -6.42 -8.95
C ALA A 277 22.50 -7.85 -8.45
N PHE A 278 22.96 -8.82 -9.22
CA PHE A 278 22.89 -10.23 -8.86
C PHE A 278 24.19 -10.71 -8.25
N TYR A 279 24.10 -11.52 -7.21
CA TYR A 279 25.25 -12.08 -6.54
C TYR A 279 25.52 -13.52 -7.00
N ALA A 280 26.35 -13.59 -8.05
CA ALA A 280 27.06 -14.79 -8.44
C ALA A 280 28.10 -15.20 -7.38
N THR A 281 28.67 -16.39 -7.52
CA THR A 281 29.31 -17.09 -6.40
C THR A 281 30.72 -17.49 -6.76
N GLY A 282 31.69 -16.68 -6.33
CA GLY A 282 33.12 -16.89 -6.59
C GLY A 282 33.77 -17.93 -5.68
N ASP A 283 34.61 -18.77 -6.24
CA ASP A 283 35.28 -19.87 -5.56
C ASP A 283 36.50 -19.43 -4.73
N ILE A 284 37.21 -20.39 -4.13
CA ILE A 284 38.47 -20.20 -3.39
C ILE A 284 39.47 -19.39 -4.22
N ASP A 287 40.52 -26.58 -1.08
CA ASP A 287 39.76 -27.66 -1.72
C ASP A 287 38.27 -27.59 -1.35
N ILE A 288 37.42 -28.22 -2.15
CA ILE A 288 35.96 -28.09 -2.03
C ILE A 288 35.40 -29.31 -1.30
N ARG A 289 34.69 -29.09 -0.18
CA ARG A 289 34.15 -30.14 0.71
C ARG A 289 32.68 -29.91 1.09
N GLN A 290 32.00 -30.96 1.51
CA GLN A 290 30.59 -30.90 1.88
C GLN A 290 30.37 -30.12 3.17
N ALA A 291 29.28 -29.36 3.27
CA ALA A 291 28.93 -28.61 4.47
C ALA A 291 28.76 -29.55 5.65
N HIS A 292 29.17 -29.13 6.83
CA HIS A 292 29.33 -30.03 7.97
C HIS A 292 28.90 -29.38 9.27
N CYS A 293 28.58 -30.22 10.25
CA CYS A 293 28.12 -29.81 11.56
C CYS A 293 28.76 -30.67 12.65
N ASN A 294 29.69 -30.09 13.41
CA ASN A 294 30.25 -30.70 14.61
C ASN A 294 29.23 -30.63 15.77
N VAL A 295 28.66 -31.78 16.14
CA VAL A 295 28.08 -32.04 17.47
C VAL A 295 28.55 -33.42 17.94
N SER A 296 29.01 -33.57 19.18
CA SER A 296 29.45 -34.86 19.69
C SER A 296 28.28 -35.73 20.17
N ARG A 297 28.30 -37.02 19.82
CA ARG A 297 27.14 -37.91 19.90
C ARG A 297 26.61 -38.09 21.32
N SER A 298 27.46 -38.34 22.31
CA SER A 298 26.98 -38.88 23.61
C SER A 298 26.09 -37.94 24.43
N ARG A 299 26.29 -36.62 24.34
CA ARG A 299 25.42 -35.62 24.98
C ARG A 299 24.02 -35.72 24.41
N TRP A 300 23.93 -35.74 23.09
CA TRP A 300 22.68 -35.94 22.38
C TRP A 300 22.07 -37.28 22.76
N ASN A 301 22.84 -38.36 22.65
CA ASN A 301 22.41 -39.73 22.89
C ASN A 301 21.73 -39.87 24.26
N LYS A 302 22.37 -39.43 25.34
CA LYS A 302 21.81 -39.56 26.68
C LYS A 302 20.78 -38.46 26.99
N THR A 303 20.77 -37.33 26.27
CA THR A 303 19.63 -36.39 26.30
C THR A 303 18.39 -37.07 25.72
N LEU A 304 18.51 -37.66 24.54
CA LEU A 304 17.44 -38.40 23.89
C LEU A 304 16.97 -39.55 24.74
N GLN A 305 17.85 -40.22 25.46
CA GLN A 305 17.45 -41.28 26.38
C GLN A 305 16.42 -40.75 27.40
N GLU A 306 16.54 -39.49 27.83
CA GLU A 306 15.50 -38.86 28.64
C GLU A 306 14.30 -38.36 27.81
N VAL A 307 14.49 -37.94 26.56
CA VAL A 307 13.34 -37.64 25.69
C VAL A 307 12.46 -38.87 25.53
N ALA A 308 13.09 -40.01 25.32
CA ALA A 308 12.41 -41.29 25.26
C ALA A 308 11.70 -41.59 26.56
N GLU A 309 12.35 -41.39 27.70
CA GLU A 309 11.72 -41.64 28.99
C GLU A 309 10.52 -40.72 29.22
N LYS A 310 10.62 -39.42 28.91
CA LYS A 310 9.45 -38.54 28.95
C LYS A 310 8.32 -39.09 28.07
N LEU A 311 8.62 -39.43 26.82
CA LEU A 311 7.64 -39.97 25.88
C LEU A 311 7.02 -41.27 26.40
N ARG A 312 7.77 -42.17 27.04
CA ARG A 312 7.22 -43.43 27.57
C ARG A 312 6.05 -43.21 28.54
N THR A 313 5.96 -42.06 29.16
CA THR A 313 4.85 -41.70 30.07
C THR A 313 3.49 -41.70 29.36
N TYR A 314 3.47 -41.49 28.05
CA TYR A 314 2.26 -41.58 27.21
C TYR A 314 1.95 -43.00 26.72
N PHE A 315 2.95 -43.90 26.67
CA PHE A 315 2.89 -45.13 25.86
C PHE A 315 3.15 -46.46 26.61
N GLY A 316 3.66 -46.45 27.84
CA GLY A 316 4.13 -47.67 28.51
C GLY A 316 5.55 -48.03 28.11
N ASN A 317 6.08 -49.12 28.67
CA ASN A 317 7.49 -49.48 28.61
C ASN A 317 7.96 -50.09 27.26
N LYS A 318 7.84 -49.35 26.16
CA LYS A 318 8.44 -49.67 24.84
C LYS A 318 9.95 -49.40 24.77
N THR A 319 10.67 -50.22 24.01
CA THR A 319 11.91 -49.77 23.37
C THR A 319 11.51 -48.88 22.20
N ILE A 320 12.18 -47.74 22.06
CA ILE A 320 11.75 -46.67 21.17
C ILE A 320 12.88 -46.35 20.21
N ILE A 321 12.56 -45.92 18.99
CA ILE A 321 13.54 -45.55 17.98
C ILE A 321 13.22 -44.16 17.44
N PHE A 322 14.26 -43.36 17.22
CA PHE A 322 14.19 -42.18 16.35
C PHE A 322 14.90 -42.53 15.05
N ALA A 323 14.22 -42.37 13.92
CA ALA A 323 14.68 -42.77 12.59
C ALA A 323 14.56 -41.61 11.59
N ASN A 324 15.20 -41.71 10.43
CA ASN A 324 15.31 -40.58 9.51
C ASN A 324 13.95 -40.15 8.93
N SER A 325 13.80 -38.86 8.63
CA SER A 325 12.84 -38.43 7.60
C SER A 325 13.28 -39.03 6.26
N SER A 326 12.34 -39.39 5.38
CA SER A 326 12.66 -40.06 4.12
C SER A 326 11.63 -39.76 3.02
N GLY A 327 12.07 -39.78 1.77
CA GLY A 327 11.25 -39.86 0.56
C GLY A 327 10.55 -38.57 0.11
N GLY A 328 10.03 -37.76 1.04
CA GLY A 328 9.38 -36.49 0.74
C GLY A 328 10.38 -35.41 0.28
N ASP A 329 9.86 -34.28 -0.17
CA ASP A 329 10.64 -33.19 -0.77
C ASP A 329 11.79 -32.73 0.14
N LEU A 330 13.01 -32.67 -0.39
CA LEU A 330 14.21 -32.28 0.32
C LEU A 330 14.07 -30.94 1.06
N GLU A 331 13.28 -30.01 0.53
CA GLU A 331 12.98 -28.74 1.21
C GLU A 331 12.38 -28.96 2.61
N ILE A 332 11.61 -30.02 2.79
CA ILE A 332 11.02 -30.42 4.07
C ILE A 332 11.93 -31.42 4.77
N THR A 333 12.41 -32.43 4.05
CA THR A 333 12.83 -33.69 4.66
C THR A 333 14.26 -33.68 5.18
N THR A 334 15.02 -32.63 4.92
CA THR A 334 16.24 -32.33 5.66
C THR A 334 15.99 -31.29 6.75
N HIS A 335 16.76 -31.31 7.83
CA HIS A 335 16.73 -30.16 8.75
C HIS A 335 17.37 -28.98 8.05
N SER A 336 16.84 -27.79 8.29
CA SER A 336 17.12 -26.65 7.45
C SER A 336 16.89 -25.33 8.18
N PHE A 337 17.80 -24.39 7.94
CA PHE A 337 17.89 -23.11 8.62
C PHE A 337 18.93 -22.22 7.92
N ASN A 338 18.90 -20.93 8.24
CA ASN A 338 19.85 -19.96 7.76
C ASN A 338 21.10 -19.88 8.64
N CYS A 339 22.23 -19.56 8.05
CA CYS A 339 23.35 -18.90 8.73
C CYS A 339 23.79 -17.72 7.86
N GLY A 340 23.98 -16.55 8.48
CA GLY A 340 24.23 -15.32 7.75
C GLY A 340 23.02 -14.98 6.90
N GLY A 341 23.09 -15.29 5.60
CA GLY A 341 22.00 -15.17 4.63
C GLY A 341 21.89 -16.36 3.70
N GLU A 342 22.49 -17.51 4.04
CA GLU A 342 22.65 -18.65 3.14
C GLU A 342 22.16 -19.94 3.85
N PHE A 343 21.43 -20.79 3.13
CA PHE A 343 20.59 -21.81 3.75
C PHE A 343 21.13 -23.23 3.62
N PHE A 344 20.86 -24.03 4.63
CA PHE A 344 21.34 -25.39 4.78
C PHE A 344 20.19 -26.40 4.74
N TYR A 345 20.48 -27.63 4.32
CA TYR A 345 19.56 -28.72 4.13
C TYR A 345 20.30 -30.01 4.49
N CYS A 346 20.30 -30.38 5.77
CA CYS A 346 21.23 -31.37 6.30
C CYS A 346 20.61 -32.77 6.44
N ASN A 347 21.38 -33.82 6.16
CA ASN A 347 20.92 -35.21 6.17
C ASN A 347 20.70 -35.66 7.62
N THR A 348 19.57 -35.26 8.21
CA THR A 348 19.30 -35.35 9.64
C THR A 348 19.38 -36.76 10.19
N SER A 349 19.25 -37.76 9.33
CA SER A 349 19.47 -39.19 9.57
C SER A 349 20.60 -39.47 10.54
N GLY A 350 21.77 -38.86 10.35
CA GLY A 350 22.97 -39.15 11.16
C GLY A 350 22.80 -38.84 12.64
N LEU A 351 21.78 -38.06 13.01
CA LEU A 351 21.42 -37.65 14.36
C LEU A 351 20.10 -38.28 14.85
N PHE A 352 19.37 -38.96 13.96
CA PHE A 352 18.10 -39.63 14.22
C PHE A 352 18.10 -41.03 13.55
N ASN A 353 18.92 -41.93 14.06
CA ASN A 353 19.07 -43.30 13.58
C ASN A 353 19.49 -44.12 14.82
N SER A 354 18.60 -44.15 15.81
CA SER A 354 19.02 -44.39 17.19
C SER A 354 17.92 -45.03 18.02
N THR A 355 18.30 -45.84 19.02
CA THR A 355 17.43 -46.77 19.74
C THR A 355 17.50 -46.59 21.24
N TRP A 356 16.39 -46.81 21.90
CA TRP A 356 16.15 -46.40 23.28
C TRP A 356 15.44 -47.50 24.05
N TYR A 357 16.22 -48.45 24.54
CA TYR A 357 15.73 -49.50 25.43
C TYR A 357 15.19 -48.93 26.74
N VAL A 358 14.46 -49.75 27.50
CA VAL A 358 14.10 -49.44 28.89
C VAL A 358 15.23 -49.81 29.86
N ASN A 359 15.84 -50.99 29.65
CA ASN A 359 16.69 -51.65 30.65
C ASN A 359 18.07 -50.98 30.86
N SER A 360 18.28 -50.41 32.05
CA SER A 360 19.57 -49.95 32.61
C SER A 360 20.50 -49.22 31.61
N THR A 361 19.93 -48.35 30.79
CA THR A 361 20.62 -47.69 29.67
C THR A 361 21.56 -46.58 30.13
N THR A 376 26.55 -33.97 14.54
CA THR A 376 27.58 -34.76 13.85
C THR A 376 27.33 -34.83 12.33
N LEU A 377 26.39 -34.04 11.80
CA LEU A 377 25.81 -34.20 10.46
C LEU A 377 26.72 -33.77 9.28
N PRO A 378 26.63 -34.49 8.15
CA PRO A 378 26.93 -33.96 6.82
C PRO A 378 25.69 -33.22 6.23
N CYS A 379 25.91 -32.26 5.33
CA CYS A 379 24.87 -31.35 4.86
C CYS A 379 25.02 -30.83 3.42
N ARG A 380 23.90 -30.46 2.77
CA ARG A 380 23.85 -29.78 1.46
C ARG A 380 23.50 -28.30 1.67
N ILE A 381 24.23 -27.39 1.04
CA ILE A 381 23.82 -25.97 0.96
C ILE A 381 22.87 -25.80 -0.22
N LYS A 382 22.00 -24.81 -0.18
CA LYS A 382 21.19 -24.41 -1.35
C LYS A 382 21.15 -22.89 -1.47
N GLN A 383 21.38 -22.36 -2.66
CA GLN A 383 21.22 -20.95 -2.96
C GLN A 383 19.77 -20.59 -3.24
N ILE A 384 18.90 -21.55 -3.59
CA ILE A 384 17.47 -21.30 -3.78
C ILE A 384 16.69 -21.97 -2.69
N ILE A 385 15.63 -21.32 -2.19
CA ILE A 385 14.68 -21.96 -1.29
C ILE A 385 13.23 -21.61 -1.65
N ASN A 386 12.34 -22.57 -1.40
CA ASN A 386 10.88 -22.45 -1.54
C ASN A 386 10.18 -22.22 -0.18
N MET A 387 10.59 -21.19 0.58
CA MET A 387 10.19 -21.05 1.98
C MET A 387 8.67 -20.91 2.17
N TRP A 388 8.16 -21.53 3.24
CA TRP A 388 6.72 -21.72 3.53
C TRP A 388 5.93 -22.52 2.50
N GLN A 389 6.61 -23.24 1.59
CA GLN A 389 6.01 -24.15 0.60
C GLN A 389 5.03 -23.47 -0.36
N ARG A 390 5.24 -22.17 -0.61
CA ARG A 390 4.44 -21.33 -1.52
C ARG A 390 4.67 -21.70 -2.98
N ALA A 391 3.63 -21.59 -3.79
CA ALA A 391 3.79 -21.43 -5.24
C ALA A 391 4.35 -20.04 -5.59
N GLY A 392 5.15 -19.94 -6.65
CA GLY A 392 5.83 -18.69 -7.01
C GLY A 392 6.85 -18.25 -5.96
N GLN A 393 7.28 -16.98 -6.07
CA GLN A 393 8.01 -16.26 -5.01
C GLN A 393 9.22 -17.02 -4.42
N CYS A 394 10.03 -17.62 -5.28
CA CYS A 394 11.30 -18.20 -4.87
C CYS A 394 12.22 -17.12 -4.30
N MET A 395 13.02 -17.48 -3.30
CA MET A 395 14.18 -16.70 -2.90
C MET A 395 15.47 -17.38 -3.37
N TYR A 396 16.23 -16.71 -4.24
CA TYR A 396 17.65 -16.98 -4.39
C TYR A 396 18.31 -16.22 -3.26
N ALA A 397 18.69 -16.96 -2.24
CA ALA A 397 19.36 -16.41 -1.08
C ALA A 397 20.72 -15.86 -1.54
N PRO A 398 21.15 -14.70 -1.04
CA PRO A 398 22.48 -14.19 -1.32
C PRO A 398 23.53 -15.20 -0.85
N PRO A 399 24.37 -15.75 -1.73
CA PRO A 399 25.58 -16.41 -1.28
C PRO A 399 26.42 -15.42 -0.49
N ILE A 400 26.82 -15.78 0.73
CA ILE A 400 27.45 -14.85 1.66
C ILE A 400 28.92 -14.68 1.32
N PRO A 401 29.47 -13.46 1.37
CA PRO A 401 30.89 -13.22 1.41
C PRO A 401 31.46 -13.67 2.76
N GLY A 402 31.73 -14.97 2.91
CA GLY A 402 32.24 -15.53 4.15
C GLY A 402 32.36 -17.05 4.16
N VAL A 403 33.34 -17.57 4.88
CA VAL A 403 33.32 -18.94 5.39
C VAL A 403 32.29 -18.95 6.52
N ILE A 404 31.03 -19.20 6.19
CA ILE A 404 29.92 -18.98 7.11
C ILE A 404 30.00 -19.93 8.29
N LYS A 405 29.78 -19.39 9.50
CA LYS A 405 29.79 -20.11 10.79
C LYS A 405 28.55 -19.75 11.62
N CYS A 406 27.89 -20.76 12.16
CA CYS A 406 26.50 -20.65 12.66
C CYS A 406 26.33 -20.28 14.14
N GLU A 407 27.16 -20.82 15.04
CA GLU A 407 27.15 -20.55 16.49
C GLU A 407 25.74 -20.50 17.13
N SER A 408 25.06 -21.65 17.25
CA SER A 408 23.64 -21.69 17.63
C SER A 408 23.22 -22.94 18.43
N ASN A 409 22.11 -22.86 19.16
CA ASN A 409 21.58 -23.92 20.01
C ASN A 409 20.39 -24.65 19.34
N ILE A 410 20.47 -25.98 19.21
CA ILE A 410 19.30 -26.85 19.12
C ILE A 410 18.69 -26.99 20.51
N THR A 411 17.37 -26.93 20.63
CA THR A 411 16.69 -26.96 21.93
C THR A 411 15.37 -27.73 21.94
N GLY A 412 14.94 -28.25 20.79
CA GLY A 412 13.66 -28.94 20.69
C GLY A 412 13.45 -29.60 19.35
N LEU A 413 12.40 -30.41 19.24
CA LEU A 413 12.19 -31.34 18.14
C LEU A 413 10.76 -31.26 17.61
N LEU A 414 10.55 -31.07 16.31
CA LEU A 414 9.31 -31.51 15.69
C LEU A 414 9.41 -33.01 15.42
N LEU A 415 8.96 -33.79 16.39
CA LEU A 415 8.78 -35.22 16.20
C LEU A 415 7.49 -35.52 15.46
N THR A 416 7.50 -36.64 14.75
CA THR A 416 6.33 -37.35 14.25
C THR A 416 6.42 -38.80 14.72
N ARG A 417 5.42 -39.34 15.42
CA ARG A 417 5.35 -40.77 15.79
C ARG A 417 4.80 -41.58 14.62
N ASP A 418 5.27 -42.80 14.44
CA ASP A 418 4.93 -43.62 13.27
C ASP A 418 3.42 -43.83 13.18
N GLY A 419 2.87 -43.49 12.02
CA GLY A 419 1.46 -43.71 11.72
C GLY A 419 1.10 -45.19 11.78
N GLY A 420 1.99 -46.05 11.33
CA GLY A 420 1.80 -47.49 11.46
C GLY A 420 1.79 -47.84 12.94
N LYS A 421 0.60 -48.20 13.46
CA LYS A 421 0.36 -48.25 14.91
C LYS A 421 1.12 -49.35 15.62
N ASP A 422 1.28 -50.50 14.95
CA ASP A 422 2.39 -51.46 15.17
C ASP A 422 2.69 -51.77 16.65
N ASN A 423 1.61 -51.93 17.42
CA ASN A 423 1.62 -51.69 18.86
C ASN A 423 2.44 -52.69 19.68
N ASN A 424 2.77 -52.25 20.89
CA ASN A 424 3.28 -53.07 21.99
C ASN A 424 4.64 -53.72 21.72
N VAL A 425 5.48 -53.14 20.85
CA VAL A 425 6.79 -53.72 20.52
C VAL A 425 7.89 -52.68 20.31
N ASN A 426 7.60 -51.61 19.58
CA ASN A 426 8.66 -50.88 18.87
C ASN A 426 8.26 -49.44 18.51
N GLU A 427 7.18 -48.91 19.07
CA GLU A 427 6.62 -47.61 18.69
C GLU A 427 7.69 -46.52 18.69
N THR A 428 7.65 -45.65 17.70
CA THR A 428 8.85 -44.98 17.20
C THR A 428 8.53 -43.65 16.50
N PHE A 429 9.54 -42.87 16.15
CA PHE A 429 9.41 -41.51 15.67
C PHE A 429 10.36 -41.20 14.51
N ARG A 430 10.00 -40.21 13.69
CA ARG A 430 10.89 -39.56 12.72
C ARG A 430 10.77 -38.04 12.89
N PRO A 431 11.84 -37.26 12.76
CA PRO A 431 11.70 -35.81 12.75
C PRO A 431 10.92 -35.41 11.51
N GLY A 432 10.24 -34.28 11.56
CA GLY A 432 9.50 -33.73 10.43
C GLY A 432 9.50 -32.22 10.43
N GLY A 433 8.94 -31.63 9.38
CA GLY A 433 8.74 -30.19 9.26
C GLY A 433 7.31 -29.87 8.83
N GLY A 434 6.34 -30.61 9.38
CA GLY A 434 4.99 -30.75 8.80
C GLY A 434 4.19 -29.46 8.69
N ASP A 435 4.45 -28.49 9.57
CA ASP A 435 4.05 -27.10 9.36
C ASP A 435 5.01 -26.15 10.06
N MET A 436 5.51 -25.15 9.33
CA MET A 436 6.33 -24.12 9.94
C MET A 436 5.55 -23.28 10.95
N ARG A 437 4.21 -23.30 10.92
CA ARG A 437 3.41 -22.85 12.06
C ARG A 437 3.88 -23.50 13.35
N ASP A 438 4.20 -24.78 13.30
CA ASP A 438 4.64 -25.53 14.45
C ASP A 438 6.09 -25.23 14.82
N ASN A 439 6.91 -24.83 13.84
CA ASN A 439 8.19 -24.21 14.13
C ASN A 439 8.01 -22.91 14.93
N TRP A 440 6.89 -22.19 14.85
CA TRP A 440 6.60 -21.10 15.79
C TRP A 440 5.90 -21.55 17.08
N ARG A 441 5.08 -22.60 17.04
CA ARG A 441 4.37 -23.11 18.23
C ARG A 441 5.35 -23.38 19.36
N SER A 442 6.53 -23.88 18.99
CA SER A 442 7.76 -23.95 19.76
C SER A 442 7.84 -23.08 21.01
N GLU A 443 7.69 -21.77 20.88
CA GLU A 443 7.69 -20.81 21.99
C GLU A 443 6.30 -20.28 22.29
N LEU A 444 5.45 -20.12 21.27
CA LEU A 444 4.12 -19.52 21.43
C LEU A 444 3.25 -20.20 22.48
N TYR A 445 3.47 -21.49 22.74
CA TYR A 445 2.63 -22.29 23.63
C TYR A 445 2.34 -21.61 24.96
N LYS A 446 3.29 -20.84 25.49
CA LYS A 446 3.17 -20.20 26.79
C LYS A 446 2.28 -18.96 26.80
N TYR A 447 1.96 -18.40 25.64
CA TYR A 447 1.19 -17.16 25.49
C TYR A 447 -0.23 -17.43 25.03
N LYS A 448 -1.21 -16.93 25.78
CA LYS A 448 -2.62 -16.86 25.37
C LYS A 448 -2.99 -15.41 25.15
N VAL A 449 -3.59 -15.11 24.02
CA VAL A 449 -3.94 -13.74 23.63
C VAL A 449 -5.43 -13.53 23.87
N VAL A 450 -5.77 -12.48 24.61
CA VAL A 450 -7.14 -12.29 25.12
C VAL A 450 -7.63 -10.88 24.93
N LYS A 451 -8.94 -10.72 24.71
CA LYS A 451 -9.64 -9.44 24.96
C LYS A 451 -9.93 -9.30 26.44
N ILE A 452 -9.85 -8.08 26.97
CA ILE A 452 -10.39 -7.73 28.28
C ILE A 452 -11.74 -7.08 28.05
N GLU A 453 -12.78 -7.53 28.74
CA GLU A 453 -14.11 -6.92 28.69
C GLU A 453 -14.37 -6.23 30.03
N PRO A 454 -14.48 -4.90 30.08
CA PRO A 454 -14.52 -4.15 31.35
C PRO A 454 -15.90 -4.04 31.98
N LEU A 455 -16.75 -5.02 31.75
CA LEU A 455 -18.20 -4.91 31.79
C LEU A 455 -18.79 -5.55 33.04
N GLY A 456 -18.25 -5.19 34.20
CA GLY A 456 -18.44 -5.93 35.45
C GLY A 456 -19.81 -5.77 36.10
N VAL A 457 -20.82 -6.43 35.56
CA VAL A 457 -22.13 -6.54 36.20
C VAL A 457 -22.06 -7.39 37.44
N ALA A 458 -22.69 -6.89 38.47
CA ALA A 458 -22.86 -7.56 39.74
C ALA A 458 -24.17 -7.10 40.39
N PRO A 459 -24.74 -7.91 41.28
CA PRO A 459 -25.64 -7.35 42.27
C PRO A 459 -24.86 -6.43 43.21
N THR A 460 -25.49 -5.33 43.59
CA THR A 460 -25.25 -4.59 44.84
C THR A 460 -26.59 -3.98 45.23
N ARG A 461 -26.64 -2.79 45.82
CA ARG A 461 -27.83 -1.98 46.00
C ARG A 461 -27.37 -0.52 46.13
N CYS A 462 -28.16 0.42 45.64
CA CYS A 462 -27.89 1.87 45.64
C CYS A 462 -29.14 2.66 45.23
N LYS A 463 -29.05 3.99 45.28
CA LYS A 463 -29.90 4.98 44.59
C LYS A 463 -29.00 6.05 43.98
N ARG A 464 -29.37 6.62 42.83
CA ARG A 464 -28.55 7.65 42.19
C ARG A 464 -28.34 8.87 43.10
N ARG A 465 -27.17 9.51 42.99
CA ARG A 465 -26.67 10.61 43.84
C ARG A 465 -27.63 11.81 43.82
N GLY B 10 -0.34 -0.63 42.63
CA GLY B 10 -1.52 -1.41 42.18
C GLY B 10 -1.20 -2.20 40.94
N PHE B 11 -1.44 -3.51 40.96
CA PHE B 11 -1.24 -4.43 39.82
C PHE B 11 -2.30 -4.28 38.70
N LEU B 12 -1.98 -4.76 37.50
CA LEU B 12 -2.98 -5.18 36.48
C LEU B 12 -3.59 -6.57 36.80
N GLY B 13 -4.63 -6.98 36.08
CA GLY B 13 -5.26 -8.29 36.25
C GLY B 13 -5.79 -8.49 37.66
N ALA B 14 -5.27 -9.51 38.35
CA ALA B 14 -5.54 -9.86 39.75
C ALA B 14 -6.96 -10.35 40.09
N ALA B 15 -7.68 -10.95 39.14
CA ALA B 15 -9.06 -11.44 39.34
C ALA B 15 -9.25 -12.45 40.49
N GLY B 16 -8.17 -13.11 40.93
CA GLY B 16 -8.19 -14.09 42.04
C GLY B 16 -8.23 -13.42 43.41
N SER B 17 -7.93 -12.12 43.49
CA SER B 17 -8.40 -11.29 44.60
C SER B 17 -9.92 -11.24 44.53
N THR B 18 -10.59 -11.39 45.66
CA THR B 18 -12.04 -11.52 45.65
C THR B 18 -12.68 -10.18 45.29
N MET B 19 -13.92 -10.17 44.78
CA MET B 19 -14.34 -9.05 43.91
C MET B 19 -14.21 -7.68 44.56
N GLY B 20 -14.45 -7.56 45.86
CA GLY B 20 -14.26 -6.31 46.61
C GLY B 20 -12.79 -5.93 46.76
N ALA B 21 -11.96 -6.85 47.26
CA ALA B 21 -10.51 -6.70 47.35
C ALA B 21 -9.88 -6.39 45.98
N ALA B 22 -10.36 -7.04 44.91
CA ALA B 22 -9.98 -6.70 43.55
C ALA B 22 -10.25 -5.22 43.25
N SER B 23 -11.45 -4.74 43.59
CA SER B 23 -11.84 -3.34 43.50
C SER B 23 -11.07 -2.38 44.43
N ASN B 24 -10.10 -2.85 45.23
CA ASN B 24 -9.06 -1.94 45.75
C ASN B 24 -8.26 -1.32 44.59
N THR B 25 -8.26 -1.97 43.43
CA THR B 25 -7.68 -1.53 42.17
C THR B 25 -8.78 -1.50 41.11
N LEU B 26 -8.77 -0.51 40.23
CA LEU B 26 -9.73 -0.40 39.13
C LEU B 26 -9.12 0.34 37.96
N THR B 27 -8.75 1.59 38.20
CA THR B 27 -8.43 2.55 37.15
C THR B 27 -7.13 2.22 36.43
N VAL B 28 -6.20 1.52 37.07
CA VAL B 28 -4.99 1.07 36.38
C VAL B 28 -5.34 0.00 35.33
N GLN B 29 -6.26 -0.92 35.62
CA GLN B 29 -6.82 -1.79 34.58
C GLN B 29 -7.54 -0.97 33.51
N ALA B 30 -8.20 0.14 33.87
CA ALA B 30 -8.82 1.02 32.89
C ALA B 30 -7.82 1.70 31.96
N ARG B 31 -6.63 2.12 32.41
CA ARG B 31 -5.59 2.62 31.49
C ARG B 31 -5.22 1.57 30.46
N GLN B 32 -5.10 0.31 30.87
CA GLN B 32 -4.78 -0.80 29.97
C GLN B 32 -5.84 -0.99 28.88
N LEU B 33 -7.08 -0.56 29.11
CA LEU B 33 -8.08 -0.57 28.06
C LEU B 33 -7.70 0.34 26.90
N LEU B 34 -6.82 1.34 27.10
CA LEU B 34 -6.57 2.41 26.14
C LEU B 34 -5.09 2.57 25.71
N SER B 35 -4.13 2.30 26.59
CA SER B 35 -2.69 2.33 26.27
C SER B 35 -1.95 1.20 26.99
N GLY B 36 -0.83 0.74 26.43
CA GLY B 36 -0.13 -0.45 26.92
C GLY B 36 0.60 -0.33 28.25
N ILE B 37 0.68 0.87 28.85
CA ILE B 37 1.45 1.19 30.07
C ILE B 37 2.80 0.46 30.16
N LYS B 56 4.17 4.48 1.22
CA LYS B 56 4.81 3.19 1.43
C LYS B 56 4.68 2.68 2.88
N LEU B 57 4.61 1.36 3.05
CA LEU B 57 4.73 0.67 4.35
C LEU B 57 5.18 -0.78 4.27
N THR B 58 5.73 -1.30 5.36
CA THR B 58 5.88 -2.74 5.68
C THR B 58 4.69 -3.19 6.55
N VAL B 59 4.44 -4.49 6.74
CA VAL B 59 3.23 -5.01 7.42
C VAL B 59 3.02 -4.44 8.81
N TRP B 60 4.07 -4.23 9.61
CA TRP B 60 3.93 -3.62 10.93
C TRP B 60 3.30 -2.24 10.88
N GLY B 61 3.58 -1.43 9.85
CA GLY B 61 2.99 -0.10 9.68
C GLY B 61 1.47 -0.15 9.52
N ILE B 62 0.95 -1.00 8.63
CA ILE B 62 -0.51 -1.11 8.47
C ILE B 62 -1.16 -1.85 9.64
N LYS B 63 -0.50 -2.86 10.19
CA LYS B 63 -1.01 -3.61 11.35
C LYS B 63 -1.05 -2.77 12.62
N GLN B 64 -0.07 -1.90 12.88
CA GLN B 64 -0.17 -0.88 13.94
C GLN B 64 -1.42 -0.02 13.76
N LEU B 65 -1.67 0.42 12.53
CA LEU B 65 -2.77 1.33 12.25
C LEU B 65 -4.14 0.65 12.42
N GLN B 66 -4.29 -0.57 11.92
CA GLN B 66 -5.46 -1.43 12.18
C GLN B 66 -5.65 -1.68 13.68
N ALA B 67 -4.57 -2.04 14.38
CA ALA B 67 -4.56 -2.38 15.79
C ALA B 67 -5.10 -1.24 16.65
N ARG B 68 -4.54 -0.04 16.48
CA ARG B 68 -4.95 1.13 17.25
C ARG B 68 -6.41 1.43 17.02
N VAL B 69 -6.88 1.33 15.78
CA VAL B 69 -8.29 1.57 15.50
C VAL B 69 -9.19 0.55 16.18
N LEU B 70 -8.84 -0.74 16.16
CA LEU B 70 -9.66 -1.75 16.85
C LEU B 70 -9.71 -1.51 18.36
N ALA B 71 -8.57 -1.12 18.91
CA ALA B 71 -8.52 -0.76 20.34
C ALA B 71 -9.32 0.51 20.52
N VAL B 72 -9.20 1.47 19.62
CA VAL B 72 -9.88 2.77 19.79
C VAL B 72 -11.35 2.48 19.77
N GLU B 73 -11.77 1.68 18.81
CA GLU B 73 -13.21 1.41 18.67
C GLU B 73 -13.64 0.71 19.94
N ARG B 74 -12.88 -0.28 20.38
CA ARG B 74 -13.30 -1.07 21.54
C ARG B 74 -13.35 -0.15 22.73
N TYR B 75 -12.35 0.70 22.88
CA TYR B 75 -12.31 1.54 24.08
C TYR B 75 -13.56 2.35 23.96
N LEU B 76 -13.82 2.77 22.75
CA LEU B 76 -14.95 3.65 22.56
C LEU B 76 -16.21 2.87 22.83
N GLU B 77 -16.29 1.60 22.50
CA GLU B 77 -17.57 0.84 22.59
C GLU B 77 -18.04 0.76 24.04
N VAL B 78 -17.13 0.50 24.94
CA VAL B 78 -17.36 0.44 26.37
C VAL B 78 -17.64 1.83 26.95
N GLN B 79 -17.04 2.91 26.47
CA GLN B 79 -17.47 4.25 26.87
C GLN B 79 -18.93 4.50 26.43
N GLN B 80 -19.34 3.98 25.29
CA GLN B 80 -20.69 4.05 24.78
C GLN B 80 -21.62 3.27 25.70
N LEU B 81 -21.19 2.10 26.17
CA LEU B 81 -21.93 1.39 27.22
C LEU B 81 -22.05 2.27 28.45
N LEU B 82 -20.95 2.83 28.95
CA LEU B 82 -20.92 3.79 30.07
C LEU B 82 -21.57 5.14 29.78
N GLY B 83 -22.10 5.31 28.58
CA GLY B 83 -23.08 6.33 28.28
C GLY B 83 -24.45 5.80 28.64
N ILE B 84 -24.91 4.78 27.94
CA ILE B 84 -26.31 4.37 28.02
C ILE B 84 -26.60 3.60 29.30
N TRP B 85 -25.60 3.00 29.93
CA TRP B 85 -25.65 2.46 31.29
C TRP B 85 -25.49 3.57 32.32
N GLY B 86 -25.11 4.75 31.87
CA GLY B 86 -24.59 5.83 32.70
C GLY B 86 -23.18 5.60 33.21
N CYS B 87 -22.81 6.41 34.18
CA CYS B 87 -21.65 6.19 35.04
C CYS B 87 -20.26 6.36 34.41
N SER B 88 -20.12 6.70 33.12
CA SER B 88 -18.82 7.19 32.58
C SER B 88 -18.23 8.37 33.36
N GLY B 89 -19.06 9.16 34.05
CA GLY B 89 -18.65 10.24 34.95
C GLY B 89 -18.41 9.82 36.40
N LYS B 90 -18.78 8.60 36.80
CA LYS B 90 -18.63 8.03 38.15
C LYS B 90 -18.33 6.54 38.03
N LEU B 91 -17.09 6.16 37.73
CA LEU B 91 -16.68 4.84 37.20
C LEU B 91 -16.85 3.64 38.14
N ILE B 92 -17.67 3.77 39.17
CA ILE B 92 -18.25 2.67 39.92
C ILE B 92 -19.77 2.94 40.00
N CYS B 93 -20.58 2.13 39.33
CA CYS B 93 -21.91 2.52 38.84
C CYS B 93 -23.12 2.14 39.68
N CYS B 94 -24.14 2.99 39.62
CA CYS B 94 -25.41 2.87 40.32
C CYS B 94 -26.63 3.01 39.40
N THR B 95 -27.63 2.16 39.65
CA THR B 95 -28.99 2.21 39.11
C THR B 95 -29.95 1.50 40.07
N ASN B 96 -31.26 1.75 39.98
CA ASN B 96 -32.27 0.95 40.68
C ASN B 96 -32.83 -0.19 39.81
N VAL B 97 -32.12 -0.60 38.74
CA VAL B 97 -32.52 -1.74 37.91
C VAL B 97 -32.58 -3.03 38.73
N PRO B 98 -33.62 -3.87 38.57
CA PRO B 98 -33.74 -5.15 39.26
C PRO B 98 -32.52 -6.05 39.12
N TRP B 99 -32.00 -6.56 40.23
CA TRP B 99 -31.26 -7.81 40.18
C TRP B 99 -32.25 -8.97 40.10
N ASN B 100 -32.27 -9.66 38.97
CA ASN B 100 -33.25 -10.68 38.71
C ASN B 100 -32.84 -11.99 39.39
N SER B 101 -33.70 -12.52 40.26
CA SER B 101 -33.46 -13.77 41.02
C SER B 101 -33.22 -15.02 40.15
N SER B 102 -33.50 -14.96 38.84
CA SER B 102 -33.14 -16.05 37.92
C SER B 102 -31.65 -16.15 37.63
N TRP B 103 -30.87 -15.11 37.90
CA TRP B 103 -29.43 -15.12 37.63
C TRP B 103 -28.65 -15.97 38.66
N SER B 104 -28.56 -15.50 39.90
CA SER B 104 -27.90 -16.20 41.00
C SER B 104 -28.31 -15.55 42.31
N ASN B 105 -28.58 -16.35 43.34
CA ASN B 105 -28.87 -15.84 44.68
C ASN B 105 -27.60 -15.66 45.53
N LYS B 106 -26.40 -15.81 44.95
CA LYS B 106 -25.14 -15.67 45.68
C LYS B 106 -25.06 -14.34 46.42
N SER B 107 -24.55 -14.39 47.63
CA SER B 107 -24.57 -13.29 48.59
C SER B 107 -23.51 -12.24 48.26
N LEU B 108 -23.78 -10.96 48.47
CA LEU B 108 -22.76 -9.91 48.35
C LEU B 108 -21.52 -10.21 49.20
N ASP B 109 -21.76 -10.75 50.40
CA ASP B 109 -20.74 -11.25 51.32
C ASP B 109 -19.81 -12.27 50.66
N GLU B 110 -20.37 -13.29 50.00
CA GLU B 110 -19.59 -14.24 49.21
C GLU B 110 -18.86 -13.51 48.09
N ILE B 111 -19.57 -12.65 47.38
CA ILE B 111 -19.11 -12.07 46.14
C ILE B 111 -17.87 -11.20 46.37
N TRP B 112 -17.92 -10.22 47.28
CA TRP B 112 -16.78 -9.33 47.49
C TRP B 112 -15.58 -10.01 48.16
N ASN B 113 -15.82 -10.99 49.04
CA ASN B 113 -14.80 -11.51 49.95
C ASN B 113 -14.33 -12.95 49.65
N ASN B 114 -15.00 -13.67 48.74
CA ASN B 114 -14.66 -15.07 48.40
C ASN B 114 -14.74 -15.36 46.89
N MET B 115 -15.72 -14.80 46.16
CA MET B 115 -15.83 -14.93 44.70
C MET B 115 -14.90 -13.94 43.99
N THR B 116 -14.71 -14.14 42.69
CA THR B 116 -13.55 -13.65 41.91
C THR B 116 -13.92 -13.42 40.44
N TRP B 117 -13.49 -12.31 39.85
CA TRP B 117 -14.09 -11.77 38.62
C TRP B 117 -14.21 -12.73 37.44
N LEU B 118 -13.14 -13.43 37.01
CA LEU B 118 -13.29 -14.37 35.88
C LEU B 118 -14.29 -15.47 36.19
N GLN B 119 -14.16 -16.07 37.37
CA GLN B 119 -15.06 -17.11 37.87
C GLN B 119 -16.48 -16.59 38.07
N TRP B 120 -16.62 -15.32 38.44
CA TRP B 120 -17.89 -14.63 38.51
C TRP B 120 -18.49 -14.40 37.12
N ASP B 121 -17.73 -13.97 36.12
CA ASP B 121 -18.25 -13.84 34.77
C ASP B 121 -18.60 -15.21 34.19
N LYS B 122 -17.80 -16.24 34.45
CA LYS B 122 -18.11 -17.64 34.13
C LYS B 122 -19.31 -18.18 34.92
N GLU B 123 -19.87 -17.45 35.89
CA GLU B 123 -21.23 -17.67 36.36
C GLU B 123 -22.26 -16.79 35.64
N ILE B 124 -21.96 -15.51 35.40
CA ILE B 124 -22.95 -14.49 35.00
C ILE B 124 -23.14 -14.32 33.50
N ASN B 125 -22.19 -14.76 32.67
CA ASN B 125 -22.23 -14.62 31.21
C ASN B 125 -23.53 -15.15 30.58
N ASN B 126 -24.09 -16.24 31.12
CA ASN B 126 -25.39 -16.81 30.75
C ASN B 126 -26.57 -15.81 30.88
N TYR B 127 -26.39 -14.72 31.63
CA TYR B 127 -27.36 -13.64 31.79
C TYR B 127 -26.89 -12.33 31.19
N THR B 128 -25.58 -12.15 30.99
CA THR B 128 -25.02 -10.83 30.65
C THR B 128 -25.74 -10.15 29.50
N GLN B 129 -26.08 -10.86 28.43
CA GLN B 129 -26.72 -10.23 27.29
C GLN B 129 -28.10 -9.67 27.64
N LEU B 130 -28.80 -10.28 28.60
CA LEU B 130 -30.05 -9.75 29.15
C LEU B 130 -29.76 -8.43 29.86
N ILE B 131 -28.80 -8.42 30.79
CA ILE B 131 -28.47 -7.23 31.58
C ILE B 131 -27.94 -6.11 30.73
N TYR B 132 -27.06 -6.39 29.78
CA TYR B 132 -26.45 -5.37 28.93
C TYR B 132 -27.47 -4.62 28.07
N ARG B 133 -28.71 -5.12 27.97
CA ARG B 133 -29.88 -4.35 27.50
C ARG B 133 -30.72 -3.84 28.66
N LEU B 134 -31.11 -4.69 29.61
CA LEU B 134 -32.02 -4.29 30.69
C LEU B 134 -31.45 -3.17 31.59
N ILE B 135 -30.12 -3.06 31.69
CA ILE B 135 -29.46 -1.98 32.38
C ILE B 135 -29.80 -0.62 31.80
N GLU B 136 -29.99 -0.52 30.47
CA GLU B 136 -30.41 0.71 29.84
C GLU B 136 -31.91 0.87 29.95
N GLU B 137 -32.40 0.78 31.18
CA GLU B 137 -33.66 1.34 31.59
C GLU B 137 -33.50 2.83 31.85
N SER B 138 -34.62 3.45 32.20
CA SER B 138 -34.90 4.87 32.14
C SER B 138 -33.88 5.72 32.85
N GLN B 139 -33.30 5.25 33.96
CA GLN B 139 -32.38 6.00 34.81
C GLN B 139 -31.29 6.70 34.01
N PHE B 140 -30.79 6.02 32.97
CA PHE B 140 -29.97 6.63 31.93
C PHE B 140 -30.61 6.56 30.53
N GLN B 141 -31.56 5.68 30.26
CA GLN B 141 -32.14 5.57 28.93
C GLN B 141 -33.25 6.59 28.64
N GLN B 142 -33.97 7.06 29.64
CA GLN B 142 -35.24 7.80 29.48
C GLN B 142 -35.53 8.87 30.52
N GLU B 143 -34.77 9.00 31.61
CA GLU B 143 -35.31 9.57 32.85
C GLU B 143 -35.84 11.01 32.75
N ILE B 144 -35.42 11.84 31.79
CA ILE B 144 -35.99 13.18 31.63
C ILE B 144 -37.47 13.15 31.24
N ASN B 145 -37.92 12.09 30.58
CA ASN B 145 -39.33 11.79 30.35
C ASN B 145 -40.10 11.70 31.69
N GLU B 146 -39.39 11.45 32.80
CA GLU B 146 -39.88 11.44 34.17
C GLU B 146 -39.59 12.78 34.87
N VAL B 147 -38.46 13.43 34.58
CA VAL B 147 -38.19 14.82 34.97
C VAL B 147 -39.24 15.77 34.40
N GLU B 148 -39.92 15.37 33.34
CA GLU B 148 -41.10 16.03 32.81
C GLU B 148 -42.11 16.38 33.92
N LEU B 149 -42.38 15.44 34.83
CA LEU B 149 -43.26 15.67 35.98
C LEU B 149 -42.60 16.53 37.08
N LEU B 150 -41.28 16.47 37.21
CA LEU B 150 -40.52 17.25 38.20
C LEU B 150 -40.48 18.75 37.86
N ALA B 151 -40.40 19.11 36.57
CA ALA B 151 -40.02 20.47 36.14
C ALA B 151 -41.00 21.15 35.17
N LEU B 152 -41.94 20.43 34.55
CA LEU B 152 -42.97 20.96 33.64
C LEU B 152 -44.40 20.72 34.18
N ASP B 153 -45.24 21.75 34.14
CA ASP B 153 -46.64 21.79 34.61
C ASP B 153 -47.57 20.75 33.96
N GLU C 1 -22.90 -64.42 7.81
CA GLU C 1 -24.14 -63.73 8.24
C GLU C 1 -24.43 -62.50 7.37
N MET C 2 -23.64 -61.43 7.44
CA MET C 2 -23.64 -60.39 6.40
C MET C 2 -23.19 -60.99 5.07
N ARG C 3 -23.64 -60.44 3.94
CA ARG C 3 -23.20 -60.85 2.60
C ARG C 3 -22.74 -59.63 1.82
N LEU C 4 -21.61 -59.75 1.13
CA LEU C 4 -20.94 -58.63 0.45
C LEU C 4 -21.07 -58.81 -1.06
N GLU C 5 -21.66 -57.83 -1.74
CA GLU C 5 -22.28 -58.03 -3.05
C GLU C 5 -22.05 -56.84 -3.99
N GLU C 6 -22.01 -57.11 -5.29
CA GLU C 6 -21.79 -56.12 -6.33
C GLU C 6 -22.70 -56.30 -7.55
N SER C 7 -22.64 -55.36 -8.49
CA SER C 7 -23.41 -55.41 -9.75
C SER C 7 -23.17 -56.69 -10.58
N GLY C 8 -24.08 -56.99 -11.50
CA GLY C 8 -23.75 -57.84 -12.64
C GLY C 8 -22.61 -57.22 -13.46
N GLY C 9 -21.69 -58.04 -13.93
CA GLY C 9 -20.62 -57.63 -14.84
C GLY C 9 -21.03 -57.74 -16.31
N ALA C 10 -20.04 -57.91 -17.18
CA ALA C 10 -20.23 -58.29 -18.57
C ALA C 10 -19.03 -59.08 -19.11
N LEU C 11 -19.21 -59.80 -20.22
CA LEU C 11 -18.11 -60.27 -21.07
C LEU C 11 -17.51 -59.05 -21.79
N VAL C 12 -16.80 -58.21 -21.06
CA VAL C 12 -16.42 -56.84 -21.49
C VAL C 12 -15.62 -56.82 -22.80
N LYS C 13 -15.82 -55.81 -23.63
CA LYS C 13 -14.97 -55.61 -24.83
C LYS C 13 -13.52 -55.35 -24.43
N PRO C 14 -12.53 -55.97 -25.08
CA PRO C 14 -11.15 -55.52 -24.94
C PRO C 14 -11.05 -54.04 -25.37
N GLY C 15 -10.57 -53.17 -24.49
CA GLY C 15 -10.57 -51.71 -24.68
C GLY C 15 -11.88 -51.01 -24.29
N GLY C 16 -12.88 -51.75 -23.79
CA GLY C 16 -14.21 -51.24 -23.41
C GLY C 16 -14.30 -50.60 -22.02
N SER C 17 -15.53 -50.54 -21.51
CA SER C 17 -15.87 -49.95 -20.20
C SER C 17 -16.94 -50.77 -19.43
N LEU C 18 -17.02 -50.56 -18.12
CA LEU C 18 -17.93 -51.27 -17.20
C LEU C 18 -18.16 -50.43 -15.93
N ARG C 19 -19.19 -50.74 -15.14
CA ARG C 19 -19.34 -50.33 -13.74
C ARG C 19 -19.76 -51.49 -12.84
N LEU C 20 -19.22 -51.54 -11.63
CA LEU C 20 -19.72 -52.38 -10.55
C LEU C 20 -19.83 -51.54 -9.27
N SER C 21 -20.78 -51.84 -8.38
CA SER C 21 -20.99 -51.05 -7.16
C SER C 21 -21.54 -51.88 -6.00
N CYS C 22 -21.38 -51.39 -4.77
CA CYS C 22 -21.90 -52.07 -3.59
C CYS C 22 -23.42 -52.25 -3.64
N VAL C 23 -23.86 -53.48 -3.48
CA VAL C 23 -25.25 -53.87 -3.18
C VAL C 23 -25.31 -54.89 -2.03
N ALA C 24 -24.31 -54.86 -1.15
CA ALA C 24 -24.14 -55.75 -0.01
C ALA C 24 -25.30 -55.69 1.01
N SER C 25 -25.38 -56.65 1.93
CA SER C 25 -26.49 -56.78 2.89
C SER C 25 -26.06 -57.17 4.30
N GLY C 26 -26.94 -56.85 5.25
CA GLY C 26 -26.84 -57.19 6.68
C GLY C 26 -26.38 -56.03 7.58
N PHE C 27 -25.81 -54.96 7.02
CA PHE C 27 -25.21 -53.85 7.76
C PHE C 27 -25.47 -52.52 7.06
N LYS C 28 -25.44 -51.44 7.84
CA LYS C 28 -25.48 -50.07 7.34
C LYS C 28 -24.17 -49.79 6.59
N LEU C 29 -24.26 -49.54 5.28
CA LEU C 29 -23.07 -49.33 4.44
C LEU C 29 -22.20 -48.19 4.93
N SER C 30 -22.82 -47.09 5.40
CA SER C 30 -22.25 -46.09 6.31
C SER C 30 -20.78 -45.72 6.03
N GLU C 31 -20.48 -45.34 4.79
CA GLU C 31 -19.13 -45.04 4.30
C GLU C 31 -18.09 -46.16 4.37
N TRP C 32 -18.35 -47.35 4.94
CA TRP C 32 -17.32 -48.37 5.10
C TRP C 32 -16.71 -48.81 3.76
N SER C 33 -15.40 -49.07 3.74
CA SER C 33 -14.64 -48.90 2.50
C SER C 33 -15.14 -49.78 1.38
N LEU C 34 -15.06 -49.25 0.17
CA LEU C 34 -14.97 -50.09 -1.01
C LEU C 34 -13.85 -51.11 -0.76
N MET C 35 -14.06 -52.38 -1.10
CA MET C 35 -12.95 -53.30 -1.29
C MET C 35 -13.30 -54.47 -2.20
N TRP C 36 -12.34 -54.78 -3.06
CA TRP C 36 -12.43 -55.72 -4.17
C TRP C 36 -11.01 -56.17 -4.55
N VAL C 37 -10.90 -57.14 -5.45
CA VAL C 37 -9.62 -57.69 -5.91
C VAL C 37 -9.63 -58.00 -7.40
N ARG C 38 -8.45 -57.92 -8.02
CA ARG C 38 -8.12 -58.68 -9.22
C ARG C 38 -7.76 -60.09 -8.79
N GLN C 39 -8.76 -60.89 -8.42
CA GLN C 39 -8.57 -62.35 -8.34
C GLN C 39 -8.48 -62.89 -9.76
N ALA C 40 -7.32 -62.73 -10.40
CA ALA C 40 -7.18 -62.94 -11.83
C ALA C 40 -7.44 -64.43 -12.23
N PRO C 41 -7.92 -64.69 -13.46
CA PRO C 41 -8.43 -66.01 -13.84
C PRO C 41 -7.37 -67.12 -13.68
N GLY C 42 -7.56 -68.05 -12.75
CA GLY C 42 -6.57 -69.09 -12.42
C GLY C 42 -5.25 -68.59 -11.82
N LYS C 43 -5.15 -67.32 -11.45
CA LYS C 43 -4.10 -66.76 -10.59
C LYS C 43 -4.56 -66.78 -9.13
N GLY C 44 -3.71 -66.32 -8.21
CA GLY C 44 -4.05 -66.09 -6.80
C GLY C 44 -4.90 -64.85 -6.57
N LEU C 45 -4.31 -63.80 -5.99
CA LEU C 45 -4.98 -62.55 -5.63
C LEU C 45 -4.11 -61.33 -5.91
N GLN C 46 -4.78 -60.21 -6.11
CA GLN C 46 -4.22 -58.90 -6.29
C GLN C 46 -5.28 -57.84 -5.95
N TRP C 47 -4.89 -56.61 -5.64
CA TRP C 47 -5.76 -55.49 -5.26
C TRP C 47 -6.92 -55.20 -6.21
N VAL C 48 -7.90 -54.44 -5.73
CA VAL C 48 -8.71 -53.59 -6.62
C VAL C 48 -7.91 -52.37 -7.01
N SER C 49 -7.31 -51.76 -6.01
CA SER C 49 -6.66 -50.47 -5.99
C SER C 49 -6.49 -50.13 -4.51
N SER C 50 -5.90 -48.99 -4.20
CA SER C 50 -6.26 -48.31 -2.97
C SER C 50 -7.73 -47.82 -3.09
N ILE C 51 -8.37 -47.51 -1.96
CA ILE C 51 -9.82 -47.49 -1.80
C ILE C 51 -10.29 -46.33 -0.91
N SER C 52 -11.59 -46.04 -0.97
CA SER C 52 -12.19 -44.93 -0.23
C SER C 52 -13.22 -45.43 0.77
N LEU C 53 -13.46 -44.60 1.80
CA LEU C 53 -14.57 -44.80 2.76
C LEU C 53 -15.47 -43.61 2.40
N ASN C 54 -15.34 -42.44 3.04
CA ASN C 54 -16.02 -41.19 2.58
C ASN C 54 -15.22 -40.85 1.32
N GLN C 55 -15.82 -40.32 0.25
CA GLN C 55 -15.09 -40.10 -1.02
C GLN C 55 -13.96 -39.10 -0.81
N ASP C 56 -12.87 -39.17 -1.59
CA ASP C 56 -11.69 -38.25 -1.52
C ASP C 56 -10.61 -38.83 -0.57
N TYR C 57 -10.73 -40.07 -0.11
CA TYR C 57 -9.72 -40.75 0.75
C TYR C 57 -9.25 -42.01 0.01
N ILE C 58 -9.12 -41.95 -1.33
CA ILE C 58 -8.78 -43.12 -2.19
C ILE C 58 -7.64 -42.77 -3.14
N SER C 59 -6.90 -43.77 -3.63
CA SER C 59 -5.84 -43.58 -4.64
C SER C 59 -5.78 -44.81 -5.55
N TYR C 60 -5.22 -44.71 -6.75
CA TYR C 60 -5.01 -45.80 -7.69
C TYR C 60 -4.12 -46.91 -7.09
N ALA C 61 -4.02 -48.04 -7.75
CA ALA C 61 -2.83 -48.88 -7.62
C ALA C 61 -1.68 -48.21 -8.38
N GLY C 62 -0.68 -47.66 -7.68
CA GLY C 62 0.52 -47.08 -8.28
C GLY C 62 0.23 -45.97 -9.30
N SER C 63 0.87 -46.04 -10.46
CA SER C 63 0.42 -45.38 -11.70
C SER C 63 -0.60 -46.21 -12.50
N VAL C 64 -0.84 -47.47 -12.12
CA VAL C 64 -1.45 -48.54 -12.95
C VAL C 64 -2.92 -48.29 -13.26
N ARG C 65 -3.72 -47.92 -12.25
CA ARG C 65 -5.19 -47.91 -12.34
C ARG C 65 -5.80 -46.58 -12.81
N GLY C 66 -5.00 -45.70 -13.39
CA GLY C 66 -5.42 -44.40 -13.92
C GLY C 66 -6.53 -44.47 -14.99
N ARG C 67 -6.67 -45.59 -15.69
CA ARG C 67 -7.76 -45.82 -16.66
C ARG C 67 -9.11 -46.16 -16.01
N PHE C 68 -9.15 -46.41 -14.70
CA PHE C 68 -10.38 -46.62 -13.92
C PHE C 68 -10.66 -45.41 -13.02
N ASP C 69 -11.81 -45.42 -12.36
CA ASP C 69 -12.24 -44.44 -11.39
C ASP C 69 -13.00 -45.12 -10.25
N VAL C 70 -13.20 -44.39 -9.16
CA VAL C 70 -13.93 -44.85 -7.98
C VAL C 70 -14.85 -43.76 -7.44
N PHE C 71 -16.05 -44.11 -6.96
CA PHE C 71 -17.05 -43.17 -6.42
C PHE C 71 -17.74 -43.68 -5.14
N ARG C 72 -18.40 -42.78 -4.40
CA ARG C 72 -19.19 -43.10 -3.19
C ARG C 72 -20.65 -42.62 -3.27
N ASP C 73 -20.88 -41.39 -3.77
CA ASP C 73 -22.16 -40.63 -3.79
C ASP C 73 -22.83 -40.40 -2.41
N ARG C 74 -23.81 -39.50 -2.33
CA ARG C 74 -24.76 -39.43 -1.21
C ARG C 74 -25.51 -40.75 -1.00
N THR C 75 -25.95 -41.39 -2.08
CA THR C 75 -26.59 -42.72 -2.09
C THR C 75 -25.55 -43.82 -1.82
N GLN C 76 -25.60 -44.47 -0.66
CA GLN C 76 -24.51 -45.33 -0.19
C GLN C 76 -24.19 -46.51 -1.13
N THR C 77 -25.18 -47.06 -1.82
CA THR C 77 -24.97 -48.14 -2.81
C THR C 77 -23.99 -47.73 -3.93
N SER C 78 -23.82 -46.43 -4.22
CA SER C 78 -22.85 -45.90 -5.20
C SER C 78 -21.39 -45.90 -4.71
N LEU C 79 -21.06 -46.67 -3.67
CA LEU C 79 -19.73 -47.20 -3.41
C LEU C 79 -19.30 -48.06 -4.62
N LEU C 80 -18.74 -47.39 -5.64
CA LEU C 80 -18.73 -47.79 -7.05
C LEU C 80 -17.31 -47.79 -7.63
N LEU C 81 -17.05 -48.80 -8.46
CA LEU C 81 -15.87 -48.91 -9.31
C LEU C 81 -16.29 -48.68 -10.76
N ASN C 82 -15.60 -47.78 -11.46
CA ASN C 82 -15.82 -47.47 -12.87
C ASN C 82 -14.60 -47.84 -13.70
N MET C 83 -14.82 -48.60 -14.76
CA MET C 83 -13.78 -49.23 -15.55
C MET C 83 -13.81 -48.68 -16.98
N ASN C 84 -12.66 -48.35 -17.56
CA ASN C 84 -12.53 -47.81 -18.91
C ASN C 84 -11.22 -48.32 -19.54
N LYS C 85 -11.11 -48.25 -20.87
CA LYS C 85 -9.93 -48.68 -21.65
C LYS C 85 -9.41 -50.08 -21.25
N LEU C 86 -10.32 -51.02 -20.98
CA LEU C 86 -10.03 -52.30 -20.32
C LEU C 86 -8.95 -53.14 -21.02
N LYS C 87 -7.84 -53.40 -20.31
CA LYS C 87 -6.74 -54.28 -20.75
C LYS C 87 -7.07 -55.72 -20.34
N THR C 88 -6.42 -56.73 -20.92
CA THR C 88 -6.57 -58.13 -20.45
C THR C 88 -6.10 -58.30 -18.99
N GLU C 89 -5.16 -57.46 -18.54
CA GLU C 89 -4.72 -57.35 -17.14
C GLU C 89 -5.85 -57.06 -16.13
N ASP C 90 -6.92 -56.37 -16.53
CA ASP C 90 -7.99 -55.96 -15.62
C ASP C 90 -8.85 -57.11 -15.12
N THR C 91 -8.79 -58.24 -15.80
CA THR C 91 -9.69 -59.36 -15.60
C THR C 91 -9.50 -60.06 -14.25
N GLY C 92 -10.58 -60.61 -13.72
CA GLY C 92 -10.58 -61.40 -12.49
C GLY C 92 -11.97 -61.57 -11.88
N VAL C 93 -12.07 -62.33 -10.80
CA VAL C 93 -13.28 -62.41 -9.99
C VAL C 93 -13.29 -61.21 -9.05
N TYR C 94 -14.19 -60.26 -9.30
CA TYR C 94 -14.43 -59.11 -8.43
C TYR C 94 -15.28 -59.52 -7.22
N PHE C 95 -14.82 -60.55 -6.50
CA PHE C 95 -15.19 -60.77 -5.10
C PHE C 95 -14.92 -59.51 -4.30
N CYS C 96 -15.72 -59.26 -3.27
CA CYS C 96 -15.65 -58.02 -2.50
C CYS C 96 -15.71 -58.28 -1.00
N ALA C 97 -15.20 -57.34 -0.23
CA ALA C 97 -15.17 -57.45 1.22
C ALA C 97 -15.50 -56.12 1.88
N ARG C 98 -16.04 -56.21 3.09
CA ARG C 98 -16.13 -55.04 3.96
C ARG C 98 -14.74 -54.75 4.53
N VAL C 99 -14.57 -53.60 5.17
CA VAL C 99 -13.28 -53.15 5.72
C VAL C 99 -13.34 -52.90 7.21
N HIS C 100 -12.35 -53.40 7.95
CA HIS C 100 -12.33 -53.45 9.41
C HIS C 100 -11.81 -52.11 10.01
N ALA C 101 -12.20 -50.98 9.41
CA ALA C 101 -11.66 -49.64 9.63
C ALA C 101 -12.59 -48.55 9.07
N TRP C 102 -12.38 -47.29 9.51
CA TRP C 102 -13.43 -46.25 9.47
C TRP C 102 -12.96 -44.81 9.17
N ARG C 103 -11.65 -44.55 9.10
CA ARG C 103 -11.03 -43.19 9.07
C ARG C 103 -10.77 -42.66 7.65
N TYR C 104 -10.33 -41.39 7.58
CA TYR C 104 -9.86 -40.66 6.38
C TYR C 104 -8.61 -41.32 5.73
N PHE C 105 -7.82 -40.64 4.89
CA PHE C 105 -6.44 -41.10 4.55
C PHE C 105 -5.50 -39.97 4.03
N ASP C 106 -4.66 -39.35 4.87
CA ASP C 106 -3.47 -38.60 4.39
C ASP C 106 -2.50 -38.08 5.46
N TRP C 107 -1.26 -37.86 5.02
CA TRP C 107 -0.14 -37.13 5.60
C TRP C 107 0.91 -36.92 4.48
N VAL C 108 2.12 -36.42 4.80
CA VAL C 108 3.30 -36.62 3.94
C VAL C 108 3.51 -38.11 3.76
N ASN C 109 3.34 -38.60 2.54
CA ASN C 109 3.06 -40.00 2.26
C ASN C 109 4.31 -40.82 1.90
N ARG C 110 4.27 -41.60 0.83
CA ARG C 110 5.32 -42.55 0.43
C ARG C 110 5.58 -43.56 1.56
N ARG C 111 6.63 -43.42 2.38
CA ARG C 111 6.89 -44.27 3.57
C ARG C 111 6.74 -43.54 4.91
N SER C 112 6.25 -42.31 4.90
CA SER C 112 6.16 -41.44 6.09
C SER C 112 4.77 -41.52 6.78
N PRO C 113 4.57 -40.91 7.98
CA PRO C 113 3.46 -41.16 8.94
C PRO C 113 1.99 -40.92 8.59
N VAL C 114 1.44 -41.51 7.53
CA VAL C 114 -0.01 -41.73 7.48
C VAL C 114 -0.38 -42.79 8.52
N GLU C 115 -1.24 -42.43 9.48
CA GLU C 115 -1.82 -43.42 10.41
C GLU C 115 -2.92 -44.27 9.80
N LYS C 116 -3.74 -43.63 8.99
CA LYS C 116 -5.14 -43.93 8.72
C LYS C 116 -5.43 -45.39 8.37
N VAL C 117 -5.78 -46.16 9.39
CA VAL C 117 -5.86 -47.65 9.34
C VAL C 117 -6.71 -48.18 8.17
N LEU C 118 -6.16 -49.15 7.42
CA LEU C 118 -6.87 -49.95 6.37
C LEU C 118 -6.80 -51.46 6.71
N SER C 119 -7.81 -52.25 6.35
CA SER C 119 -7.99 -53.63 6.87
C SER C 119 -9.18 -54.35 6.23
N ILE C 120 -9.08 -55.64 5.87
CA ILE C 120 -10.18 -56.34 5.16
C ILE C 120 -10.96 -57.23 6.14
N ASP C 121 -12.27 -57.07 6.23
CA ASP C 121 -13.20 -57.79 7.10
C ASP C 121 -13.72 -59.09 6.41
N LEU C 122 -14.94 -59.55 6.69
CA LEU C 122 -15.62 -60.60 5.95
C LEU C 122 -15.92 -60.21 4.49
N TRP C 123 -16.08 -61.26 3.68
CA TRP C 123 -15.88 -61.29 2.22
C TRP C 123 -17.00 -62.10 1.55
N GLY C 124 -17.53 -61.64 0.42
CA GLY C 124 -18.70 -62.23 -0.26
C GLY C 124 -18.55 -62.42 -1.77
N ARG C 125 -19.56 -63.07 -2.36
CA ARG C 125 -19.59 -63.53 -3.76
C ARG C 125 -19.37 -62.39 -4.75
N GLY C 126 -18.89 -62.71 -5.95
CA GLY C 126 -18.64 -61.70 -6.99
C GLY C 126 -18.38 -62.25 -8.38
N THR C 127 -18.33 -61.36 -9.36
CA THR C 127 -18.35 -61.70 -10.78
C THR C 127 -16.94 -61.88 -11.33
N LEU C 128 -16.70 -63.01 -11.99
CA LEU C 128 -15.61 -63.19 -12.93
C LEU C 128 -15.82 -62.29 -14.16
N VAL C 129 -15.04 -61.22 -14.28
CA VAL C 129 -15.06 -60.32 -15.44
C VAL C 129 -13.88 -60.67 -16.35
N THR C 130 -14.16 -60.93 -17.62
CA THR C 130 -13.19 -61.31 -18.68
C THR C 130 -13.56 -60.67 -20.02
N VAL C 131 -12.61 -60.60 -20.95
CA VAL C 131 -12.76 -59.85 -22.22
C VAL C 131 -13.90 -60.37 -23.11
N ALA D 6 7.37 -59.77 -2.17
CA ALA D 6 7.06 -60.12 -0.77
C ALA D 6 5.96 -61.19 -0.70
N THR D 7 6.27 -62.46 -0.36
CA THR D 7 5.28 -63.58 -0.43
C THR D 7 5.54 -64.70 0.57
N GLN D 8 4.58 -65.61 0.76
CA GLN D 8 4.86 -66.98 1.23
C GLN D 8 5.50 -67.83 0.12
N PRO D 9 6.39 -68.80 0.47
CA PRO D 9 6.85 -69.82 -0.46
C PRO D 9 5.69 -70.64 -1.07
N PRO D 10 5.87 -71.25 -2.25
CA PRO D 10 4.87 -72.12 -2.84
C PRO D 10 4.58 -73.33 -1.95
N SER D 13 2.91 -79.07 1.04
CA SER D 13 2.00 -80.15 1.41
C SER D 13 2.00 -80.45 2.92
N VAL D 14 1.02 -81.23 3.37
CA VAL D 14 0.98 -81.88 4.69
C VAL D 14 0.41 -83.28 4.52
N SER D 15 0.70 -84.20 5.44
CA SER D 15 -0.03 -85.46 5.56
C SER D 15 -1.25 -85.28 6.47
N LYS D 16 -2.23 -86.18 6.42
CA LYS D 16 -3.43 -86.09 7.26
C LYS D 16 -3.08 -86.22 8.76
N GLY D 17 -3.62 -85.33 9.59
CA GLY D 17 -3.40 -85.26 11.05
C GLY D 17 -2.33 -84.27 11.54
N GLU D 18 -1.62 -83.59 10.65
CA GLU D 18 -0.70 -82.49 10.99
C GLU D 18 -1.44 -81.14 11.09
N THR D 19 -0.73 -80.05 11.41
CA THR D 19 -1.27 -78.69 11.37
C THR D 19 -0.34 -77.71 10.64
N ALA D 20 -0.96 -76.77 9.92
CA ALA D 20 -0.27 -75.89 8.99
C ALA D 20 0.41 -74.70 9.65
N ARG D 21 1.61 -74.36 9.15
CA ARG D 21 2.37 -73.19 9.56
C ARG D 21 3.22 -72.70 8.39
N ILE D 22 2.83 -71.58 7.79
CA ILE D 22 3.57 -70.98 6.69
C ILE D 22 3.84 -69.51 7.00
N THR D 23 5.05 -69.06 6.72
CA THR D 23 5.43 -67.65 6.78
C THR D 23 5.11 -66.98 5.45
N CYS D 24 4.62 -65.75 5.48
CA CYS D 24 4.57 -64.84 4.33
C CYS D 24 5.45 -63.61 4.61
N SER D 25 6.31 -63.20 3.68
CA SER D 25 6.95 -61.86 3.60
C SER D 25 8.01 -61.78 2.51
N GLY D 26 8.60 -62.89 2.05
CA GLY D 26 9.89 -62.89 1.33
C GLY D 26 11.14 -62.88 2.22
N VAL D 27 10.99 -63.29 3.49
CA VAL D 27 12.00 -63.31 4.58
C VAL D 27 12.74 -61.99 4.84
N GLU D 28 12.02 -60.86 4.75
CA GLU D 28 12.45 -59.57 5.29
C GLU D 28 11.30 -58.67 5.81
N LEU D 29 10.14 -58.59 5.14
CA LEU D 29 9.10 -57.63 5.52
C LEU D 29 8.43 -57.95 6.87
N SER D 30 8.26 -56.93 7.70
CA SER D 30 8.11 -56.99 9.17
C SER D 30 6.94 -56.13 9.68
N SER D 31 7.03 -55.65 10.93
CA SER D 31 6.28 -54.47 11.38
C SER D 31 4.76 -54.70 11.36
N GLN D 32 3.94 -53.67 11.16
CA GLN D 32 2.48 -53.79 11.02
C GLN D 32 2.02 -54.35 9.65
N TYR D 33 2.91 -54.81 8.79
CA TYR D 33 2.62 -55.08 7.37
C TYR D 33 2.01 -56.49 7.18
N VAL D 34 1.08 -56.87 8.07
CA VAL D 34 0.77 -58.27 8.42
C VAL D 34 -0.72 -58.55 8.28
N SER D 35 -1.09 -59.54 7.45
CA SER D 35 -2.49 -60.07 7.36
C SER D 35 -2.47 -61.32 6.46
N TRP D 36 -3.41 -62.27 6.62
CA TRP D 36 -3.53 -63.46 5.72
C TRP D 36 -4.97 -63.97 5.62
N TYR D 37 -5.40 -64.52 4.47
CA TYR D 37 -6.82 -64.88 4.22
C TYR D 37 -6.96 -66.30 3.65
N ARG D 38 -7.84 -67.16 4.20
CA ARG D 38 -8.05 -68.59 3.80
C ARG D 38 -8.87 -68.60 2.52
N GLN D 39 -9.16 -69.75 1.92
CA GLN D 39 -10.08 -69.81 0.76
C GLN D 39 -10.34 -71.23 0.29
N ARG D 40 -11.52 -71.50 -0.27
CA ARG D 40 -11.73 -72.76 -1.01
C ARG D 40 -12.23 -72.33 -2.39
N PRO D 41 -11.60 -72.75 -3.51
CA PRO D 41 -11.94 -72.25 -4.84
C PRO D 41 -13.45 -72.28 -5.15
N GLY D 42 -13.91 -71.28 -5.88
CA GLY D 42 -15.34 -71.02 -6.12
C GLY D 42 -15.98 -70.15 -5.03
N GLN D 43 -15.61 -70.33 -3.76
CA GLN D 43 -15.93 -69.36 -2.70
C GLN D 43 -14.96 -68.17 -2.79
N SER D 44 -15.30 -67.09 -2.09
CA SER D 44 -14.41 -65.95 -1.95
C SER D 44 -13.16 -66.30 -1.14
N PRO D 45 -12.18 -65.39 -1.09
CA PRO D 45 -11.20 -65.36 -0.01
C PRO D 45 -11.88 -65.13 1.34
N VAL D 46 -11.20 -65.42 2.44
CA VAL D 46 -11.76 -65.53 3.81
C VAL D 46 -10.81 -64.94 4.82
N LEU D 47 -11.29 -64.08 5.71
CA LEU D 47 -10.50 -63.52 6.82
C LEU D 47 -9.95 -64.62 7.73
N VAL D 48 -8.64 -64.60 7.99
CA VAL D 48 -8.09 -65.36 9.12
C VAL D 48 -7.50 -64.46 10.18
N MET D 49 -6.58 -63.54 9.86
CA MET D 49 -6.08 -62.58 10.86
C MET D 49 -5.73 -61.18 10.33
N PHE D 50 -6.05 -60.17 11.13
CA PHE D 50 -5.51 -58.82 11.07
C PHE D 50 -5.25 -58.31 12.51
N HIS D 51 -4.01 -57.93 12.82
CA HIS D 51 -3.58 -57.27 14.06
C HIS D 51 -4.15 -57.86 15.36
N ASN D 52 -4.36 -59.17 15.39
CA ASN D 52 -4.66 -59.99 16.58
C ASN D 52 -5.97 -59.72 17.34
N ASN D 53 -6.72 -58.67 17.01
CA ASN D 53 -8.11 -58.46 17.49
C ASN D 53 -9.16 -58.49 16.35
N SER D 54 -8.74 -58.80 15.12
CA SER D 54 -9.61 -59.30 14.05
C SER D 54 -9.16 -60.69 13.59
N ARG D 55 -10.04 -61.69 13.68
CA ARG D 55 -9.70 -63.13 13.70
C ARG D 55 -10.75 -63.98 12.97
N ALA D 56 -10.38 -65.19 12.57
CA ALA D 56 -11.22 -66.08 11.77
C ALA D 56 -12.60 -66.36 12.39
N SER D 57 -13.65 -66.24 11.59
CA SER D 57 -15.00 -66.69 11.96
C SER D 57 -15.12 -68.22 12.04
N ARG D 58 -14.39 -69.00 11.23
CA ARG D 58 -14.56 -70.47 11.11
C ARG D 58 -13.24 -71.27 11.08
N ILE D 59 -12.32 -70.90 11.97
CA ILE D 59 -11.26 -71.77 12.56
C ILE D 59 -11.26 -71.62 14.10
N PRO D 60 -12.42 -71.27 14.69
CA PRO D 60 -12.63 -70.66 16.00
C PRO D 60 -11.49 -69.84 16.65
N GLU D 61 -10.58 -70.48 17.39
CA GLU D 61 -9.49 -69.82 18.15
C GLU D 61 -8.08 -70.40 17.89
N ARG D 62 -7.94 -71.31 16.92
CA ARG D 62 -6.83 -72.27 16.84
C ARG D 62 -5.69 -71.84 15.91
N PHE D 63 -5.42 -70.53 15.83
CA PHE D 63 -4.50 -69.91 14.88
C PHE D 63 -3.96 -68.57 15.39
N SER D 64 -2.77 -68.17 14.95
CA SER D 64 -2.02 -67.03 15.49
C SER D 64 -1.20 -66.28 14.44
N ALA D 65 -0.76 -65.07 14.77
CA ALA D 65 0.40 -64.45 14.15
C ALA D 65 1.69 -64.99 14.75
N SER D 66 2.79 -64.79 14.05
CA SER D 66 4.16 -64.81 14.58
C SER D 66 5.14 -64.22 13.55
N ASP D 67 6.35 -63.88 13.98
CA ASP D 67 7.39 -63.24 13.18
C ASP D 67 8.79 -63.68 13.66
N SER D 68 9.78 -63.78 12.78
CA SER D 68 11.20 -64.04 13.12
C SER D 68 12.14 -62.86 12.83
N GLY D 69 11.61 -61.64 12.87
CA GLY D 69 12.30 -60.38 12.60
C GLY D 69 12.24 -60.00 11.11
N ASP D 70 11.35 -60.64 10.37
CA ASP D 70 11.44 -60.79 8.92
C ASP D 70 10.13 -61.26 8.27
N THR D 71 9.10 -61.64 9.03
CA THR D 71 8.00 -62.48 8.54
C THR D 71 6.64 -62.18 9.14
N ALA D 72 5.59 -62.19 8.32
CA ALA D 72 4.25 -62.52 8.77
C ALA D 72 4.13 -64.06 8.79
N THR D 73 3.17 -64.62 9.52
CA THR D 73 3.00 -66.08 9.60
C THR D 73 1.55 -66.47 9.80
N LEU D 74 1.04 -67.26 8.86
CA LEU D 74 -0.14 -68.09 9.00
C LEU D 74 0.19 -69.17 10.03
N THR D 75 0.05 -68.85 11.31
CA THR D 75 0.44 -69.73 12.42
C THR D 75 -0.76 -70.58 12.79
N ILE D 76 -1.18 -71.46 11.88
CA ILE D 76 -2.46 -72.17 11.92
C ILE D 76 -2.42 -73.44 12.79
N ALA D 77 -1.74 -73.32 13.93
CA ALA D 77 -1.13 -74.42 14.64
C ALA D 77 -2.10 -75.49 15.18
N GLY D 78 -3.40 -75.19 15.28
CA GLY D 78 -4.43 -76.13 15.74
C GLY D 78 -5.50 -76.45 14.69
N ALA D 79 -5.27 -76.12 13.43
CA ALA D 79 -6.28 -76.23 12.37
C ALA D 79 -6.45 -77.65 11.79
N GLN D 80 -6.80 -78.64 12.62
CA GLN D 80 -7.08 -80.02 12.18
C GLN D 80 -8.21 -80.10 11.14
N ASP D 81 -9.01 -79.04 11.02
CA ASP D 81 -9.75 -78.66 9.82
C ASP D 81 -8.76 -78.23 8.73
N VAL D 82 -7.94 -79.19 8.28
CA VAL D 82 -6.72 -78.95 7.51
C VAL D 82 -6.92 -79.07 5.99
N ASP D 83 -7.93 -79.82 5.53
CA ASP D 83 -8.32 -79.91 4.10
C ASP D 83 -8.75 -78.56 3.50
N GLU D 84 -9.03 -77.59 4.37
CA GLU D 84 -9.45 -76.23 4.06
C GLU D 84 -8.33 -75.34 3.50
N ALA D 85 -7.14 -75.89 3.24
CA ALA D 85 -5.92 -75.11 3.06
C ALA D 85 -5.66 -74.56 1.64
N GLU D 86 -6.18 -73.36 1.36
CA GLU D 86 -5.62 -72.43 0.38
C GLU D 86 -5.60 -71.03 1.01
N TYR D 87 -4.54 -70.26 0.79
CA TYR D 87 -4.34 -68.98 1.48
C TYR D 87 -3.52 -67.99 0.66
N TYR D 88 -3.62 -66.73 1.07
CA TYR D 88 -2.96 -65.54 0.53
C TYR D 88 -2.66 -64.55 1.68
N CYS D 89 -1.77 -63.57 1.47
CA CYS D 89 -1.49 -62.49 2.45
C CYS D 89 -1.74 -61.08 1.86
N GLN D 90 -1.93 -60.02 2.67
CA GLN D 90 -2.03 -58.63 2.18
C GLN D 90 -1.65 -57.53 3.19
N THR D 91 -1.38 -56.31 2.69
CA THR D 91 -0.92 -55.09 3.40
C THR D 91 -1.12 -53.86 2.50
N TRP D 92 -0.82 -52.65 2.99
CA TRP D 92 -0.99 -51.39 2.28
C TRP D 92 0.01 -50.29 2.68
N ASP D 93 1.11 -50.66 3.33
CA ASP D 93 2.04 -49.73 3.97
C ASP D 93 2.94 -48.94 3.01
N SER D 94 3.07 -49.39 1.77
CA SER D 94 3.88 -48.74 0.74
C SER D 94 3.21 -47.46 0.22
N LYS D 95 3.78 -46.84 -0.81
CA LYS D 95 3.41 -45.53 -1.41
C LYS D 95 1.96 -45.43 -1.89
N ASN D 96 1.05 -45.17 -0.96
CA ASN D 96 -0.41 -45.27 -1.12
C ASN D 96 -0.88 -46.68 -1.60
N TYR D 97 -0.05 -47.71 -1.45
CA TYR D 97 -0.08 -48.90 -2.30
C TYR D 97 -0.48 -50.17 -1.55
N VAL D 98 -1.59 -50.79 -1.94
CA VAL D 98 -1.98 -52.15 -1.51
C VAL D 98 -0.97 -53.17 -2.02
N THR D 99 -0.79 -54.29 -1.31
CA THR D 99 0.13 -55.37 -1.71
C THR D 99 -0.39 -56.71 -1.20
N PHE D 100 -0.12 -57.80 -1.93
CA PHE D 100 -0.52 -59.17 -1.59
C PHE D 100 0.69 -60.11 -1.54
N GLY D 101 0.64 -61.12 -0.68
CA GLY D 101 1.45 -62.33 -0.76
C GLY D 101 0.72 -63.36 -1.61
N GLY D 102 1.41 -63.89 -2.61
CA GLY D 102 0.83 -64.60 -3.76
C GLY D 102 0.14 -65.93 -3.45
N GLY D 103 0.28 -66.44 -2.24
CA GLY D 103 -0.51 -67.55 -1.71
C GLY D 103 -0.32 -68.93 -2.35
N THR D 104 -0.96 -69.94 -1.77
CA THR D 104 -0.86 -71.34 -2.15
C THR D 104 -2.00 -72.17 -1.58
N LYS D 105 -2.26 -73.33 -2.19
CA LYS D 105 -2.89 -74.49 -1.53
C LYS D 105 -1.87 -75.26 -0.68
N LEU D 106 -2.34 -76.10 0.24
CA LEU D 106 -1.60 -77.25 0.77
C LEU D 106 -2.53 -78.46 0.74
N THR D 107 -2.29 -79.44 -0.14
CA THR D 107 -3.00 -80.72 -0.10
C THR D 107 -2.63 -81.54 1.16
N VAL D 108 -3.52 -82.47 1.54
CA VAL D 108 -3.45 -83.23 2.79
C VAL D 108 -3.39 -84.75 2.58
N LEU D 109 -4.22 -85.25 1.66
CA LEU D 109 -4.49 -86.68 1.49
C LEU D 109 -3.53 -87.35 0.51
N GLU E 2 -45.48 31.27 30.71
CA GLU E 2 -44.64 30.16 30.22
C GLU E 2 -43.27 30.67 29.72
N ASN E 3 -42.20 29.95 30.02
CA ASN E 3 -40.82 30.28 29.62
C ASN E 3 -40.08 29.03 29.10
N LEU E 4 -38.90 29.20 28.50
CA LEU E 4 -38.19 28.09 27.86
C LEU E 4 -36.66 28.18 27.92
N TRP E 5 -36.04 27.01 27.87
CA TRP E 5 -34.60 26.84 27.71
C TRP E 5 -34.24 25.91 26.55
N VAL E 6 -33.03 26.11 26.04
CA VAL E 6 -32.29 25.14 25.23
C VAL E 6 -32.15 23.84 26.00
N THR E 7 -32.45 22.75 25.32
CA THR E 7 -32.21 21.40 25.79
C THR E 7 -31.78 20.57 24.59
N VAL E 8 -31.09 19.46 24.84
CA VAL E 8 -30.68 18.53 23.79
C VAL E 8 -31.09 17.13 24.15
N TYR E 9 -31.81 16.46 23.24
CA TYR E 9 -32.06 15.00 23.37
C TYR E 9 -30.94 14.40 22.52
N TYR E 10 -30.34 13.26 22.87
CA TYR E 10 -29.16 12.71 22.14
C TYR E 10 -29.56 11.52 21.26
N GLY E 11 -29.06 11.47 20.02
CA GLY E 11 -29.30 10.32 19.13
C GLY E 11 -30.62 10.40 18.38
N VAL E 12 -31.30 11.54 18.40
CA VAL E 12 -32.63 11.71 17.75
C VAL E 12 -32.41 11.61 16.23
N PRO E 13 -33.35 11.06 15.43
CA PRO E 13 -33.12 10.82 14.02
C PRO E 13 -33.19 12.09 13.19
N VAL E 14 -32.02 12.59 12.82
CA VAL E 14 -31.80 13.67 11.86
C VAL E 14 -30.71 13.25 10.89
N TRP E 15 -30.89 13.41 9.58
CA TRP E 15 -29.89 12.98 8.61
C TRP E 15 -29.86 13.77 7.32
N ARG E 16 -28.73 13.68 6.61
CA ARG E 16 -28.43 14.45 5.40
C ARG E 16 -27.49 13.68 4.48
N ASP E 17 -27.49 14.00 3.19
CA ASP E 17 -26.63 13.35 2.19
C ASP E 17 -25.14 13.50 2.51
N ALA E 18 -24.30 12.56 2.04
CA ALA E 18 -22.92 12.43 2.49
C ALA E 18 -21.90 12.00 1.44
N ASP E 19 -20.70 12.60 1.49
CA ASP E 19 -19.47 12.15 0.84
C ASP E 19 -18.81 10.97 1.59
N THR E 20 -19.54 10.29 2.47
CA THR E 20 -18.98 9.24 3.34
C THR E 20 -18.46 8.05 2.56
N THR E 21 -17.40 7.41 3.04
CA THR E 21 -16.96 6.18 2.38
C THR E 21 -17.79 4.99 2.82
N LEU E 22 -17.86 3.95 2.00
CA LEU E 22 -18.71 2.78 2.18
C LEU E 22 -17.88 1.52 1.97
N PHE E 23 -18.15 0.47 2.75
CA PHE E 23 -17.33 -0.74 2.76
C PHE E 23 -18.17 -1.98 2.49
N CYS E 24 -17.55 -2.97 1.86
CA CYS E 24 -18.21 -4.20 1.44
C CYS E 24 -18.62 -5.12 2.59
N ALA E 25 -19.66 -5.90 2.33
CA ALA E 25 -20.00 -7.14 3.02
C ALA E 25 -20.60 -8.15 2.04
N SER E 26 -20.56 -9.43 2.41
CA SER E 26 -21.12 -10.58 1.69
C SER E 26 -21.33 -11.74 2.65
N ASP E 27 -22.03 -12.78 2.21
CA ASP E 27 -21.81 -14.09 2.81
C ASP E 27 -20.34 -14.54 2.65
N ALA E 28 -19.81 -15.35 3.57
CA ALA E 28 -18.45 -15.89 3.44
C ALA E 28 -18.46 -17.09 2.47
N LYS E 29 -17.86 -16.92 1.29
CA LYS E 29 -17.83 -17.95 0.23
C LYS E 29 -16.95 -19.14 0.61
N ALA E 30 -15.91 -18.90 1.43
CA ALA E 30 -15.02 -19.93 2.01
C ALA E 30 -14.22 -19.46 3.25
N TYR E 31 -14.42 -18.21 3.71
CA TYR E 31 -13.63 -17.50 4.73
C TYR E 31 -12.15 -17.22 4.39
N GLU E 32 -11.45 -18.03 3.59
CA GLU E 32 -10.02 -17.77 3.29
C GLU E 32 -9.81 -16.60 2.31
N THR E 33 -8.81 -15.77 2.62
CA THR E 33 -8.37 -14.57 1.89
C THR E 33 -7.95 -14.85 0.43
N GLU E 34 -7.60 -16.10 0.12
CA GLU E 34 -7.08 -16.58 -1.16
C GLU E 34 -8.16 -17.15 -2.12
N LYS E 35 -9.46 -17.08 -1.77
CA LYS E 35 -10.61 -17.63 -2.53
C LYS E 35 -10.90 -16.92 -3.87
N HIS E 36 -9.96 -17.01 -4.78
CA HIS E 36 -10.12 -17.00 -6.24
C HIS E 36 -10.85 -15.82 -6.93
N ASN E 37 -11.19 -14.71 -6.25
CA ASN E 37 -12.29 -13.82 -6.69
C ASN E 37 -11.91 -12.34 -6.83
N VAL E 38 -12.45 -11.63 -7.83
CA VAL E 38 -12.14 -10.19 -8.06
C VAL E 38 -12.88 -9.20 -7.16
N TRP E 39 -14.04 -9.55 -6.64
CA TRP E 39 -14.88 -8.59 -5.90
C TRP E 39 -14.62 -8.59 -4.38
N ALA E 40 -14.66 -9.77 -3.75
CA ALA E 40 -14.70 -9.92 -2.30
C ALA E 40 -14.14 -11.29 -1.88
N THR E 41 -12.86 -11.55 -2.18
CA THR E 41 -12.11 -12.78 -1.82
C THR E 41 -11.83 -12.92 -0.32
N HIS E 42 -12.75 -12.48 0.53
CA HIS E 42 -12.61 -12.28 1.98
C HIS E 42 -11.58 -11.22 2.41
N ALA E 43 -11.02 -10.45 1.47
CA ALA E 43 -10.38 -9.16 1.76
C ALA E 43 -11.43 -8.08 2.09
N CYS E 44 -12.64 -8.20 1.53
CA CYS E 44 -13.85 -7.65 2.13
C CYS E 44 -14.28 -8.48 3.35
N VAL E 45 -14.58 -7.83 4.47
CA VAL E 45 -15.04 -8.50 5.68
C VAL E 45 -16.51 -8.94 5.58
N PRO E 46 -16.86 -10.19 5.90
CA PRO E 46 -18.24 -10.67 5.85
C PRO E 46 -19.09 -10.14 7.02
N THR E 47 -19.41 -8.84 7.00
CA THR E 47 -20.38 -8.24 7.95
C THR E 47 -21.78 -8.84 7.75
N ASP E 48 -22.57 -8.93 8.81
CA ASP E 48 -23.80 -9.74 8.91
C ASP E 48 -24.64 -9.82 7.61
N PRO E 49 -24.70 -11.00 6.96
CA PRO E 49 -25.51 -11.24 5.77
C PRO E 49 -27.01 -11.05 5.95
N ASN E 50 -27.52 -10.93 7.18
CA ASN E 50 -28.89 -10.51 7.45
C ASN E 50 -29.03 -8.97 7.28
N PRO E 51 -29.76 -8.46 6.28
CA PRO E 51 -30.19 -7.07 6.28
C PRO E 51 -31.23 -6.83 7.39
N GLN E 52 -30.77 -6.40 8.57
CA GLN E 52 -31.61 -6.10 9.74
C GLN E 52 -32.32 -4.74 9.60
N GLU E 53 -32.94 -4.53 8.44
CA GLU E 53 -33.68 -3.34 7.99
C GLU E 53 -34.89 -3.02 8.89
N ILE E 54 -35.34 -1.76 8.88
CA ILE E 54 -36.55 -1.37 9.62
C ILE E 54 -37.32 -0.22 8.95
N HIS E 55 -38.64 -0.23 9.15
CA HIS E 55 -39.63 0.60 8.49
C HIS E 55 -39.56 2.08 8.88
N LEU E 56 -39.67 2.98 7.91
CA LEU E 56 -39.67 4.45 8.14
C LEU E 56 -41.15 4.86 8.14
N ASP E 57 -41.87 4.55 9.22
CA ASP E 57 -43.34 4.81 9.32
C ASP E 57 -43.59 6.32 9.36
N ASN E 58 -44.33 6.88 8.39
CA ASN E 58 -44.64 8.33 8.26
C ASN E 58 -43.42 9.14 7.77
N VAL E 59 -42.19 8.59 7.76
CA VAL E 59 -40.96 9.35 7.40
C VAL E 59 -40.95 9.52 5.89
N THR E 60 -41.26 10.72 5.40
CA THR E 60 -41.19 11.02 3.95
C THR E 60 -39.78 11.57 3.67
N GLU E 61 -39.11 11.09 2.61
CA GLU E 61 -37.79 11.56 2.20
C GLU E 61 -37.71 11.88 0.70
N LYS E 62 -37.05 13.00 0.39
CA LYS E 62 -36.57 13.33 -0.94
C LYS E 62 -35.34 12.49 -1.26
N PHE E 63 -35.45 11.59 -2.23
CA PHE E 63 -34.32 10.86 -2.77
C PHE E 63 -33.57 11.69 -3.81
N ASN E 64 -32.33 11.32 -4.09
CA ASN E 64 -31.57 11.86 -5.21
C ASN E 64 -30.61 10.82 -5.79
N MET E 65 -31.08 10.06 -6.77
CA MET E 65 -30.31 9.07 -7.53
C MET E 65 -29.15 9.66 -8.34
N TRP E 66 -29.09 10.98 -8.51
CA TRP E 66 -28.20 11.61 -9.49
C TRP E 66 -27.01 12.26 -8.82
N LYS E 67 -27.21 13.17 -7.86
CA LYS E 67 -26.16 13.66 -6.94
C LYS E 67 -25.85 12.65 -5.81
N ASN E 68 -26.16 11.37 -6.01
CA ASN E 68 -25.76 10.28 -5.12
C ASN E 68 -24.24 10.16 -5.09
N ASN E 69 -23.65 9.90 -3.93
CA ASN E 69 -22.22 9.63 -3.84
C ASN E 69 -21.84 8.21 -4.31
N MET E 70 -22.71 7.21 -4.12
CA MET E 70 -22.39 5.81 -4.40
C MET E 70 -21.92 5.53 -5.82
N VAL E 71 -22.47 6.17 -6.85
CA VAL E 71 -22.08 5.91 -8.23
C VAL E 71 -20.59 6.13 -8.41
N GLU E 72 -20.09 7.33 -8.15
CA GLU E 72 -18.66 7.64 -8.30
C GLU E 72 -17.85 6.74 -7.36
N GLN E 73 -18.36 6.47 -6.17
CA GLN E 73 -17.65 5.65 -5.20
C GLN E 73 -17.45 4.23 -5.72
N MET E 74 -18.53 3.53 -6.04
CA MET E 74 -18.45 2.21 -6.67
C MET E 74 -17.61 2.27 -7.94
N HIS E 75 -17.79 3.27 -8.78
CA HIS E 75 -17.07 3.32 -10.04
C HIS E 75 -15.56 3.40 -9.83
N THR E 76 -15.14 4.16 -8.84
CA THR E 76 -13.72 4.25 -8.46
C THR E 76 -13.27 2.96 -7.79
N ASP E 77 -14.04 2.49 -6.81
CA ASP E 77 -13.77 1.29 -6.03
C ASP E 77 -13.60 0.06 -6.93
N ILE E 78 -14.58 -0.25 -7.75
CA ILE E 78 -14.62 -1.47 -8.55
C ILE E 78 -13.43 -1.53 -9.50
N ILE E 79 -13.10 -0.40 -10.14
CA ILE E 79 -11.91 -0.31 -10.97
C ILE E 79 -10.66 -0.65 -10.16
N SER E 80 -10.60 -0.17 -8.91
CA SER E 80 -9.50 -0.49 -8.01
C SER E 80 -9.49 -1.96 -7.60
N LEU E 81 -10.66 -2.59 -7.41
CA LEU E 81 -10.74 -4.04 -7.18
C LEU E 81 -10.11 -4.78 -8.36
N TRP E 82 -10.50 -4.39 -9.58
CA TRP E 82 -9.98 -5.01 -10.79
C TRP E 82 -8.46 -4.90 -10.84
N ASP E 83 -7.92 -3.70 -10.64
CA ASP E 83 -6.47 -3.51 -10.59
C ASP E 83 -5.81 -4.40 -9.53
N GLN E 84 -6.28 -4.40 -8.29
CA GLN E 84 -5.63 -5.20 -7.25
C GLN E 84 -5.97 -6.68 -7.30
N SER E 85 -6.80 -7.13 -8.23
CA SER E 85 -6.86 -8.53 -8.64
C SER E 85 -5.86 -8.85 -9.74
N LEU E 86 -5.54 -7.86 -10.58
CA LEU E 86 -4.67 -8.03 -11.75
C LEU E 86 -3.19 -7.89 -11.44
N LYS E 87 -2.79 -6.92 -10.62
CA LYS E 87 -1.38 -6.77 -10.19
C LYS E 87 -0.78 -8.10 -9.68
N PRO E 88 -1.47 -8.92 -8.86
CA PRO E 88 -0.94 -10.20 -8.41
C PRO E 88 -0.65 -11.24 -9.51
N CYS E 89 -1.24 -11.09 -10.70
CA CYS E 89 -1.13 -12.02 -11.82
C CYS E 89 -0.28 -11.43 -12.97
N VAL E 90 -0.15 -12.13 -14.08
CA VAL E 90 0.80 -11.77 -15.16
C VAL E 90 0.44 -10.45 -15.86
N LYS E 91 1.36 -9.49 -15.83
CA LYS E 91 1.44 -8.49 -16.92
C LYS E 91 2.04 -9.16 -18.16
N LEU E 92 1.67 -8.69 -19.33
CA LEU E 92 1.91 -9.38 -20.61
C LEU E 92 2.84 -8.58 -21.53
N THR E 93 3.80 -7.88 -20.93
CA THR E 93 4.86 -7.20 -21.66
C THR E 93 5.59 -8.12 -22.64
N PRO E 94 5.91 -9.38 -22.33
CA PRO E 94 6.28 -10.37 -23.33
C PRO E 94 5.03 -10.97 -23.98
N LEU E 95 4.26 -10.17 -24.73
CA LEU E 95 3.16 -10.67 -25.56
C LEU E 95 2.85 -9.81 -26.78
N CYS E 96 3.06 -8.49 -26.75
CA CYS E 96 3.03 -7.66 -27.95
C CYS E 96 4.20 -8.05 -28.86
N VAL E 97 3.88 -8.63 -30.03
CA VAL E 97 4.84 -9.36 -30.85
C VAL E 97 4.29 -9.55 -32.25
N THR E 98 5.12 -9.96 -33.18
CA THR E 98 4.67 -10.42 -34.49
C THR E 98 3.68 -11.58 -34.36
N LEU E 99 2.44 -11.43 -34.84
CA LEU E 99 1.47 -12.51 -34.93
C LEU E 99 1.22 -12.95 -36.37
N HIS E 100 1.36 -14.24 -36.64
CA HIS E 100 0.94 -14.84 -37.91
C HIS E 100 -0.44 -15.46 -37.70
N CYS E 101 -1.36 -15.27 -38.64
CA CYS E 101 -2.70 -15.83 -38.59
C CYS E 101 -3.16 -16.42 -39.93
N THR E 102 -4.17 -17.27 -39.84
CA THR E 102 -4.85 -17.97 -40.94
C THR E 102 -6.36 -17.92 -40.71
N ASN E 103 -7.12 -17.96 -41.81
CA ASN E 103 -8.58 -17.81 -41.82
C ASN E 103 -9.27 -19.19 -41.90
N VAL E 104 -10.28 -19.42 -41.06
CA VAL E 104 -10.83 -20.76 -40.75
C VAL E 104 -12.35 -20.66 -40.51
N THR E 105 -13.12 -21.73 -40.70
CA THR E 105 -14.61 -21.73 -40.72
C THR E 105 -15.25 -21.02 -39.54
N GLU E 114 -17.43 -17.42 -39.01
CA GLU E 114 -16.25 -16.71 -39.49
C GLU E 114 -15.79 -15.59 -38.53
N GLY E 115 -14.52 -15.21 -38.59
CA GLY E 115 -13.91 -14.19 -37.71
C GLY E 115 -13.22 -14.75 -36.46
N LEU E 116 -12.80 -16.01 -36.46
CA LEU E 116 -11.99 -16.64 -35.42
C LEU E 116 -10.70 -17.15 -36.07
N LYS E 117 -9.67 -16.31 -36.02
CA LYS E 117 -8.38 -16.48 -36.67
C LYS E 117 -7.52 -17.48 -35.90
N ASN E 118 -6.79 -18.32 -36.64
CA ASN E 118 -5.91 -19.36 -36.08
C ASN E 118 -4.45 -18.97 -36.29
N CYS E 119 -3.69 -18.85 -35.21
CA CYS E 119 -2.48 -18.04 -35.19
C CYS E 119 -1.33 -18.67 -34.42
N SER E 120 -0.12 -18.23 -34.72
CA SER E 120 1.11 -18.62 -34.01
C SER E 120 2.15 -17.48 -34.00
N PHE E 121 3.05 -17.49 -33.03
CA PHE E 121 4.04 -16.45 -32.82
C PHE E 121 5.27 -16.98 -32.10
N ASN E 122 6.37 -16.22 -32.15
CA ASN E 122 7.56 -16.47 -31.36
C ASN E 122 7.49 -15.75 -30.02
N MET E 123 8.04 -16.34 -28.96
CA MET E 123 8.10 -15.73 -27.63
C MET E 123 9.20 -16.35 -26.78
N THR E 124 9.61 -15.70 -25.71
CA THR E 124 10.39 -16.36 -24.65
C THR E 124 9.61 -17.51 -24.03
N THR E 125 10.33 -18.49 -23.49
CA THR E 125 9.79 -19.45 -22.52
C THR E 125 10.16 -19.03 -21.11
N GLU E 126 10.13 -19.97 -20.17
CA GLU E 126 10.69 -19.81 -18.82
C GLU E 126 12.20 -19.50 -18.83
N LEU E 127 12.93 -19.99 -19.83
CA LEU E 127 14.27 -19.51 -20.16
C LEU E 127 14.20 -18.21 -20.94
N ARG E 128 14.97 -17.17 -20.59
CA ARG E 128 15.16 -15.93 -21.36
C ARG E 128 16.14 -16.09 -22.51
N ASP E 129 15.95 -17.11 -23.34
CA ASP E 129 16.78 -17.38 -24.53
C ASP E 129 15.96 -17.96 -25.70
N LYS E 130 15.42 -19.18 -25.60
CA LYS E 130 14.69 -19.86 -26.68
C LYS E 130 13.46 -19.07 -27.13
N ARG E 131 13.43 -18.68 -28.41
CA ARG E 131 12.19 -18.28 -29.09
C ARG E 131 11.33 -19.54 -29.27
N GLN E 132 10.48 -19.83 -28.29
CA GLN E 132 9.51 -20.91 -28.43
C GLN E 132 8.44 -20.50 -29.44
N LYS E 133 8.17 -21.32 -30.45
CA LYS E 133 7.01 -21.12 -31.31
C LYS E 133 5.77 -21.66 -30.61
N VAL E 134 4.77 -20.81 -30.45
CA VAL E 134 3.58 -21.08 -29.64
C VAL E 134 2.31 -20.74 -30.42
N TYR E 135 1.20 -21.38 -30.07
CA TYR E 135 -0.02 -21.40 -30.88
C TYR E 135 -1.23 -20.95 -30.05
N SER E 136 -2.09 -20.11 -30.61
CA SER E 136 -3.36 -19.68 -29.99
C SER E 136 -4.37 -19.22 -31.04
N LEU E 137 -5.64 -19.47 -30.74
CA LEU E 137 -6.73 -18.81 -31.42
C LEU E 137 -6.89 -17.38 -30.93
N PHE E 138 -7.52 -16.56 -31.78
CA PHE E 138 -7.94 -15.20 -31.48
C PHE E 138 -9.26 -14.90 -32.18
N TYR E 139 -10.24 -14.38 -31.46
CA TYR E 139 -11.38 -13.75 -32.11
C TYR E 139 -10.85 -12.51 -32.82
N ARG E 140 -11.30 -12.18 -34.05
CA ARG E 140 -10.62 -11.17 -34.91
C ARG E 140 -10.40 -9.84 -34.22
N LEU E 141 -11.30 -9.42 -33.35
CA LEU E 141 -11.21 -8.14 -32.67
C LEU E 141 -10.15 -8.09 -31.55
N ASP E 142 -9.36 -9.13 -31.37
CA ASP E 142 -8.14 -9.12 -30.57
C ASP E 142 -6.97 -8.38 -31.23
N ILE E 143 -7.00 -8.15 -32.54
CA ILE E 143 -5.82 -7.76 -33.33
C ILE E 143 -6.10 -6.63 -34.32
N VAL E 144 -5.02 -6.02 -34.79
CA VAL E 144 -4.98 -5.13 -35.95
C VAL E 144 -3.77 -5.47 -36.82
N PRO E 145 -3.77 -5.14 -38.12
CA PRO E 145 -2.57 -5.30 -38.94
C PRO E 145 -1.45 -4.39 -38.41
N ILE E 146 -0.20 -4.86 -38.46
CA ILE E 146 0.98 -4.11 -37.99
C ILE E 146 1.21 -2.83 -38.80
N ASN E 147 1.13 -2.90 -40.13
CA ASN E 147 1.33 -1.78 -41.04
C ASN E 147 0.59 -2.00 -42.35
N GLU E 148 0.53 -3.26 -42.81
CA GLU E 148 0.05 -3.65 -44.13
C GLU E 148 -0.72 -4.98 -44.08
N ASN E 149 -1.58 -5.20 -45.08
CA ASN E 149 -2.44 -6.35 -45.28
C ASN E 149 -1.62 -7.63 -45.61
N GLN E 150 -0.93 -8.19 -44.61
CA GLN E 150 0.02 -9.31 -44.78
C GLN E 150 -0.18 -10.39 -43.68
N GLY E 151 -0.10 -11.67 -44.04
CA GLY E 151 -0.49 -12.79 -43.16
C GLY E 151 0.34 -12.95 -41.88
N SER E 152 1.61 -12.57 -41.91
CA SER E 152 2.51 -12.58 -40.74
C SER E 152 2.43 -11.31 -39.89
N GLU E 153 1.63 -10.31 -40.26
CA GLU E 153 1.79 -8.93 -39.76
C GLU E 153 0.56 -8.41 -39.01
N TYR E 154 0.33 -8.93 -37.81
CA TYR E 154 -0.65 -8.41 -36.86
C TYR E 154 -0.06 -8.23 -35.47
N ARG E 155 -0.63 -7.31 -34.70
CA ARG E 155 -0.28 -7.03 -33.29
C ARG E 155 -1.54 -7.07 -32.45
N LEU E 156 -1.40 -7.28 -31.15
CA LEU E 156 -2.55 -7.23 -30.26
C LEU E 156 -3.08 -5.81 -30.16
N ILE E 157 -4.40 -5.69 -30.11
CA ILE E 157 -5.12 -4.43 -30.37
C ILE E 157 -4.75 -3.31 -29.38
N ASN E 158 -4.23 -3.66 -28.22
CA ASN E 158 -3.73 -2.73 -27.22
C ASN E 158 -2.42 -2.04 -27.61
N CYS E 159 -1.50 -2.71 -28.30
CA CYS E 159 -0.07 -2.36 -28.20
C CYS E 159 0.24 -0.97 -28.77
N ASN E 160 -0.57 -0.58 -29.76
CA ASN E 160 -0.79 0.76 -30.31
C ASN E 160 -0.66 1.88 -29.26
N THR E 161 -1.22 1.70 -28.06
CA THR E 161 -1.26 2.72 -26.99
C THR E 161 -1.27 2.17 -25.54
N SER E 162 -1.26 0.87 -25.30
CA SER E 162 -1.56 0.30 -23.97
C SER E 162 -0.87 -1.03 -23.69
N ALA E 163 -0.52 -1.32 -22.43
CA ALA E 163 -0.07 -2.66 -21.98
C ALA E 163 -1.23 -3.53 -21.46
N CYS E 164 -1.07 -4.85 -21.48
CA CYS E 164 -2.11 -5.81 -21.10
C CYS E 164 -1.75 -6.69 -19.89
N THR E 165 -2.79 -7.19 -19.20
CA THR E 165 -2.59 -8.03 -18.00
C THR E 165 -3.59 -9.18 -18.02
N GLN E 166 -3.11 -10.41 -17.93
CA GLN E 166 -4.01 -11.58 -17.88
C GLN E 166 -4.19 -11.93 -16.42
N ALA E 167 -5.42 -12.02 -16.00
CA ALA E 167 -5.74 -12.44 -14.63
C ALA E 167 -5.45 -13.92 -14.52
N CYS E 168 -5.09 -14.38 -13.34
CA CYS E 168 -4.94 -15.83 -13.08
C CYS E 168 -6.34 -16.35 -13.39
N PRO E 169 -6.57 -17.59 -13.86
CA PRO E 169 -7.91 -17.91 -14.31
C PRO E 169 -8.73 -17.96 -13.03
N LYS E 170 -8.09 -17.84 -11.85
CA LYS E 170 -8.73 -17.92 -10.53
C LYS E 170 -8.96 -16.52 -9.97
N VAL E 171 -9.15 -15.50 -10.79
CA VAL E 171 -9.58 -14.18 -10.24
C VAL E 171 -11.06 -14.08 -10.55
N SER E 172 -11.66 -15.17 -11.04
CA SER E 172 -13.07 -15.21 -11.44
C SER E 172 -13.80 -13.88 -11.45
N PHE E 173 -14.13 -13.39 -12.64
CA PHE E 173 -14.98 -12.21 -12.76
C PHE E 173 -16.42 -12.44 -12.31
N GLU E 174 -16.80 -13.67 -11.99
CA GLU E 174 -18.18 -14.03 -11.69
C GLU E 174 -18.78 -13.08 -10.64
N PRO E 175 -19.95 -12.50 -10.89
CA PRO E 175 -20.50 -11.45 -10.06
C PRO E 175 -21.12 -12.03 -8.77
N ILE E 176 -20.27 -12.28 -7.78
CA ILE E 176 -20.76 -12.47 -6.42
C ILE E 176 -21.31 -11.13 -5.92
N PRO E 177 -22.46 -11.11 -5.24
CA PRO E 177 -23.01 -9.85 -4.77
C PRO E 177 -22.04 -9.20 -3.79
N ILE E 178 -22.04 -7.88 -3.76
CA ILE E 178 -21.54 -7.13 -2.59
C ILE E 178 -22.65 -6.26 -2.03
N HIS E 179 -22.64 -6.12 -0.73
CA HIS E 179 -23.51 -5.23 0.01
C HIS E 179 -22.64 -4.06 0.42
N TYR E 180 -22.98 -2.82 0.07
CA TYR E 180 -22.31 -1.68 0.66
C TYR E 180 -22.90 -1.42 2.04
N CYS E 181 -22.06 -1.35 3.06
CA CYS E 181 -22.45 -0.84 4.37
C CYS E 181 -22.07 0.61 4.50
N ALA E 182 -23.00 1.36 5.08
CA ALA E 182 -22.69 2.61 5.73
C ALA E 182 -21.95 2.32 7.04
N PRO E 183 -20.82 2.98 7.31
CA PRO E 183 -20.23 2.93 8.63
C PRO E 183 -21.12 3.66 9.64
N ALA E 184 -21.00 3.27 10.90
CA ALA E 184 -21.81 3.78 12.01
C ALA E 184 -21.79 5.32 12.06
N GLY E 185 -22.88 5.94 12.50
CA GLY E 185 -23.07 7.39 12.33
C GLY E 185 -23.40 7.82 10.89
N PHE E 186 -23.35 6.90 9.93
CA PHE E 186 -23.99 7.00 8.64
C PHE E 186 -24.97 5.85 8.50
N ALA E 187 -25.88 5.96 7.54
CA ALA E 187 -26.95 5.01 7.32
C ALA E 187 -27.40 4.97 5.87
N ILE E 188 -28.17 3.94 5.53
CA ILE E 188 -28.77 3.78 4.22
C ILE E 188 -30.28 3.85 4.38
N LEU E 189 -30.91 4.76 3.67
CA LEU E 189 -32.35 4.84 3.49
C LEU E 189 -32.70 4.13 2.19
N LYS E 190 -33.72 3.26 2.20
CA LYS E 190 -34.21 2.57 1.02
C LYS E 190 -35.58 3.12 0.65
N CYS E 191 -35.82 3.53 -0.59
CA CYS E 191 -37.19 3.77 -1.01
C CYS E 191 -37.95 2.44 -1.04
N LYS E 192 -38.88 2.27 -0.11
CA LYS E 192 -39.65 1.04 0.10
C LYS E 192 -40.94 1.07 -0.71
N ASP E 193 -40.77 1.33 -2.00
CA ASP E 193 -41.78 1.15 -3.05
C ASP E 193 -41.08 0.86 -4.39
N GLU E 194 -41.76 0.13 -5.27
CA GLU E 194 -41.38 -0.09 -6.66
C GLU E 194 -41.94 1.02 -7.57
N GLY E 195 -43.09 1.58 -7.23
CA GLY E 195 -43.78 2.64 -7.97
C GLY E 195 -43.12 4.00 -7.79
N PHE E 196 -41.86 4.10 -8.21
CA PHE E 196 -40.94 5.15 -7.81
C PHE E 196 -39.86 5.43 -8.84
N ASN E 197 -39.46 6.71 -8.98
CA ASN E 197 -38.26 7.14 -9.69
C ASN E 197 -37.37 8.03 -8.80
N GLY E 198 -36.07 8.02 -9.06
CA GLY E 198 -35.02 8.48 -8.14
C GLY E 198 -34.91 9.97 -7.84
N THR E 199 -35.92 10.79 -8.13
CA THR E 199 -35.87 12.24 -7.86
C THR E 199 -37.21 12.78 -7.35
N GLY E 200 -37.17 13.59 -6.28
CA GLY E 200 -38.34 13.93 -5.47
C GLY E 200 -38.57 12.96 -4.30
N LEU E 201 -39.74 13.05 -3.70
CA LEU E 201 -40.16 12.26 -2.55
C LEU E 201 -40.37 10.78 -2.92
N CYS E 202 -40.04 9.88 -2.00
CA CYS E 202 -40.62 8.53 -1.93
C CYS E 202 -41.53 8.52 -0.70
N LYS E 203 -42.81 8.16 -0.85
CA LYS E 203 -43.75 8.22 0.29
C LYS E 203 -43.54 7.08 1.29
N ASN E 204 -43.21 5.86 0.80
CA ASN E 204 -43.01 4.66 1.64
C ASN E 204 -41.51 4.41 1.65
N VAL E 205 -40.89 4.15 2.80
CA VAL E 205 -39.43 4.17 2.92
C VAL E 205 -38.99 3.19 4.02
N SER E 206 -37.69 2.88 4.10
CA SER E 206 -37.08 2.15 5.22
C SER E 206 -35.62 2.51 5.39
N THR E 207 -34.96 2.00 6.43
CA THR E 207 -33.50 2.13 6.63
C THR E 207 -32.83 0.80 6.90
N VAL E 208 -31.60 0.63 6.42
CA VAL E 208 -30.74 -0.51 6.68
C VAL E 208 -29.31 -0.01 6.85
N GLN E 209 -28.49 -0.71 7.63
CA GLN E 209 -27.07 -0.38 7.73
C GLN E 209 -26.32 -0.68 6.43
N CYS E 210 -26.79 -1.67 5.68
CA CYS E 210 -26.12 -2.22 4.52
C CYS E 210 -27.11 -2.60 3.42
N THR E 211 -26.81 -2.25 2.18
CA THR E 211 -27.69 -2.47 1.04
C THR E 211 -28.07 -3.95 0.92
N HIS E 212 -29.28 -4.18 0.39
CA HIS E 212 -29.67 -5.55 -0.02
C HIS E 212 -28.69 -5.81 -1.16
N GLY E 213 -28.47 -7.05 -1.57
CA GLY E 213 -27.41 -7.30 -2.55
C GLY E 213 -27.56 -6.41 -3.75
N ILE E 214 -26.50 -5.69 -4.12
CA ILE E 214 -26.50 -4.89 -5.37
C ILE E 214 -25.65 -5.78 -6.21
N LYS E 215 -26.07 -6.08 -7.42
CA LYS E 215 -25.19 -6.87 -8.28
C LYS E 215 -23.98 -5.97 -8.36
N PRO E 216 -22.76 -6.51 -8.36
CA PRO E 216 -21.67 -5.81 -8.96
C PRO E 216 -22.06 -5.82 -10.42
N VAL E 217 -23.08 -6.56 -10.78
CA VAL E 217 -23.63 -6.42 -12.15
C VAL E 217 -22.47 -6.69 -13.11
N VAL E 218 -22.14 -5.79 -14.05
CA VAL E 218 -21.09 -5.92 -15.09
C VAL E 218 -21.68 -5.42 -16.39
N SER E 219 -22.99 -5.17 -16.50
CA SER E 219 -23.55 -4.86 -17.82
C SER E 219 -22.84 -3.75 -18.60
N THR E 220 -23.15 -3.70 -19.90
CA THR E 220 -22.69 -2.64 -20.81
C THR E 220 -23.84 -1.84 -21.41
N GLN E 221 -24.89 -2.48 -21.97
CA GLN E 221 -26.08 -1.80 -22.55
C GLN E 221 -27.40 -2.21 -21.91
N LEU E 222 -27.62 -3.52 -21.72
CA LEU E 222 -28.82 -4.07 -21.08
C LEU E 222 -28.46 -4.45 -19.64
N LEU E 223 -29.34 -4.12 -18.71
CA LEU E 223 -29.23 -4.55 -17.31
C LEU E 223 -29.32 -6.06 -17.29
N LEU E 224 -28.30 -6.69 -16.71
CA LEU E 224 -28.29 -8.10 -16.43
C LEU E 224 -28.40 -8.29 -14.95
N ASN E 225 -29.05 -9.37 -14.53
CA ASN E 225 -29.07 -9.84 -13.15
C ASN E 225 -29.74 -8.92 -12.11
N GLY E 226 -29.84 -7.60 -12.35
CA GLY E 226 -30.53 -6.65 -11.47
C GLY E 226 -32.03 -6.94 -11.40
N SER E 227 -32.61 -6.84 -10.21
CA SER E 227 -33.98 -7.22 -9.90
C SER E 227 -35.07 -6.43 -10.63
N LEU E 228 -36.30 -6.94 -10.59
CA LEU E 228 -37.52 -6.38 -11.20
C LEU E 228 -38.23 -5.36 -10.31
N ALA E 229 -39.13 -4.58 -10.90
CA ALA E 229 -40.08 -3.73 -10.17
C ALA E 229 -41.43 -4.44 -9.92
N GLU E 230 -42.48 -3.66 -9.68
CA GLU E 230 -43.90 -4.03 -9.53
C GLU E 230 -44.77 -2.79 -9.85
N LYS E 231 -46.10 -2.96 -9.97
CA LYS E 231 -47.14 -2.00 -10.36
C LYS E 231 -47.10 -1.61 -11.83
N ASN E 232 -45.94 -1.13 -12.29
CA ASN E 232 -45.68 -0.75 -13.66
C ASN E 232 -44.21 -1.05 -14.00
N ILE E 233 -43.89 -1.12 -15.29
CA ILE E 233 -42.51 -0.97 -15.74
C ILE E 233 -42.01 0.40 -15.30
N THR E 234 -40.71 0.50 -15.05
CA THR E 234 -40.11 1.66 -14.40
C THR E 234 -39.03 2.28 -15.28
N ILE E 235 -38.96 3.61 -15.26
CA ILE E 235 -38.04 4.44 -16.03
C ILE E 235 -37.32 5.35 -15.06
N ARG E 236 -36.01 5.55 -15.24
CA ARG E 236 -35.22 6.49 -14.42
C ARG E 236 -34.26 7.27 -15.31
N SER E 237 -34.18 8.58 -15.13
CA SER E 237 -33.26 9.42 -15.89
C SER E 237 -32.95 10.70 -15.14
N GLU E 238 -31.79 11.31 -15.41
CA GLU E 238 -31.35 12.51 -14.73
C GLU E 238 -32.32 13.66 -15.00
N ASN E 239 -32.60 13.82 -16.29
CA ASN E 239 -33.51 14.89 -16.79
C ASN E 239 -33.95 14.36 -18.15
N ILE E 240 -35.19 13.94 -18.32
CA ILE E 240 -35.65 13.28 -19.55
C ILE E 240 -35.62 14.20 -20.77
N THR E 241 -35.61 15.52 -20.57
CA THR E 241 -35.52 16.49 -21.66
C THR E 241 -34.11 16.60 -22.25
N ASN E 242 -33.06 16.19 -21.53
CA ASN E 242 -31.76 15.93 -22.15
C ASN E 242 -31.84 14.61 -22.92
N ASN E 243 -32.24 14.70 -24.20
CA ASN E 243 -32.42 13.51 -25.02
C ASN E 243 -31.16 12.64 -25.06
N ALA E 244 -29.99 13.26 -25.05
CA ALA E 244 -28.73 12.55 -25.13
C ALA E 244 -28.43 11.72 -23.87
N LYS E 245 -28.70 12.23 -22.66
CA LYS E 245 -28.29 11.58 -21.42
C LYS E 245 -29.14 10.38 -21.06
N ILE E 246 -28.56 9.45 -20.31
CA ILE E 246 -29.06 8.08 -20.21
C ILE E 246 -30.46 8.01 -19.62
N ILE E 247 -31.23 7.07 -20.16
CA ILE E 247 -32.51 6.62 -19.64
C ILE E 247 -32.38 5.16 -19.24
N ILE E 248 -32.70 4.81 -17.99
CA ILE E 248 -32.72 3.43 -17.54
C ILE E 248 -34.16 2.94 -17.57
N VAL E 249 -34.37 1.71 -18.03
CA VAL E 249 -35.60 0.96 -17.85
C VAL E 249 -35.30 -0.23 -16.97
N GLN E 250 -36.11 -0.45 -15.95
CA GLN E 250 -36.11 -1.70 -15.20
C GLN E 250 -37.48 -2.36 -15.39
N LEU E 251 -37.47 -3.61 -15.85
CA LEU E 251 -38.68 -4.33 -16.24
C LEU E 251 -39.50 -4.81 -15.04
N VAL E 252 -40.81 -4.96 -15.23
CA VAL E 252 -41.74 -5.62 -14.30
C VAL E 252 -41.76 -7.14 -14.47
N GLN E 253 -41.02 -7.63 -15.46
CA GLN E 253 -40.99 -9.02 -15.93
C GLN E 253 -39.54 -9.38 -16.28
N PRO E 254 -39.05 -10.58 -15.95
CA PRO E 254 -37.70 -10.97 -16.31
C PRO E 254 -37.70 -11.54 -17.73
N VAL E 255 -36.51 -11.59 -18.31
CA VAL E 255 -36.23 -12.26 -19.57
C VAL E 255 -34.88 -12.94 -19.40
N THR E 256 -34.62 -14.06 -20.05
CA THR E 256 -33.40 -14.85 -19.78
C THR E 256 -32.67 -15.18 -21.08
N ILE E 257 -31.34 -15.06 -21.07
CA ILE E 257 -30.45 -15.25 -22.21
C ILE E 257 -29.32 -16.23 -21.83
N LYS E 258 -29.06 -17.18 -22.74
CA LYS E 258 -28.14 -18.30 -22.56
C LYS E 258 -27.10 -18.32 -23.68
N CYS E 259 -26.39 -17.21 -23.89
CA CYS E 259 -25.39 -17.14 -24.95
C CYS E 259 -24.35 -18.26 -24.83
N ILE E 260 -23.87 -18.76 -25.95
CA ILE E 260 -22.98 -19.91 -26.03
C ILE E 260 -21.82 -19.62 -26.98
N ARG E 261 -20.61 -20.04 -26.60
CA ARG E 261 -19.53 -20.29 -27.55
C ARG E 261 -19.72 -21.71 -28.11
N PRO E 262 -20.18 -21.90 -29.36
CA PRO E 262 -20.46 -23.24 -29.90
C PRO E 262 -19.20 -24.08 -30.19
N ASN E 263 -18.03 -23.54 -29.89
CA ASN E 263 -16.72 -24.08 -30.25
C ASN E 263 -16.02 -24.64 -29.00
N ASN E 264 -15.60 -25.90 -29.07
CA ASN E 264 -14.97 -26.66 -27.99
C ASN E 264 -13.54 -26.15 -27.80
N ASN E 265 -13.39 -25.07 -27.04
CA ASN E 265 -12.16 -24.30 -26.96
C ASN E 265 -11.65 -24.25 -25.52
N THR E 266 -10.33 -24.20 -25.37
CA THR E 266 -9.63 -24.74 -24.20
C THR E 266 -8.44 -23.91 -23.74
N ARG E 267 -8.06 -24.07 -22.47
CA ARG E 267 -6.85 -23.49 -21.90
C ARG E 267 -5.61 -24.31 -22.33
N LYS E 268 -4.93 -23.90 -23.40
CA LYS E 268 -3.50 -24.20 -23.56
C LYS E 268 -2.71 -23.25 -22.66
N SER E 269 -1.50 -23.61 -22.26
CA SER E 269 -0.71 -22.79 -21.34
C SER E 269 0.76 -22.75 -21.72
N ILE E 270 1.35 -21.57 -21.60
CA ILE E 270 2.76 -21.31 -21.89
C ILE E 270 3.37 -20.36 -20.87
N ARG E 271 4.60 -20.61 -20.49
CA ARG E 271 5.29 -19.86 -19.45
C ARG E 271 6.09 -18.75 -20.12
N ILE E 272 5.49 -17.56 -20.19
CA ILE E 272 6.06 -16.34 -20.77
C ILE E 272 7.03 -15.67 -19.80
N GLY E 273 8.03 -16.43 -19.34
CA GLY E 273 8.86 -16.12 -18.19
C GLY E 273 8.65 -17.16 -17.07
N PRO E 274 9.59 -17.26 -16.13
CA PRO E 274 9.70 -18.41 -15.22
C PRO E 274 8.59 -18.55 -14.17
N GLY E 275 7.90 -17.46 -13.82
CA GLY E 275 6.72 -17.46 -12.94
C GLY E 275 5.43 -17.03 -13.63
N GLN E 276 5.43 -16.94 -14.96
CA GLN E 276 4.42 -16.20 -15.71
C GLN E 276 3.62 -17.13 -16.63
N ALA E 277 2.58 -17.76 -16.09
CA ALA E 277 1.70 -18.66 -16.83
C ALA E 277 0.64 -17.88 -17.64
N PHE E 278 0.76 -17.92 -18.95
CA PHE E 278 -0.19 -17.35 -19.90
C PHE E 278 -1.09 -18.41 -20.51
N TYR E 279 -2.36 -18.08 -20.70
CA TYR E 279 -3.35 -18.99 -21.25
C TYR E 279 -3.64 -18.67 -22.71
N ALA E 280 -3.09 -19.54 -23.54
CA ALA E 280 -3.32 -19.61 -24.96
C ALA E 280 -4.61 -20.38 -25.28
N THR E 281 -5.27 -20.00 -26.36
CA THR E 281 -6.62 -20.45 -26.70
C THR E 281 -6.54 -21.67 -27.61
N GLY E 282 -6.69 -22.88 -27.07
CA GLY E 282 -6.58 -24.14 -27.81
C GLY E 282 -7.90 -24.58 -28.49
N ASP E 283 -7.87 -24.85 -29.79
CA ASP E 283 -9.04 -25.26 -30.56
C ASP E 283 -9.51 -26.70 -30.26
N ILE E 284 -10.61 -27.14 -30.88
CA ILE E 284 -11.20 -28.48 -30.79
C ILE E 284 -10.15 -29.59 -30.94
N ASP E 287 -16.96 -28.27 -35.91
CA ASP E 287 -16.79 -27.15 -36.84
C ASP E 287 -16.92 -25.80 -36.11
N ILE E 288 -16.38 -24.72 -36.67
CA ILE E 288 -16.29 -23.44 -35.99
C ILE E 288 -17.42 -22.50 -36.42
N ARG E 289 -18.23 -22.05 -35.45
CA ARG E 289 -19.39 -21.16 -35.65
C ARG E 289 -19.35 -19.94 -34.73
N GLN E 290 -20.04 -18.88 -35.11
CA GLN E 290 -20.14 -17.64 -34.35
C GLN E 290 -20.96 -17.81 -33.07
N ALA E 291 -20.61 -17.10 -32.00
CA ALA E 291 -21.38 -17.12 -30.75
C ALA E 291 -22.81 -16.64 -30.98
N HIS E 292 -23.77 -17.25 -30.30
CA HIS E 292 -25.18 -16.91 -30.47
C HIS E 292 -25.93 -17.10 -29.16
N CYS E 293 -27.15 -16.60 -29.16
CA CYS E 293 -28.02 -16.60 -28.01
C CYS E 293 -29.44 -16.96 -28.42
N ASN E 294 -30.17 -17.59 -27.51
CA ASN E 294 -31.61 -17.84 -27.64
C ASN E 294 -32.35 -16.93 -26.64
N VAL E 295 -33.21 -16.06 -27.17
CA VAL E 295 -34.28 -15.35 -26.45
C VAL E 295 -35.44 -15.23 -27.42
N SER E 296 -36.50 -16.01 -27.21
CA SER E 296 -37.55 -16.11 -28.23
C SER E 296 -38.35 -14.81 -28.36
N ARG E 297 -38.53 -14.34 -29.59
CA ARG E 297 -38.89 -12.95 -29.91
C ARG E 297 -40.13 -12.46 -29.18
N SER E 298 -41.20 -13.24 -29.18
CA SER E 298 -42.53 -12.72 -28.82
C SER E 298 -42.65 -12.25 -27.36
N ARG E 299 -41.94 -12.88 -26.42
CA ARG E 299 -41.91 -12.44 -25.01
C ARG E 299 -41.32 -11.03 -24.90
N TRP E 300 -40.16 -10.84 -25.52
CA TRP E 300 -39.51 -9.54 -25.62
C TRP E 300 -40.38 -8.53 -26.34
N ASN E 301 -40.92 -8.90 -27.50
CA ASN E 301 -41.70 -8.02 -28.34
C ASN E 301 -42.87 -7.41 -27.54
N LYS E 302 -43.72 -8.23 -26.92
CA LYS E 302 -44.85 -7.68 -26.14
C LYS E 302 -44.40 -7.09 -24.79
N THR E 303 -43.22 -7.44 -24.28
CA THR E 303 -42.61 -6.71 -23.16
C THR E 303 -42.31 -5.28 -23.56
N LEU E 304 -41.61 -5.09 -24.67
CA LEU E 304 -41.28 -3.78 -25.20
C LEU E 304 -42.54 -2.98 -25.53
N GLN E 305 -43.58 -3.64 -26.02
CA GLN E 305 -44.86 -2.97 -26.24
C GLN E 305 -45.32 -2.23 -24.98
N GLU E 306 -45.17 -2.83 -23.80
CA GLU E 306 -45.48 -2.15 -22.55
C GLU E 306 -44.39 -1.14 -22.12
N VAL E 307 -43.11 -1.39 -22.38
CA VAL E 307 -42.05 -0.39 -22.16
C VAL E 307 -42.39 0.90 -22.92
N ALA E 308 -42.79 0.77 -24.17
CA ALA E 308 -43.18 1.90 -25.01
C ALA E 308 -44.33 2.67 -24.37
N GLU E 309 -45.27 2.01 -23.72
CA GLU E 309 -46.35 2.71 -23.03
C GLU E 309 -45.83 3.53 -21.84
N LYS E 310 -44.92 3.00 -21.03
CA LYS E 310 -44.34 3.79 -19.93
C LYS E 310 -43.56 4.98 -20.47
N LEU E 311 -42.81 4.81 -21.56
CA LEU E 311 -42.20 5.92 -22.27
C LEU E 311 -43.24 6.93 -22.76
N ARG E 312 -44.32 6.51 -23.43
CA ARG E 312 -45.44 7.39 -23.81
C ARG E 312 -46.06 8.10 -22.62
N THR E 313 -46.00 7.56 -21.42
CA THR E 313 -46.56 8.21 -20.22
C THR E 313 -45.82 9.52 -19.93
N TYR E 314 -44.56 9.64 -20.34
CA TYR E 314 -43.89 10.95 -20.49
C TYR E 314 -44.36 11.67 -21.76
N PHE E 315 -44.20 11.02 -22.92
CA PHE E 315 -44.13 11.71 -24.22
C PHE E 315 -45.47 12.05 -24.91
N GLY E 316 -46.58 11.48 -24.45
CA GLY E 316 -47.85 11.48 -25.18
C GLY E 316 -47.87 10.44 -26.29
N ASN E 317 -48.95 10.42 -27.06
CA ASN E 317 -49.23 9.37 -28.05
C ASN E 317 -48.35 9.44 -29.32
N LYS E 318 -47.10 8.96 -29.23
CA LYS E 318 -46.17 8.69 -30.34
C LYS E 318 -46.06 7.20 -30.66
N THR E 319 -46.02 6.85 -31.94
CA THR E 319 -45.40 5.58 -32.36
C THR E 319 -43.90 5.66 -32.08
N ILE E 320 -43.36 4.61 -31.49
CA ILE E 320 -42.00 4.55 -30.96
C ILE E 320 -41.23 3.46 -31.69
N ILE E 321 -39.93 3.66 -31.89
CA ILE E 321 -39.00 2.63 -32.38
C ILE E 321 -37.87 2.46 -31.38
N PHE E 322 -37.41 1.23 -31.22
CA PHE E 322 -36.07 0.90 -30.72
C PHE E 322 -35.22 0.42 -31.90
N ALA E 323 -34.07 1.04 -32.09
CA ALA E 323 -33.15 0.79 -33.20
C ALA E 323 -31.73 0.54 -32.67
N ASN E 324 -30.80 0.11 -33.52
CA ASN E 324 -29.49 -0.35 -33.08
C ASN E 324 -28.59 0.79 -32.59
N SER E 325 -27.69 0.48 -31.66
CA SER E 325 -26.49 1.28 -31.46
C SER E 325 -25.60 1.18 -32.72
N SER E 326 -24.88 2.24 -33.07
CA SER E 326 -24.21 2.35 -34.38
C SER E 326 -23.03 3.32 -34.36
N GLY E 327 -22.09 3.16 -35.30
CA GLY E 327 -20.95 4.06 -35.53
C GLY E 327 -19.84 3.99 -34.49
N GLY E 328 -20.17 4.26 -33.23
CA GLY E 328 -19.21 4.34 -32.11
C GLY E 328 -18.50 3.02 -31.80
N ASP E 329 -17.51 3.09 -30.93
CA ASP E 329 -16.60 1.98 -30.59
C ASP E 329 -17.38 0.70 -30.24
N LEU E 330 -17.07 -0.41 -30.91
CA LEU E 330 -17.69 -1.70 -30.66
C LEU E 330 -17.64 -2.12 -29.19
N GLU E 331 -16.59 -1.75 -28.44
CA GLU E 331 -16.52 -1.98 -26.98
C GLU E 331 -17.75 -1.44 -26.24
N ILE E 332 -18.35 -0.38 -26.77
CA ILE E 332 -19.58 0.26 -26.27
C ILE E 332 -20.78 -0.18 -27.09
N THR E 333 -20.69 -0.15 -28.41
CA THR E 333 -21.90 -0.17 -29.25
C THR E 333 -22.48 -1.56 -29.45
N THR E 334 -21.81 -2.62 -29.05
CA THR E 334 -22.47 -3.91 -28.81
C THR E 334 -22.90 -4.07 -27.36
N HIS E 335 -23.97 -4.83 -27.09
CA HIS E 335 -24.24 -5.24 -25.71
C HIS E 335 -23.17 -6.23 -25.28
N SER E 336 -22.76 -6.16 -24.01
CA SER E 336 -21.53 -6.78 -23.57
C SER E 336 -21.48 -7.08 -22.07
N PHE E 337 -20.97 -8.26 -21.75
CA PHE E 337 -20.88 -8.81 -20.40
C PHE E 337 -19.92 -10.00 -20.36
N ASN E 338 -19.48 -10.40 -19.17
CA ASN E 338 -18.76 -11.65 -18.98
C ASN E 338 -19.74 -12.84 -18.88
N CYS E 339 -19.29 -14.01 -19.32
CA CYS E 339 -19.75 -15.29 -18.80
C CYS E 339 -18.51 -16.11 -18.47
N GLY E 340 -18.49 -16.71 -17.28
CA GLY E 340 -17.32 -17.43 -16.79
C GLY E 340 -16.14 -16.48 -16.61
N GLY E 341 -15.26 -16.44 -17.61
CA GLY E 341 -14.13 -15.52 -17.69
C GLY E 341 -13.86 -14.95 -19.09
N GLU E 342 -14.82 -14.97 -20.02
CA GLU E 342 -14.67 -14.44 -21.38
C GLU E 342 -15.81 -13.49 -21.74
N PHE E 343 -15.54 -12.55 -22.63
CA PHE E 343 -16.38 -11.38 -22.81
C PHE E 343 -17.09 -11.39 -24.15
N PHE E 344 -18.38 -11.09 -24.10
CA PHE E 344 -19.26 -11.11 -25.25
C PHE E 344 -19.58 -9.69 -25.71
N TYR E 345 -19.86 -9.54 -27.00
CA TYR E 345 -20.04 -8.28 -27.70
C TYR E 345 -21.03 -8.51 -28.83
N CYS E 346 -22.31 -8.35 -28.53
CA CYS E 346 -23.40 -8.80 -29.38
C CYS E 346 -24.04 -7.67 -30.18
N ASN E 347 -24.36 -7.95 -31.45
CA ASN E 347 -24.94 -7.03 -32.41
C ASN E 347 -26.39 -6.76 -32.01
N THR E 348 -26.63 -5.88 -31.05
CA THR E 348 -27.88 -5.82 -30.28
C THR E 348 -29.10 -5.46 -31.14
N SER E 349 -28.86 -4.95 -32.35
CA SER E 349 -29.80 -4.78 -33.46
C SER E 349 -30.86 -5.88 -33.54
N GLY E 350 -30.49 -7.16 -33.43
CA GLY E 350 -31.44 -8.27 -33.56
C GLY E 350 -32.54 -8.28 -32.49
N LEU E 351 -32.35 -7.54 -31.41
CA LEU E 351 -33.29 -7.37 -30.30
C LEU E 351 -33.78 -5.91 -30.19
N PHE E 352 -33.27 -5.02 -31.04
CA PHE E 352 -33.54 -3.60 -31.09
C PHE E 352 -33.61 -3.12 -32.56
N ASN E 353 -34.66 -3.52 -33.26
CA ASN E 353 -34.95 -3.14 -34.65
C ASN E 353 -36.46 -3.28 -34.80
N SER E 354 -37.21 -2.46 -34.09
CA SER E 354 -38.58 -2.81 -33.73
C SER E 354 -39.46 -1.58 -33.48
N THR E 355 -40.76 -1.71 -33.74
CA THR E 355 -41.68 -0.58 -33.94
C THR E 355 -42.96 -0.75 -33.13
N TRP E 356 -43.49 0.35 -32.58
CA TRP E 356 -44.41 0.33 -31.47
C TRP E 356 -45.51 1.37 -31.63
N TYR E 357 -46.58 0.99 -32.32
CA TYR E 357 -47.73 1.85 -32.53
C TYR E 357 -48.53 2.14 -31.24
N VAL E 358 -49.44 3.10 -31.29
CA VAL E 358 -50.40 3.36 -30.20
C VAL E 358 -51.65 2.49 -30.33
N ASN E 359 -52.20 2.37 -31.54
CA ASN E 359 -53.51 1.75 -31.78
C ASN E 359 -53.52 0.21 -31.77
N SER E 360 -54.43 -0.37 -30.97
CA SER E 360 -54.81 -1.81 -30.91
C SER E 360 -53.66 -2.81 -31.12
N THR E 361 -52.51 -2.57 -30.48
CA THR E 361 -51.27 -3.33 -30.71
C THR E 361 -51.30 -4.72 -30.09
N THR E 376 -32.46 -13.95 -29.18
CA THR E 376 -32.33 -14.24 -30.62
C THR E 376 -31.03 -13.66 -31.22
N LEU E 377 -30.22 -12.94 -30.45
CA LEU E 377 -28.99 -12.28 -30.91
C LEU E 377 -27.92 -13.22 -31.48
N PRO E 378 -27.31 -12.89 -32.62
CA PRO E 378 -25.95 -13.32 -32.96
C PRO E 378 -24.90 -12.43 -32.26
N CYS E 379 -23.71 -12.96 -32.00
CA CYS E 379 -22.71 -12.31 -31.15
C CYS E 379 -21.24 -12.61 -31.49
N ARG E 380 -20.32 -11.70 -31.14
CA ARG E 380 -18.87 -11.91 -31.20
C ARG E 380 -18.26 -12.05 -29.80
N ILE E 381 -17.24 -12.88 -29.65
CA ILE E 381 -16.42 -12.95 -28.42
C ILE E 381 -15.21 -12.05 -28.60
N LYS E 382 -14.58 -11.62 -27.51
CA LYS E 382 -13.27 -10.95 -27.52
C LYS E 382 -12.43 -11.43 -26.36
N GLN E 383 -11.10 -11.35 -26.45
CA GLN E 383 -10.21 -11.68 -25.35
C GLN E 383 -9.65 -10.40 -24.74
N ILE E 384 -9.07 -9.52 -25.54
CA ILE E 384 -8.68 -8.20 -25.04
C ILE E 384 -9.93 -7.35 -24.81
N ILE E 385 -10.00 -6.65 -23.68
CA ILE E 385 -11.00 -5.62 -23.42
C ILE E 385 -10.35 -4.37 -22.83
N ASN E 386 -10.98 -3.23 -23.03
CA ASN E 386 -10.61 -1.92 -22.48
C ASN E 386 -11.63 -1.47 -21.42
N MET E 387 -11.75 -2.23 -20.33
CA MET E 387 -12.88 -2.06 -19.41
C MET E 387 -12.84 -0.70 -18.69
N TRP E 388 -14.03 -0.14 -18.48
CA TRP E 388 -14.24 1.23 -18.00
C TRP E 388 -13.64 2.34 -18.87
N GLN E 389 -13.25 1.99 -20.10
CA GLN E 389 -12.80 2.91 -21.14
C GLN E 389 -11.53 3.72 -20.76
N ARG E 390 -10.77 3.25 -19.78
CA ARG E 390 -9.49 3.83 -19.34
C ARG E 390 -8.43 3.75 -20.45
N ALA E 391 -7.42 4.61 -20.37
CA ALA E 391 -6.17 4.40 -21.09
C ALA E 391 -5.29 3.37 -20.35
N GLY E 392 -4.42 2.66 -21.08
CA GLY E 392 -3.57 1.63 -20.48
C GLY E 392 -4.38 0.47 -19.89
N GLN E 393 -3.75 -0.35 -19.05
CA GLN E 393 -4.39 -1.36 -18.19
C GLN E 393 -5.41 -2.24 -18.91
N CYS E 394 -5.05 -2.68 -20.11
CA CYS E 394 -5.84 -3.64 -20.86
C CYS E 394 -5.93 -4.95 -20.07
N MET E 395 -7.05 -5.65 -20.25
CA MET E 395 -7.18 -7.02 -19.79
C MET E 395 -7.36 -7.98 -20.96
N TYR E 396 -6.46 -8.95 -21.10
CA TYR E 396 -6.66 -10.11 -21.94
C TYR E 396 -7.32 -11.19 -21.08
N ALA E 397 -8.56 -11.49 -21.41
CA ALA E 397 -9.35 -12.48 -20.69
C ALA E 397 -8.76 -13.87 -20.86
N PRO E 398 -8.77 -14.69 -19.80
CA PRO E 398 -8.30 -16.05 -19.90
C PRO E 398 -9.28 -16.84 -20.77
N PRO E 399 -8.84 -17.51 -21.83
CA PRO E 399 -9.69 -18.46 -22.51
C PRO E 399 -10.12 -19.56 -21.53
N ILE E 400 -11.41 -19.68 -21.28
CA ILE E 400 -11.97 -20.58 -20.29
C ILE E 400 -11.96 -22.01 -20.84
N PRO E 401 -11.65 -23.01 -20.01
CA PRO E 401 -11.86 -24.40 -20.35
C PRO E 401 -13.36 -24.75 -20.27
N GLY E 402 -14.08 -24.55 -21.37
CA GLY E 402 -15.50 -24.90 -21.47
C GLY E 402 -16.09 -24.59 -22.83
N VAL E 403 -17.06 -25.36 -23.29
CA VAL E 403 -18.06 -24.86 -24.25
C VAL E 403 -18.93 -23.87 -23.49
N ILE E 404 -18.46 -22.62 -23.39
CA ILE E 404 -18.98 -21.67 -22.40
C ILE E 404 -20.42 -21.27 -22.69
N LYS E 405 -21.19 -21.17 -21.61
CA LYS E 405 -22.64 -20.90 -21.54
C LYS E 405 -22.91 -19.82 -20.48
N CYS E 406 -24.10 -19.23 -20.42
CA CYS E 406 -24.33 -17.98 -19.68
C CYS E 406 -25.47 -17.92 -18.63
N GLU E 407 -26.58 -18.65 -18.79
CA GLU E 407 -27.67 -18.77 -17.79
C GLU E 407 -28.01 -17.47 -17.01
N SER E 408 -28.53 -16.43 -17.66
CA SER E 408 -28.68 -15.11 -16.99
C SER E 408 -29.88 -14.28 -17.42
N ASN E 409 -30.36 -13.41 -16.53
CA ASN E 409 -31.53 -12.58 -16.74
C ASN E 409 -31.18 -11.24 -17.38
N ILE E 410 -31.73 -10.93 -18.56
CA ILE E 410 -31.90 -9.54 -19.02
C ILE E 410 -33.07 -8.96 -18.25
N THR E 411 -32.92 -7.77 -17.68
CA THR E 411 -33.91 -7.21 -16.75
C THR E 411 -34.20 -5.73 -16.93
N GLY E 412 -33.57 -5.10 -17.92
CA GLY E 412 -33.68 -3.66 -18.11
C GLY E 412 -32.78 -3.14 -19.22
N LEU E 413 -32.98 -1.88 -19.57
CA LEU E 413 -32.50 -1.27 -20.80
C LEU E 413 -31.83 0.09 -20.50
N LEU E 414 -30.59 0.32 -20.91
CA LEU E 414 -30.03 1.66 -20.99
C LEU E 414 -30.41 2.26 -22.33
N LEU E 415 -31.57 2.91 -22.37
CA LEU E 415 -32.01 3.63 -23.55
C LEU E 415 -31.33 4.99 -23.65
N THR E 416 -31.19 5.44 -24.89
CA THR E 416 -30.89 6.82 -25.26
C THR E 416 -31.96 7.26 -26.24
N ARG E 417 -32.62 8.42 -26.04
CA ARG E 417 -33.70 8.91 -26.91
C ARG E 417 -33.12 9.82 -27.98
N ASP E 418 -33.60 9.71 -29.21
CA ASP E 418 -32.98 10.38 -30.36
C ASP E 418 -32.82 11.87 -30.11
N GLY E 419 -31.58 12.35 -30.19
CA GLY E 419 -31.28 13.75 -29.98
C GLY E 419 -32.04 14.65 -30.95
N GLY E 420 -32.35 14.14 -32.14
CA GLY E 420 -33.23 14.80 -33.07
C GLY E 420 -34.62 14.97 -32.48
N LYS E 421 -34.97 16.19 -32.11
CA LYS E 421 -36.26 16.49 -31.50
C LYS E 421 -37.45 16.24 -32.42
N ASP E 422 -37.20 16.28 -33.73
CA ASP E 422 -37.95 15.62 -34.80
C ASP E 422 -39.47 15.61 -34.58
N ASN E 423 -40.00 16.82 -34.61
CA ASN E 423 -41.22 17.25 -33.93
C ASN E 423 -42.42 16.30 -34.05
N ASN E 424 -42.78 15.64 -32.96
CA ASN E 424 -44.11 15.16 -32.63
C ASN E 424 -44.76 14.22 -33.65
N VAL E 425 -44.04 13.20 -34.10
CA VAL E 425 -44.59 12.16 -35.00
C VAL E 425 -44.07 10.77 -34.68
N ASN E 426 -42.79 10.64 -34.34
CA ASN E 426 -42.08 9.37 -34.54
C ASN E 426 -40.92 9.13 -33.55
N GLU E 427 -40.84 9.92 -32.47
CA GLU E 427 -39.69 9.96 -31.55
C GLU E 427 -39.34 8.58 -30.96
N THR E 428 -38.06 8.36 -30.67
CA THR E 428 -37.49 6.99 -30.72
C THR E 428 -36.21 6.85 -29.89
N PHE E 429 -35.65 5.64 -29.78
CA PHE E 429 -34.52 5.33 -28.90
C PHE E 429 -33.53 4.34 -29.51
N ARG E 430 -32.29 4.38 -29.03
CA ARG E 430 -31.25 3.38 -29.26
C ARG E 430 -30.66 2.96 -27.92
N PRO E 431 -30.29 1.69 -27.71
CA PRO E 431 -29.60 1.31 -26.50
C PRO E 431 -28.18 1.84 -26.56
N GLY E 432 -27.60 2.14 -25.41
CA GLY E 432 -26.24 2.67 -25.31
C GLY E 432 -25.51 2.20 -24.07
N GLY E 433 -24.19 2.37 -24.09
CA GLY E 433 -23.32 2.12 -22.94
C GLY E 433 -22.81 3.40 -22.32
N GLY E 434 -23.69 4.39 -22.18
CA GLY E 434 -23.32 5.81 -22.04
C GLY E 434 -22.51 6.15 -20.79
N ASP E 435 -22.73 5.44 -19.69
CA ASP E 435 -21.77 5.34 -18.60
C ASP E 435 -21.91 4.02 -17.85
N MET E 436 -20.82 3.35 -17.53
CA MET E 436 -20.85 2.20 -16.65
C MET E 436 -21.26 2.60 -15.22
N ARG E 437 -21.06 3.86 -14.83
CA ARG E 437 -21.76 4.44 -13.66
C ARG E 437 -23.26 4.19 -13.74
N ASP E 438 -23.82 4.36 -14.91
CA ASP E 438 -25.25 4.20 -15.13
C ASP E 438 -25.63 2.72 -15.21
N ASN E 439 -24.71 1.87 -15.66
CA ASN E 439 -24.87 0.43 -15.45
C ASN E 439 -24.97 0.09 -13.97
N TRP E 440 -24.33 0.80 -13.04
CA TRP E 440 -24.58 0.61 -11.60
C TRP E 440 -25.87 1.28 -11.10
N ARG E 441 -26.22 2.46 -11.64
CA ARG E 441 -27.41 3.20 -11.21
C ARG E 441 -28.66 2.32 -11.21
N SER E 442 -28.72 1.41 -12.18
CA SER E 442 -29.65 0.29 -12.33
C SER E 442 -30.29 -0.27 -11.06
N GLU E 443 -29.49 -0.53 -10.04
CA GLU E 443 -29.94 -1.03 -8.75
C GLU E 443 -29.66 -0.02 -7.63
N LEU E 444 -28.60 0.78 -7.73
CA LEU E 444 -28.26 1.78 -6.72
C LEU E 444 -29.41 2.73 -6.39
N TYR E 445 -30.27 3.03 -7.35
CA TYR E 445 -31.31 4.07 -7.28
C TYR E 445 -32.13 4.06 -6.00
N LYS E 446 -32.36 2.89 -5.39
CA LYS E 446 -33.19 2.77 -4.20
C LYS E 446 -32.50 3.23 -2.92
N TYR E 447 -31.16 3.36 -2.89
CA TYR E 447 -30.39 3.61 -1.67
C TYR E 447 -29.90 5.04 -1.59
N LYS E 448 -30.33 5.76 -0.57
CA LYS E 448 -29.76 7.06 -0.23
C LYS E 448 -28.85 6.91 0.98
N VAL E 449 -27.55 7.02 0.75
CA VAL E 449 -26.52 7.01 1.79
C VAL E 449 -26.50 8.36 2.49
N VAL E 450 -26.55 8.36 3.81
CA VAL E 450 -26.73 9.59 4.61
C VAL E 450 -25.90 9.57 5.88
N LYS E 451 -25.45 10.74 6.35
CA LYS E 451 -24.96 10.91 7.72
C LYS E 451 -26.14 11.08 8.67
N ILE E 452 -26.02 10.59 9.90
CA ILE E 452 -26.93 10.90 11.01
C ILE E 452 -26.26 11.95 11.87
N GLU E 453 -26.96 13.02 12.23
CA GLU E 453 -26.46 14.03 13.16
C GLU E 453 -27.26 13.95 14.47
N PRO E 454 -26.66 13.59 15.61
CA PRO E 454 -27.39 13.26 16.85
C PRO E 454 -27.72 14.48 17.71
N LEU E 455 -27.93 15.63 17.10
CA LEU E 455 -27.76 16.94 17.69
C LEU E 455 -29.07 17.63 18.04
N GLY E 456 -29.91 16.92 18.78
CA GLY E 456 -31.33 17.23 18.94
C GLY E 456 -31.67 18.42 19.84
N VAL E 457 -31.38 19.64 19.40
CA VAL E 457 -31.80 20.85 20.11
C VAL E 457 -33.29 20.99 20.11
N ALA E 458 -33.82 21.38 21.26
CA ALA E 458 -35.23 21.63 21.44
C ALA E 458 -35.46 22.65 22.55
N PRO E 459 -36.59 23.35 22.54
CA PRO E 459 -37.09 23.97 23.74
C PRO E 459 -37.57 22.89 24.70
N THR E 460 -37.27 23.07 25.99
CA THR E 460 -38.01 22.46 27.12
C THR E 460 -37.83 23.42 28.31
N ARG E 461 -37.94 22.93 29.55
CA ARG E 461 -37.56 23.64 30.77
C ARG E 461 -36.73 22.70 31.65
N CYS E 462 -35.76 23.23 32.39
CA CYS E 462 -34.95 22.45 33.34
C CYS E 462 -34.13 23.36 34.29
N LYS E 463 -33.49 22.73 35.29
CA LYS E 463 -32.39 23.28 36.11
C LYS E 463 -31.38 22.18 36.39
N ARG E 464 -30.10 22.51 36.49
CA ARG E 464 -29.07 21.47 36.72
C ARG E 464 -29.28 20.74 38.05
N ARG E 465 -29.02 19.42 38.05
CA ARG E 465 -29.33 18.47 39.15
C ARG E 465 -28.67 18.86 40.48
N GLY F 10 -37.27 -1.67 20.60
CA GLY F 10 -37.19 -0.30 20.11
C GLY F 10 -36.57 -0.24 18.72
N PHE F 11 -37.21 0.45 17.77
CA PHE F 11 -36.76 0.61 16.37
C PHE F 11 -35.54 1.56 16.22
N LEU F 12 -34.84 1.51 15.07
CA LEU F 12 -33.95 2.58 14.60
C LEU F 12 -34.73 3.57 13.70
N GLY F 13 -34.17 4.76 13.43
CA GLY F 13 -34.87 5.81 12.71
C GLY F 13 -36.12 6.25 13.46
N ALA F 14 -37.31 5.93 12.93
CA ALA F 14 -38.63 6.22 13.50
C ALA F 14 -38.96 7.72 13.70
N ALA F 15 -38.36 8.63 12.95
CA ALA F 15 -38.48 10.08 13.13
C ALA F 15 -39.90 10.67 12.98
N GLY F 16 -40.77 9.94 12.28
CA GLY F 16 -42.19 10.29 12.11
C GLY F 16 -43.01 10.04 13.38
N SER F 17 -42.46 9.29 14.34
CA SER F 17 -42.94 9.36 15.72
C SER F 17 -42.81 10.80 16.18
N THR F 18 -43.87 11.34 16.79
CA THR F 18 -43.83 12.72 17.25
C THR F 18 -42.80 12.87 18.37
N MET F 19 -42.18 14.03 18.53
CA MET F 19 -40.85 14.08 19.14
C MET F 19 -40.77 13.45 20.53
N GLY F 20 -41.79 13.59 21.38
CA GLY F 20 -41.82 12.95 22.70
C GLY F 20 -41.92 11.43 22.60
N ALA F 21 -42.89 10.93 21.85
CA ALA F 21 -43.03 9.51 21.55
C ALA F 21 -41.78 8.95 20.86
N ALA F 22 -41.12 9.72 20.02
CA ALA F 22 -39.86 9.34 19.39
C ALA F 22 -38.82 9.06 20.47
N SER F 23 -38.75 9.89 21.51
CA SER F 23 -37.89 9.68 22.67
C SER F 23 -38.28 8.49 23.55
N ASN F 24 -39.34 7.73 23.26
CA ASN F 24 -39.45 6.36 23.81
C ASN F 24 -38.24 5.52 23.36
N THR F 25 -37.63 5.88 22.23
CA THR F 25 -36.35 5.36 21.74
C THR F 25 -35.30 6.46 21.79
N LEU F 26 -34.10 6.14 22.24
CA LEU F 26 -32.94 7.02 22.07
C LEU F 26 -31.65 6.22 21.91
N THR F 27 -31.42 5.32 22.85
CA THR F 27 -30.09 4.70 23.02
C THR F 27 -29.78 3.68 21.95
N VAL F 28 -30.78 3.01 21.38
CA VAL F 28 -30.54 2.10 20.25
C VAL F 28 -30.03 2.89 19.05
N GLN F 29 -30.54 4.09 18.80
CA GLN F 29 -29.94 4.99 17.82
C GLN F 29 -28.52 5.37 18.23
N ALA F 30 -28.27 5.62 19.53
CA ALA F 30 -26.93 5.96 19.99
C ALA F 30 -25.91 4.85 19.68
N ARG F 31 -26.30 3.58 19.84
CA ARG F 31 -25.45 2.44 19.45
C ARG F 31 -25.12 2.49 17.96
N GLN F 32 -26.11 2.77 17.11
CA GLN F 32 -25.92 2.94 15.66
C GLN F 32 -24.94 4.07 15.32
N LEU F 33 -24.71 5.03 16.23
CA LEU F 33 -23.71 6.07 15.97
C LEU F 33 -22.30 5.49 15.96
N LEU F 34 -22.05 4.43 16.74
CA LEU F 34 -20.72 3.94 17.01
C LEU F 34 -20.46 2.52 16.47
N SER F 35 -21.47 1.65 16.43
CA SER F 35 -21.35 0.29 15.91
C SER F 35 -22.51 -0.07 14.98
N GLY F 36 -22.25 -0.95 14.00
CA GLY F 36 -23.18 -1.21 12.89
C GLY F 36 -24.46 -1.97 13.26
N ILE F 37 -24.51 -2.62 14.42
CA ILE F 37 -25.64 -3.44 14.91
C ILE F 37 -26.27 -4.30 13.81
N LYS F 56 0.66 -7.10 4.11
CA LYS F 56 0.24 -6.35 2.92
C LYS F 56 -1.06 -5.57 3.16
N LEU F 57 -1.14 -4.38 2.57
CA LEU F 57 -2.38 -3.62 2.43
C LEU F 57 -3.22 -4.10 1.23
N THR F 58 -4.50 -3.80 1.22
CA THR F 58 -5.41 -4.11 0.10
C THR F 58 -6.57 -3.10 0.08
N VAL F 59 -7.22 -2.91 -1.07
CA VAL F 59 -8.32 -1.95 -1.29
C VAL F 59 -9.47 -1.99 -0.26
N TRP F 60 -10.19 -3.10 -0.07
CA TRP F 60 -11.26 -3.14 0.92
C TRP F 60 -10.76 -2.95 2.36
N GLY F 61 -9.52 -3.34 2.66
CA GLY F 61 -8.89 -3.14 3.96
C GLY F 61 -8.58 -1.67 4.26
N ILE F 62 -8.07 -0.91 3.30
CA ILE F 62 -7.86 0.53 3.48
C ILE F 62 -9.19 1.29 3.57
N LYS F 63 -10.21 0.84 2.84
CA LYS F 63 -11.59 1.35 2.92
C LYS F 63 -12.19 1.10 4.29
N GLN F 64 -12.10 -0.11 4.84
CA GLN F 64 -12.52 -0.40 6.22
C GLN F 64 -11.82 0.51 7.23
N LEU F 65 -10.49 0.62 7.14
CA LEU F 65 -9.69 1.43 8.05
C LEU F 65 -10.13 2.88 8.03
N GLN F 66 -10.21 3.47 6.84
CA GLN F 66 -10.70 4.84 6.65
C GLN F 66 -12.13 5.02 7.16
N ALA F 67 -13.03 4.09 6.84
CA ALA F 67 -14.42 4.13 7.29
C ALA F 67 -14.52 4.16 8.82
N ARG F 68 -13.81 3.26 9.49
CA ARG F 68 -13.84 3.16 10.95
C ARG F 68 -13.34 4.43 11.58
N VAL F 69 -12.24 4.97 11.08
CA VAL F 69 -11.73 6.24 11.58
C VAL F 69 -12.73 7.37 11.38
N LEU F 70 -13.34 7.51 10.21
CA LEU F 70 -14.32 8.59 9.98
C LEU F 70 -15.53 8.49 10.92
N ALA F 71 -16.05 7.28 11.11
CA ALA F 71 -17.13 7.04 12.06
C ALA F 71 -16.67 7.35 13.51
N VAL F 72 -15.46 6.89 13.86
CA VAL F 72 -14.90 7.09 15.23
C VAL F 72 -14.68 8.58 15.46
N GLU F 73 -14.00 9.26 14.55
CA GLU F 73 -13.68 10.70 14.71
C GLU F 73 -14.98 11.51 14.72
N ARG F 74 -15.97 11.15 13.89
CA ARG F 74 -17.31 11.81 13.91
C ARG F 74 -18.01 11.48 15.22
N TYR F 75 -17.89 10.25 15.70
CA TYR F 75 -18.52 9.82 16.97
C TYR F 75 -17.87 10.59 18.11
N LEU F 76 -16.58 10.85 18.03
CA LEU F 76 -15.83 11.53 19.13
C LEU F 76 -16.12 13.02 19.08
N GLU F 77 -16.55 13.56 17.93
CA GLU F 77 -16.98 14.94 17.82
C GLU F 77 -18.28 15.15 18.60
N VAL F 78 -19.26 14.28 18.44
CA VAL F 78 -20.51 14.45 19.19
C VAL F 78 -20.31 14.17 20.67
N GLN F 79 -19.44 13.24 21.06
CA GLN F 79 -19.09 13.09 22.46
C GLN F 79 -18.38 14.34 22.99
N GLN F 80 -17.60 15.02 22.16
CA GLN F 80 -16.92 16.27 22.47
C GLN F 80 -17.93 17.39 22.61
N LEU F 81 -18.95 17.44 21.75
CA LEU F 81 -20.09 18.32 21.94
C LEU F 81 -20.73 18.03 23.29
N LEU F 82 -21.05 16.78 23.59
CA LEU F 82 -21.56 16.35 24.90
C LEU F 82 -20.52 16.45 26.05
N GLY F 83 -19.34 16.97 25.77
CA GLY F 83 -18.46 17.53 26.75
C GLY F 83 -18.88 18.98 26.97
N ILE F 84 -18.69 19.81 25.98
CA ILE F 84 -18.85 21.26 26.14
C ILE F 84 -20.33 21.69 26.23
N TRP F 85 -21.27 20.85 25.84
CA TRP F 85 -22.71 21.00 26.05
C TRP F 85 -23.11 20.43 27.40
N GLY F 86 -22.18 19.72 28.05
CA GLY F 86 -22.48 18.79 29.13
C GLY F 86 -23.17 17.52 28.66
N CYS F 87 -23.70 16.79 29.62
CA CYS F 87 -24.69 15.75 29.39
C CYS F 87 -24.20 14.45 28.72
N SER F 88 -22.93 14.30 28.32
CA SER F 88 -22.39 12.97 27.92
C SER F 88 -22.57 11.88 29.00
N GLY F 89 -22.68 12.29 30.27
CA GLY F 89 -23.23 11.47 31.34
C GLY F 89 -24.74 11.33 31.16
N LYS F 90 -25.50 12.33 31.58
CA LYS F 90 -26.97 12.33 31.49
C LYS F 90 -27.45 12.57 30.06
N LEU F 91 -27.50 11.54 29.21
CA LEU F 91 -27.78 11.59 27.75
C LEU F 91 -29.18 12.10 27.34
N ILE F 92 -29.90 12.76 28.23
CA ILE F 92 -30.99 13.66 27.90
C ILE F 92 -30.73 14.98 28.65
N CYS F 93 -30.50 16.09 27.94
CA CYS F 93 -29.71 17.21 28.44
C CYS F 93 -30.46 18.43 28.95
N CYS F 94 -29.95 18.98 30.06
CA CYS F 94 -30.37 20.22 30.70
C CYS F 94 -29.32 21.33 30.62
N THR F 95 -29.76 22.53 30.25
CA THR F 95 -29.15 23.81 30.61
C THR F 95 -30.25 24.86 30.76
N ASN F 96 -30.00 25.94 31.50
CA ASN F 96 -30.85 27.12 31.49
C ASN F 96 -30.46 28.14 30.39
N VAL F 97 -29.74 27.73 29.34
CA VAL F 97 -29.49 28.61 28.20
C VAL F 97 -30.82 29.08 27.58
N PRO F 98 -30.97 30.37 27.23
CA PRO F 98 -32.21 30.92 26.72
C PRO F 98 -32.69 30.21 25.45
N TRP F 99 -33.96 29.81 25.39
CA TRP F 99 -34.60 29.62 24.09
C TRP F 99 -34.94 31.00 23.52
N ASN F 100 -34.18 31.43 22.52
CA ASN F 100 -34.30 32.77 21.96
C ASN F 100 -35.56 32.87 21.10
N SER F 101 -36.47 33.80 21.42
CA SER F 101 -37.74 33.98 20.72
C SER F 101 -37.60 34.35 19.23
N SER F 102 -36.39 34.63 18.74
CA SER F 102 -36.12 34.74 17.30
C SER F 102 -36.22 33.41 16.56
N TRP F 103 -36.05 32.28 17.26
CA TRP F 103 -36.27 30.94 16.73
C TRP F 103 -37.77 30.63 16.57
N SER F 104 -38.12 29.43 16.14
CA SER F 104 -39.53 29.01 16.02
C SER F 104 -40.27 29.05 17.36
N ASN F 105 -41.45 29.65 17.36
CA ASN F 105 -42.28 29.77 18.54
C ASN F 105 -43.20 28.56 18.76
N LYS F 106 -43.01 27.46 18.01
CA LYS F 106 -43.87 26.27 18.12
C LYS F 106 -43.98 25.77 19.56
N SER F 107 -45.19 25.40 19.94
CA SER F 107 -45.49 24.98 21.31
C SER F 107 -44.84 23.63 21.61
N LEU F 108 -44.45 23.42 22.87
CA LEU F 108 -44.03 22.09 23.33
C LEU F 108 -45.08 21.03 23.01
N ASP F 109 -46.35 21.35 23.20
CA ASP F 109 -47.47 20.47 22.90
C ASP F 109 -47.48 19.96 21.44
N GLU F 110 -47.28 20.87 20.49
CA GLU F 110 -47.12 20.52 19.07
C GLU F 110 -45.89 19.63 18.88
N ILE F 111 -44.77 20.06 19.47
CA ILE F 111 -43.47 19.46 19.29
C ILE F 111 -43.48 18.00 19.75
N TRP F 112 -43.84 17.69 20.99
CA TRP F 112 -43.77 16.31 21.48
C TRP F 112 -44.84 15.39 20.88
N ASN F 113 -46.02 15.90 20.53
CA ASN F 113 -47.20 15.08 20.27
C ASN F 113 -47.82 15.18 18.86
N ASN F 114 -47.27 16.02 17.96
CA ASN F 114 -47.74 16.12 16.55
C ASN F 114 -46.57 16.33 15.56
N MET F 115 -45.54 17.07 15.95
CA MET F 115 -44.37 17.39 15.12
C MET F 115 -43.25 16.38 15.36
N THR F 116 -42.21 16.37 14.52
CA THR F 116 -41.39 15.19 14.21
C THR F 116 -39.95 15.53 13.80
N TRP F 117 -38.98 14.64 14.02
CA TRP F 117 -37.56 15.03 14.10
C TRP F 117 -36.94 15.55 12.81
N LEU F 118 -36.97 14.83 11.69
CA LEU F 118 -36.33 15.33 10.45
C LEU F 118 -36.93 16.69 10.08
N GLN F 119 -38.26 16.73 10.10
CA GLN F 119 -39.08 17.90 9.86
C GLN F 119 -38.76 19.03 10.84
N TRP F 120 -38.52 18.73 12.10
CA TRP F 120 -38.11 19.68 13.13
C TRP F 120 -36.72 20.23 12.84
N ASP F 121 -35.73 19.39 12.56
CA ASP F 121 -34.42 19.93 12.19
C ASP F 121 -34.49 20.77 10.92
N LYS F 122 -35.26 20.34 9.91
CA LYS F 122 -35.47 21.10 8.67
C LYS F 122 -36.19 22.43 8.89
N GLU F 123 -36.90 22.60 10.00
CA GLU F 123 -37.37 23.91 10.46
C GLU F 123 -36.28 24.68 11.23
N ILE F 124 -35.44 24.00 12.00
CA ILE F 124 -34.64 24.60 13.08
C ILE F 124 -33.18 24.87 12.71
N ASN F 125 -32.62 24.15 11.75
CA ASN F 125 -31.22 24.24 11.32
C ASN F 125 -30.77 25.69 11.02
N ASN F 126 -31.64 26.53 10.46
CA ASN F 126 -31.38 27.94 10.20
C ASN F 126 -31.05 28.75 11.46
N TYR F 127 -31.47 28.28 12.64
CA TYR F 127 -31.06 28.82 13.93
C TYR F 127 -29.82 28.12 14.50
N THR F 128 -29.61 26.83 14.20
CA THR F 128 -28.71 25.98 14.99
C THR F 128 -27.27 26.45 15.11
N GLN F 129 -26.71 27.16 14.14
CA GLN F 129 -25.33 27.60 14.27
C GLN F 129 -25.15 28.65 15.38
N LEU F 130 -26.22 29.35 15.78
CA LEU F 130 -26.25 30.10 17.03
C LEU F 130 -26.21 29.13 18.21
N ILE F 131 -27.13 28.16 18.24
CA ILE F 131 -27.33 27.30 19.41
C ILE F 131 -26.12 26.44 19.70
N TYR F 132 -25.51 25.83 18.69
CA TYR F 132 -24.31 25.01 18.83
C TYR F 132 -23.08 25.78 19.32
N ARG F 133 -23.21 27.08 19.62
CA ARG F 133 -22.24 27.87 20.37
C ARG F 133 -22.86 28.49 21.62
N LEU F 134 -24.05 29.06 21.53
CA LEU F 134 -24.70 29.67 22.69
C LEU F 134 -25.05 28.63 23.77
N ILE F 135 -25.20 27.37 23.41
CA ILE F 135 -25.31 26.27 24.35
C ILE F 135 -24.13 26.19 25.30
N GLU F 136 -22.90 26.44 24.84
CA GLU F 136 -21.69 26.29 25.66
C GLU F 136 -21.47 27.54 26.49
N GLU F 137 -22.47 27.85 27.28
CA GLU F 137 -22.47 28.85 28.31
C GLU F 137 -22.02 28.24 29.65
N SER F 138 -22.14 29.03 30.71
CA SER F 138 -21.39 28.87 31.95
C SER F 138 -21.52 27.49 32.55
N GLN F 139 -22.71 26.92 32.52
CA GLN F 139 -23.05 25.58 33.02
C GLN F 139 -22.04 24.50 32.56
N PHE F 140 -21.53 24.62 31.34
CA PHE F 140 -20.50 23.75 30.77
C PHE F 140 -19.38 24.53 30.09
N GLN F 141 -19.12 25.76 30.55
CA GLN F 141 -18.05 26.59 30.00
C GLN F 141 -17.40 27.52 31.03
N GLN F 142 -18.10 27.92 32.11
CA GLN F 142 -17.66 28.95 33.06
C GLN F 142 -18.13 28.73 34.50
N GLU F 143 -18.89 27.69 34.82
CA GLU F 143 -19.59 27.65 36.10
C GLU F 143 -18.65 27.59 37.31
N ILE F 144 -17.45 27.00 37.22
CA ILE F 144 -16.51 26.99 38.36
C ILE F 144 -15.98 28.40 38.68
N ASN F 145 -15.93 29.28 37.67
CA ASN F 145 -15.73 30.71 37.85
C ASN F 145 -16.84 31.34 38.71
N GLU F 146 -18.00 30.68 38.83
CA GLU F 146 -19.09 31.03 39.74
C GLU F 146 -18.99 30.22 41.05
N VAL F 147 -18.51 28.97 41.01
CA VAL F 147 -18.17 28.18 42.21
C VAL F 147 -17.11 28.91 43.05
N GLU F 148 -16.35 29.81 42.44
CA GLU F 148 -15.54 30.82 43.12
C GLU F 148 -16.28 31.48 44.29
N LEU F 149 -17.52 31.92 44.09
CA LEU F 149 -18.32 32.58 45.13
C LEU F 149 -18.93 31.57 46.11
N LEU F 150 -19.14 30.32 45.68
CA LEU F 150 -19.69 29.26 46.53
C LEU F 150 -18.68 28.73 47.54
N ALA F 151 -17.42 28.52 47.13
CA ALA F 151 -16.43 27.75 47.89
C ALA F 151 -15.18 28.53 48.34
N LEU F 152 -14.91 29.72 47.77
CA LEU F 152 -13.75 30.57 48.07
C LEU F 152 -14.16 31.95 48.61
N ASP F 153 -13.31 32.54 49.45
CA ASP F 153 -13.57 33.80 50.17
C ASP F 153 -13.15 35.05 49.39
N GLU G 1 -34.58 43.46 -40.09
CA GLU G 1 -34.23 44.57 -39.16
C GLU G 1 -32.83 44.40 -38.55
N MET G 2 -32.55 43.35 -37.76
CA MET G 2 -31.17 43.02 -37.36
C MET G 2 -30.29 42.79 -38.59
N ARG G 3 -29.01 43.17 -38.52
CA ARG G 3 -28.08 43.04 -39.64
C ARG G 3 -26.88 42.20 -39.20
N LEU G 4 -26.48 41.25 -40.04
CA LEU G 4 -25.41 40.29 -39.77
C LEU G 4 -24.22 40.64 -40.67
N GLU G 5 -23.04 40.84 -40.08
CA GLU G 5 -21.98 41.65 -40.68
C GLU G 5 -20.59 41.16 -40.29
N GLU G 6 -19.60 41.36 -41.16
CA GLU G 6 -18.23 40.93 -40.95
C GLU G 6 -17.16 41.93 -41.43
N SER G 7 -15.90 41.60 -41.12
CA SER G 7 -14.69 42.31 -41.57
C SER G 7 -14.62 42.51 -43.10
N GLY G 8 -13.98 43.59 -43.53
CA GLY G 8 -13.46 43.68 -44.90
C GLY G 8 -12.36 42.65 -45.12
N GLY G 9 -12.34 42.03 -46.30
CA GLY G 9 -11.39 40.98 -46.69
C GLY G 9 -10.18 41.51 -47.49
N ALA G 10 -9.74 40.71 -48.46
CA ALA G 10 -8.73 41.08 -49.45
C ALA G 10 -8.84 40.17 -50.69
N LEU G 11 -8.23 40.56 -51.80
CA LEU G 11 -8.00 39.71 -52.97
C LEU G 11 -6.88 38.69 -52.66
N VAL G 12 -7.09 37.87 -51.62
CA VAL G 12 -6.08 37.11 -50.88
C VAL G 12 -5.09 36.34 -51.76
N LYS G 13 -3.83 36.25 -51.34
CA LYS G 13 -2.84 35.41 -52.05
C LYS G 13 -3.26 33.94 -52.00
N PRO G 14 -3.09 33.17 -53.08
CA PRO G 14 -3.14 31.73 -52.99
C PRO G 14 -2.02 31.23 -52.05
N GLY G 15 -2.33 30.31 -51.13
CA GLY G 15 -1.43 29.91 -50.05
C GLY G 15 -1.27 30.95 -48.92
N GLY G 16 -2.02 32.05 -48.95
CA GLY G 16 -2.01 33.10 -47.94
C GLY G 16 -2.86 32.78 -46.69
N SER G 17 -3.13 33.82 -45.92
CA SER G 17 -3.93 33.79 -44.68
C SER G 17 -4.78 35.07 -44.52
N LEU G 18 -5.87 34.98 -43.74
CA LEU G 18 -6.90 36.02 -43.59
C LEU G 18 -7.60 35.89 -42.24
N ARG G 19 -8.20 36.96 -41.70
CA ARG G 19 -9.18 36.88 -40.60
C ARG G 19 -10.43 37.69 -40.92
N LEU G 20 -11.61 37.15 -40.63
CA LEU G 20 -12.89 37.84 -40.67
C LEU G 20 -13.65 37.55 -39.38
N SER G 21 -14.36 38.54 -38.84
CA SER G 21 -15.06 38.43 -37.55
C SER G 21 -16.41 39.12 -37.58
N CYS G 22 -17.27 38.74 -36.64
CA CYS G 22 -18.53 39.40 -36.41
C CYS G 22 -18.36 40.90 -36.14
N VAL G 23 -19.13 41.70 -36.86
CA VAL G 23 -19.43 43.10 -36.55
C VAL G 23 -20.94 43.39 -36.70
N ALA G 24 -21.78 42.36 -36.52
CA ALA G 24 -23.24 42.45 -36.64
C ALA G 24 -23.90 43.46 -35.68
N SER G 25 -25.18 43.78 -35.94
CA SER G 25 -25.95 44.79 -35.22
C SER G 25 -27.44 44.45 -35.07
N GLY G 26 -28.04 45.06 -34.05
CA GLY G 26 -29.47 44.96 -33.73
C GLY G 26 -29.82 44.05 -32.56
N PHE G 27 -28.84 43.34 -31.99
CA PHE G 27 -29.01 42.37 -30.91
C PHE G 27 -27.75 42.29 -30.03
N LYS G 28 -27.91 41.77 -28.81
CA LYS G 28 -26.79 41.36 -27.95
C LYS G 28 -26.14 40.13 -28.59
N LEU G 29 -24.89 40.22 -29.03
CA LEU G 29 -24.22 39.11 -29.73
C LEU G 29 -24.15 37.84 -28.88
N SER G 30 -23.92 37.98 -27.57
CA SER G 30 -24.28 37.03 -26.50
C SER G 30 -24.13 35.55 -26.88
N GLU G 31 -22.94 35.13 -27.25
CA GLU G 31 -22.63 33.76 -27.66
C GLU G 31 -23.44 33.18 -28.84
N TRP G 32 -24.43 33.87 -29.43
CA TRP G 32 -25.24 33.24 -30.46
C TRP G 32 -24.37 32.86 -31.66
N SER G 33 -24.66 31.72 -32.29
CA SER G 33 -23.61 31.00 -33.02
C SER G 33 -22.94 31.81 -34.11
N LEU G 34 -21.64 31.55 -34.28
CA LEU G 34 -21.01 31.79 -35.56
C LEU G 34 -21.85 31.08 -36.64
N MET G 35 -22.09 31.72 -37.77
CA MET G 35 -22.50 31.02 -38.97
C MET G 35 -22.22 31.82 -40.23
N TRP G 36 -21.63 31.14 -41.21
CA TRP G 36 -21.15 31.72 -42.45
C TRP G 36 -21.21 30.64 -43.53
N VAL G 37 -20.91 31.00 -44.77
CA VAL G 37 -20.93 30.09 -45.91
C VAL G 37 -19.80 30.36 -46.90
N ARG G 38 -19.35 29.30 -47.57
CA ARG G 38 -18.74 29.40 -48.90
C ARG G 38 -19.86 29.57 -49.91
N GLN G 39 -20.34 30.80 -50.13
CA GLN G 39 -21.13 31.08 -51.34
C GLN G 39 -20.19 31.19 -52.52
N ALA G 40 -19.71 30.04 -53.02
CA ALA G 40 -18.65 30.00 -54.03
C ALA G 40 -19.08 30.70 -55.34
N PRO G 41 -18.18 31.36 -56.07
CA PRO G 41 -18.56 32.28 -57.14
C PRO G 41 -19.30 31.55 -58.27
N GLY G 42 -20.52 31.99 -58.57
CA GLY G 42 -21.40 31.39 -59.58
C GLY G 42 -22.02 30.04 -59.21
N LYS G 43 -21.70 29.51 -58.03
CA LYS G 43 -22.31 28.32 -57.41
C LYS G 43 -23.49 28.72 -56.51
N GLY G 44 -24.09 27.74 -55.85
CA GLY G 44 -25.06 27.94 -54.79
C GLY G 44 -24.45 28.30 -53.43
N LEU G 45 -24.57 27.40 -52.46
CA LEU G 45 -24.11 27.59 -51.08
C LEU G 45 -23.43 26.35 -50.55
N GLN G 46 -22.57 26.57 -49.57
CA GLN G 46 -21.84 25.56 -48.82
C GLN G 46 -21.51 26.15 -47.44
N TRP G 47 -21.26 25.32 -46.42
CA TRP G 47 -20.94 25.76 -45.06
C TRP G 47 -19.78 26.75 -44.93
N VAL G 48 -19.69 27.40 -43.79
CA VAL G 48 -18.39 27.87 -43.29
C VAL G 48 -17.59 26.69 -42.77
N SER G 49 -18.26 25.89 -41.96
CA SER G 49 -17.79 24.75 -41.20
C SER G 49 -18.94 24.40 -40.26
N SER G 50 -18.75 23.41 -39.41
CA SER G 50 -19.46 23.40 -38.12
C SER G 50 -18.92 24.57 -37.28
N ILE G 51 -19.62 24.93 -36.20
CA ILE G 51 -19.61 26.28 -35.65
C ILE G 51 -19.81 26.32 -34.13
N SER G 52 -19.42 27.44 -33.51
CA SER G 52 -19.47 27.61 -32.05
C SER G 52 -20.54 28.61 -31.64
N LEU G 53 -21.07 28.41 -30.41
CA LEU G 53 -21.95 29.40 -29.72
C LEU G 53 -21.00 29.92 -28.63
N ASN G 54 -21.01 29.36 -27.42
CA ASN G 54 -19.96 29.66 -26.41
C ASN G 54 -18.76 28.88 -26.96
N GLN G 55 -17.52 29.32 -26.77
CA GLN G 55 -16.36 28.65 -27.41
C GLN G 55 -16.26 27.20 -26.94
N ASP G 56 -15.76 26.28 -27.78
CA ASP G 56 -15.55 24.83 -27.45
C ASP G 56 -16.75 23.96 -27.86
N TYR G 57 -17.74 24.49 -28.61
CA TYR G 57 -18.91 23.72 -29.13
C TYR G 57 -18.87 23.77 -30.65
N ILE G 58 -17.68 23.75 -31.26
CA ILE G 58 -17.49 23.91 -32.74
C ILE G 58 -16.66 22.74 -33.28
N SER G 59 -16.75 22.44 -34.59
CA SER G 59 -15.85 21.48 -35.20
C SER G 59 -15.56 21.94 -36.63
N TYR G 60 -14.50 21.40 -37.21
CA TYR G 60 -14.31 21.51 -38.64
C TYR G 60 -15.53 20.93 -39.40
N ALA G 61 -15.67 21.27 -40.68
CA ALA G 61 -16.42 20.45 -41.62
C ALA G 61 -15.52 19.36 -42.22
N GLY G 62 -15.88 18.10 -41.96
CA GLY G 62 -15.13 16.91 -42.35
C GLY G 62 -13.70 16.93 -41.77
N SER G 63 -12.74 16.48 -42.56
CA SER G 63 -11.33 16.85 -42.43
C SER G 63 -11.00 18.19 -43.11
N VAL G 64 -11.91 18.73 -43.94
CA VAL G 64 -11.65 19.74 -45.00
C VAL G 64 -11.18 21.09 -44.45
N ARG G 65 -11.84 21.60 -43.41
CA ARG G 65 -11.48 22.91 -42.81
C ARG G 65 -10.31 22.89 -41.84
N GLY G 66 -9.60 21.77 -41.71
CA GLY G 66 -8.48 21.63 -40.78
C GLY G 66 -7.38 22.70 -40.89
N ARG G 67 -7.19 23.30 -42.07
CA ARG G 67 -6.24 24.40 -42.29
C ARG G 67 -6.68 25.75 -41.71
N PHE G 68 -7.95 25.93 -41.35
CA PHE G 68 -8.49 27.13 -40.71
C PHE G 68 -8.65 26.91 -39.20
N ASP G 69 -9.09 27.95 -38.49
CA ASP G 69 -9.41 27.97 -37.06
C ASP G 69 -10.60 28.90 -36.80
N VAL G 70 -11.23 28.78 -35.64
CA VAL G 70 -12.44 29.53 -35.28
C VAL G 70 -12.40 29.95 -33.81
N PHE G 71 -12.90 31.14 -33.46
CA PHE G 71 -12.82 31.71 -32.10
C PHE G 71 -14.11 32.46 -31.69
N ARG G 72 -14.28 32.69 -30.39
CA ARG G 72 -15.35 33.52 -29.79
C ARG G 72 -14.83 34.70 -28.97
N ASP G 73 -13.83 34.44 -28.11
CA ASP G 73 -13.19 35.38 -27.15
C ASP G 73 -14.13 35.97 -26.09
N ARG G 74 -13.55 36.51 -25.00
CA ARG G 74 -14.30 37.27 -23.99
C ARG G 74 -15.02 38.47 -24.61
N THR G 75 -14.35 39.19 -25.50
CA THR G 75 -14.94 40.21 -26.40
C THR G 75 -15.85 39.56 -27.44
N GLN G 76 -17.17 39.70 -27.31
CA GLN G 76 -18.15 39.02 -28.17
C GLN G 76 -18.00 39.32 -29.68
N THR G 77 -17.39 40.42 -30.07
CA THR G 77 -17.06 40.70 -31.48
C THR G 77 -16.11 39.67 -32.10
N SER G 78 -15.23 39.04 -31.31
CA SER G 78 -14.28 38.03 -31.78
C SER G 78 -14.91 36.65 -32.06
N LEU G 79 -16.22 36.59 -32.34
CA LEU G 79 -16.82 35.51 -33.12
C LEU G 79 -16.17 35.51 -34.51
N LEU G 80 -15.04 34.81 -34.63
CA LEU G 80 -14.00 35.01 -35.64
C LEU G 80 -13.68 33.73 -36.40
N LEU G 81 -13.41 33.88 -37.69
CA LEU G 81 -12.91 32.86 -38.60
C LEU G 81 -11.46 33.22 -38.99
N ASN G 82 -10.51 32.33 -38.71
CA ASN G 82 -9.11 32.48 -39.07
C ASN G 82 -8.77 31.51 -40.20
N MET G 83 -8.21 32.05 -41.26
CA MET G 83 -8.00 31.36 -42.52
C MET G 83 -6.50 31.25 -42.80
N ASN G 84 -5.99 30.07 -43.18
CA ASN G 84 -4.58 29.84 -43.48
C ASN G 84 -4.45 28.85 -44.65
N LYS G 85 -3.29 28.81 -45.32
CA LYS G 85 -2.99 27.88 -46.44
C LYS G 85 -4.07 27.91 -47.53
N LEU G 86 -4.57 29.12 -47.82
CA LEU G 86 -5.79 29.34 -48.62
C LEU G 86 -5.73 28.68 -50.00
N LYS G 87 -6.79 27.93 -50.33
CA LYS G 87 -7.00 27.26 -51.63
C LYS G 87 -7.93 28.08 -52.51
N THR G 88 -7.95 27.83 -53.81
CA THR G 88 -9.07 28.26 -54.69
C THR G 88 -10.42 27.72 -54.20
N GLU G 89 -10.44 26.55 -53.56
CA GLU G 89 -11.62 25.97 -52.91
C GLU G 89 -12.20 26.82 -51.76
N ASP G 90 -11.40 27.67 -51.11
CA ASP G 90 -11.87 28.48 -49.97
C ASP G 90 -12.78 29.64 -50.38
N THR G 91 -12.77 30.00 -51.65
CA THR G 91 -13.27 31.28 -52.15
C THR G 91 -14.79 31.34 -52.28
N GLY G 92 -15.37 32.54 -52.13
CA GLY G 92 -16.81 32.80 -52.24
C GLY G 92 -17.25 34.04 -51.46
N VAL G 93 -18.54 34.35 -51.46
CA VAL G 93 -19.09 35.41 -50.59
C VAL G 93 -19.29 34.85 -49.17
N TYR G 94 -18.61 35.42 -48.18
CA TYR G 94 -18.80 35.06 -46.78
C TYR G 94 -19.96 35.85 -46.16
N PHE G 95 -21.17 35.66 -46.69
CA PHE G 95 -22.39 36.01 -45.98
C PHE G 95 -22.49 35.26 -44.65
N CYS G 96 -23.22 35.81 -43.70
CA CYS G 96 -23.37 35.27 -42.35
C CYS G 96 -24.79 35.43 -41.81
N ALA G 97 -25.15 34.68 -40.77
CA ALA G 97 -26.51 34.65 -40.22
C ALA G 97 -26.53 34.48 -38.70
N ARG G 98 -27.60 34.96 -38.07
CA ARG G 98 -27.94 34.56 -36.70
C ARG G 98 -28.30 33.07 -36.77
N VAL G 99 -28.23 32.37 -35.64
CA VAL G 99 -28.62 30.95 -35.51
C VAL G 99 -29.80 30.78 -34.55
N HIS G 100 -30.80 29.96 -34.93
CA HIS G 100 -32.06 29.79 -34.18
C HIS G 100 -31.90 28.76 -33.04
N ALA G 101 -30.80 28.86 -32.28
CA ALA G 101 -30.37 27.89 -31.26
C ALA G 101 -29.37 28.49 -30.27
N TRP G 102 -29.20 27.85 -29.10
CA TRP G 102 -28.63 28.50 -27.90
C TRP G 102 -27.81 27.58 -26.96
N ARG G 103 -27.54 26.33 -27.37
CA ARG G 103 -27.01 25.20 -26.55
C ARG G 103 -25.55 24.83 -26.86
N TYR G 104 -24.98 23.90 -26.08
CA TYR G 104 -23.64 23.30 -26.26
C TYR G 104 -23.55 22.43 -27.54
N PHE G 105 -22.61 21.48 -27.68
CA PHE G 105 -22.70 20.39 -28.70
C PHE G 105 -21.82 19.16 -28.40
N ASP G 106 -22.36 18.03 -27.88
CA ASP G 106 -21.68 16.71 -27.92
C ASP G 106 -22.51 15.53 -27.35
N TRP G 107 -22.14 14.32 -27.78
CA TRP G 107 -22.46 12.97 -27.27
C TRP G 107 -21.52 11.96 -27.97
N VAL G 108 -21.77 10.65 -27.85
CA VAL G 108 -21.29 9.65 -28.82
C VAL G 108 -21.85 10.03 -30.19
N ASN G 109 -20.99 10.48 -31.10
CA ASN G 109 -21.39 11.26 -32.27
C ASN G 109 -21.67 10.41 -33.53
N ARG G 110 -21.10 10.78 -34.68
CA ARG G 110 -21.31 10.18 -36.02
C ARG G 110 -22.77 10.20 -36.46
N ARG G 111 -23.57 9.24 -36.01
CA ARG G 111 -25.02 9.14 -36.26
C ARG G 111 -25.85 8.87 -35.00
N SER G 112 -25.24 8.95 -33.82
CA SER G 112 -25.82 8.66 -32.51
C SER G 112 -26.22 9.93 -31.72
N PRO G 113 -26.93 9.82 -30.56
CA PRO G 113 -27.74 10.87 -29.91
C PRO G 113 -27.12 12.19 -29.41
N VAL G 114 -26.56 13.03 -30.28
CA VAL G 114 -26.38 14.46 -29.97
C VAL G 114 -27.70 15.19 -30.10
N GLU G 115 -28.26 15.76 -29.03
CA GLU G 115 -29.44 16.61 -29.17
C GLU G 115 -29.17 17.95 -29.82
N LYS G 116 -28.07 18.56 -29.40
CA LYS G 116 -27.83 19.99 -29.36
C LYS G 116 -28.15 20.74 -30.65
N VAL G 117 -29.35 21.32 -30.72
CA VAL G 117 -29.95 21.89 -31.94
C VAL G 117 -29.07 22.93 -32.63
N LEU G 118 -29.04 22.93 -33.97
CA LEU G 118 -28.38 23.93 -34.83
C LEU G 118 -29.33 24.32 -36.00
N SER G 119 -29.24 25.55 -36.51
CA SER G 119 -30.36 26.18 -37.25
C SER G 119 -30.02 27.60 -37.71
N ILE G 120 -30.42 28.03 -38.90
CA ILE G 120 -30.06 29.38 -39.41
C ILE G 120 -31.28 30.31 -39.35
N ASP G 121 -31.17 31.37 -38.55
CA ASP G 121 -32.13 32.49 -38.40
C ASP G 121 -31.83 33.54 -39.51
N LEU G 122 -32.27 34.80 -39.38
CA LEU G 122 -32.04 35.82 -40.40
C LEU G 122 -30.54 36.11 -40.70
N TRP G 123 -30.33 36.59 -41.93
CA TRP G 123 -29.07 36.55 -42.67
C TRP G 123 -28.69 37.96 -43.14
N GLY G 124 -27.40 38.28 -43.22
CA GLY G 124 -26.91 39.59 -43.64
C GLY G 124 -25.67 39.56 -44.53
N ARG G 125 -25.27 40.74 -45.00
CA ARG G 125 -24.26 40.97 -46.05
C ARG G 125 -22.90 40.38 -45.71
N GLY G 126 -22.13 40.08 -46.75
CA GLY G 126 -20.79 39.49 -46.65
C GLY G 126 -19.89 39.84 -47.83
N THR G 127 -18.59 39.56 -47.74
CA THR G 127 -17.59 39.93 -48.73
C THR G 127 -17.25 38.75 -49.64
N LEU G 128 -17.29 38.97 -50.96
CA LEU G 128 -16.72 38.08 -51.95
C LEU G 128 -15.19 38.03 -51.78
N VAL G 129 -14.64 36.89 -51.38
CA VAL G 129 -13.19 36.64 -51.30
C VAL G 129 -12.78 35.66 -52.39
N THR G 130 -11.82 36.05 -53.22
CA THR G 130 -11.19 35.24 -54.29
C THR G 130 -9.67 35.43 -54.27
N VAL G 131 -8.91 34.54 -54.91
CA VAL G 131 -7.44 34.53 -54.84
C VAL G 131 -6.81 35.86 -55.31
N ALA H 6 -27.35 14.75 -50.80
CA ALA H 6 -28.80 15.04 -50.66
C ALA H 6 -29.16 16.40 -51.27
N THR H 7 -30.12 16.49 -52.21
CA THR H 7 -30.41 17.77 -52.91
C THR H 7 -31.85 17.88 -53.46
N GLN H 8 -32.33 19.08 -53.78
CA GLN H 8 -33.40 19.27 -54.75
C GLN H 8 -32.88 19.11 -56.18
N PRO H 9 -33.74 18.75 -57.15
CA PRO H 9 -33.40 18.87 -58.55
C PRO H 9 -32.99 20.30 -58.97
N PRO H 10 -32.13 20.46 -59.99
CA PRO H 10 -31.83 21.76 -60.60
C PRO H 10 -33.10 22.41 -61.15
N SER H 13 -38.88 25.95 -64.73
CA SER H 13 -39.68 27.13 -65.03
C SER H 13 -41.09 27.06 -64.43
N VAL H 14 -41.73 28.23 -64.31
CA VAL H 14 -43.18 28.39 -64.12
C VAL H 14 -43.68 29.50 -65.07
N SER H 15 -44.96 29.52 -65.39
CA SER H 15 -45.61 30.67 -66.00
C SER H 15 -46.23 31.57 -64.92
N LYS H 16 -46.39 32.86 -65.20
CA LYS H 16 -46.94 33.84 -64.23
C LYS H 16 -48.32 33.43 -63.69
N GLY H 17 -48.53 33.62 -62.38
CA GLY H 17 -49.78 33.26 -61.67
C GLY H 17 -49.81 31.87 -61.02
N GLU H 18 -48.96 30.93 -61.43
CA GLU H 18 -48.74 29.66 -60.73
C GLU H 18 -47.95 29.82 -59.42
N THR H 19 -47.90 28.79 -58.57
CA THR H 19 -47.13 28.82 -57.31
C THR H 19 -46.12 27.67 -57.20
N ALA H 20 -44.93 27.98 -56.66
CA ALA H 20 -43.78 27.09 -56.65
C ALA H 20 -43.87 25.96 -55.61
N ARG H 21 -43.41 24.76 -55.97
CA ARG H 21 -43.28 23.61 -55.06
C ARG H 21 -42.15 22.69 -55.52
N ILE H 22 -41.13 22.53 -54.69
CA ILE H 22 -39.93 21.75 -54.99
C ILE H 22 -39.56 20.90 -53.78
N THR H 23 -39.17 19.65 -53.99
CA THR H 23 -38.68 18.74 -52.94
C THR H 23 -37.15 18.74 -52.92
N CYS H 24 -36.53 18.88 -51.76
CA CYS H 24 -35.12 18.56 -51.55
C CYS H 24 -34.98 17.22 -50.82
N SER H 25 -34.17 16.32 -51.38
CA SER H 25 -33.59 15.16 -50.70
C SER H 25 -32.66 14.35 -51.60
N GLY H 26 -33.00 14.11 -52.87
CA GLY H 26 -32.23 13.29 -53.81
C GLY H 26 -32.48 11.80 -53.59
N VAL H 27 -33.66 11.32 -53.99
CA VAL H 27 -34.27 9.98 -53.84
C VAL H 27 -34.45 9.44 -52.40
N GLU H 28 -33.71 9.91 -51.38
CA GLU H 28 -33.90 9.44 -49.98
C GLU H 28 -33.39 10.43 -48.92
N LEU H 29 -34.29 11.06 -48.16
CA LEU H 29 -33.97 11.73 -46.90
C LEU H 29 -35.21 11.77 -45.97
N SER H 30 -35.02 11.94 -44.67
CA SER H 30 -36.08 11.79 -43.65
C SER H 30 -35.91 12.76 -42.48
N SER H 31 -36.71 12.55 -41.44
CA SER H 31 -36.40 13.01 -40.07
C SER H 31 -36.33 14.53 -39.92
N GLN H 32 -35.59 15.01 -38.91
CA GLN H 32 -35.37 16.46 -38.65
C GLN H 32 -34.36 17.08 -39.60
N TYR H 33 -33.87 16.36 -40.60
CA TYR H 33 -32.81 16.86 -41.51
C TYR H 33 -33.51 17.73 -42.56
N VAL H 34 -34.28 18.75 -42.15
CA VAL H 34 -35.15 19.50 -43.10
C VAL H 34 -34.87 20.99 -43.05
N SER H 35 -34.50 21.62 -44.17
CA SER H 35 -34.38 23.10 -44.19
C SER H 35 -34.28 23.67 -45.61
N TRP H 36 -34.63 24.96 -45.81
CA TRP H 36 -34.47 25.65 -47.12
C TRP H 36 -34.44 27.17 -46.99
N TYR H 37 -33.54 27.86 -47.69
CA TYR H 37 -33.34 29.34 -47.58
C TYR H 37 -33.33 29.96 -48.97
N ARG H 38 -34.07 31.04 -49.20
CA ARG H 38 -34.23 31.65 -50.56
C ARG H 38 -33.04 32.56 -50.85
N GLN H 39 -32.96 33.19 -52.01
CA GLN H 39 -32.02 34.28 -52.30
C GLN H 39 -32.52 35.12 -53.49
N ARG H 40 -32.12 36.39 -53.57
CA ARG H 40 -32.01 37.13 -54.85
C ARG H 40 -30.52 37.44 -55.01
N PRO H 41 -29.84 37.02 -56.10
CA PRO H 41 -28.41 37.19 -56.26
C PRO H 41 -27.93 38.62 -55.98
N GLY H 42 -26.76 38.72 -55.35
CA GLY H 42 -26.25 39.97 -54.78
C GLY H 42 -26.67 40.16 -53.33
N GLN H 43 -27.94 39.92 -52.98
CA GLN H 43 -28.37 39.88 -51.57
C GLN H 43 -27.85 38.61 -50.90
N SER H 44 -27.91 38.57 -49.58
CA SER H 44 -27.69 37.33 -48.85
C SER H 44 -28.71 36.27 -49.23
N PRO H 45 -28.47 35.01 -48.85
CA PRO H 45 -29.54 34.04 -48.67
C PRO H 45 -30.54 34.50 -47.60
N VAL H 46 -31.68 33.83 -47.50
CA VAL H 46 -32.87 34.29 -46.78
C VAL H 46 -33.60 33.13 -46.12
N LEU H 47 -33.95 33.22 -44.83
CA LEU H 47 -34.75 32.21 -44.13
C LEU H 47 -36.11 32.02 -44.82
N VAL H 48 -36.51 30.76 -45.04
CA VAL H 48 -37.90 30.43 -45.33
C VAL H 48 -38.46 29.48 -44.27
N MET H 49 -37.82 28.33 -44.00
CA MET H 49 -38.26 27.45 -42.89
C MET H 49 -37.14 26.72 -42.15
N PHE H 50 -37.28 26.69 -40.81
CA PHE H 50 -36.67 25.69 -39.94
C PHE H 50 -37.72 25.17 -38.96
N HIS H 51 -37.95 23.85 -38.99
CA HIS H 51 -38.82 23.11 -38.07
C HIS H 51 -40.16 23.77 -37.72
N ASN H 52 -40.83 24.36 -38.71
CA ASN H 52 -42.20 24.88 -38.62
C ASN H 52 -42.51 26.00 -37.62
N ASN H 53 -41.63 26.33 -36.66
CA ASN H 53 -41.81 27.47 -35.75
C ASN H 53 -40.75 28.59 -35.92
N SER H 54 -39.84 28.44 -36.89
CA SER H 54 -38.99 29.53 -37.44
C SER H 54 -39.22 29.66 -38.95
N ARG H 55 -39.63 30.85 -39.41
CA ARG H 55 -40.38 31.04 -40.68
C ARG H 55 -40.06 32.33 -41.42
N ALA H 56 -40.36 32.36 -42.72
CA ALA H 56 -40.13 33.48 -43.62
C ALA H 56 -40.76 34.79 -43.12
N SER H 57 -39.99 35.87 -43.17
CA SER H 57 -40.49 37.22 -42.85
C SER H 57 -41.28 37.86 -44.00
N ARG H 58 -41.14 37.40 -45.25
CA ARG H 58 -41.70 38.07 -46.45
C ARG H 58 -42.34 37.13 -47.47
N ILE H 59 -42.95 36.04 -47.02
CA ILE H 59 -43.91 35.25 -47.81
C ILE H 59 -45.21 35.07 -46.98
N PRO H 60 -45.62 36.13 -46.25
CA PRO H 60 -46.59 36.13 -45.16
C PRO H 60 -46.84 34.80 -44.46
N GLU H 61 -47.90 34.05 -44.77
CA GLU H 61 -48.20 32.73 -44.16
C GLU H 61 -48.30 31.60 -45.20
N ARG H 62 -47.69 31.80 -46.37
CA ARG H 62 -48.04 31.12 -47.62
C ARG H 62 -46.98 30.13 -48.11
N PHE H 63 -46.37 29.40 -47.17
CA PHE H 63 -45.31 28.41 -47.39
C PHE H 63 -45.27 27.38 -46.25
N SER H 64 -44.84 26.15 -46.51
CA SER H 64 -44.94 25.03 -45.55
C SER H 64 -43.88 23.95 -45.77
N ALA H 65 -43.64 23.10 -44.79
CA ALA H 65 -43.02 21.79 -45.00
C ALA H 65 -44.02 20.77 -45.58
N SER H 66 -43.50 19.67 -46.12
CA SER H 66 -44.23 18.44 -46.42
C SER H 66 -43.22 17.34 -46.78
N ASP H 67 -43.68 16.09 -46.86
CA ASP H 67 -42.85 14.94 -47.19
C ASP H 67 -43.57 13.97 -48.14
N SER H 68 -42.85 13.37 -49.07
CA SER H 68 -43.31 12.32 -50.00
C SER H 68 -43.24 10.91 -49.39
N GLY H 69 -42.46 10.80 -48.32
CA GLY H 69 -41.94 9.58 -47.71
C GLY H 69 -40.40 9.57 -47.75
N ASP H 70 -39.79 10.55 -48.41
CA ASP H 70 -38.37 10.59 -48.74
C ASP H 70 -37.85 12.03 -48.98
N THR H 71 -38.64 13.08 -48.69
CA THR H 71 -38.31 14.47 -49.04
C THR H 71 -38.54 15.49 -47.94
N ALA H 72 -37.63 16.44 -47.87
CA ALA H 72 -37.93 17.77 -47.35
C ALA H 72 -38.56 18.56 -48.52
N THR H 73 -39.41 19.54 -48.25
CA THR H 73 -40.14 20.21 -49.33
C THR H 73 -40.35 21.69 -49.11
N LEU H 74 -39.90 22.48 -50.07
CA LEU H 74 -40.21 23.87 -50.26
C LEU H 74 -41.66 23.91 -50.76
N THR H 75 -42.62 23.93 -49.83
CA THR H 75 -44.06 23.88 -50.15
C THR H 75 -44.59 25.30 -50.27
N ILE H 76 -44.09 26.04 -51.26
CA ILE H 76 -44.29 27.49 -51.44
C ILE H 76 -45.66 27.84 -52.08
N ALA H 77 -46.66 27.03 -51.76
CA ALA H 77 -47.87 26.84 -52.56
C ALA H 77 -48.79 28.06 -52.70
N GLY H 78 -48.58 29.11 -51.91
CA GLY H 78 -49.32 30.37 -51.99
C GLY H 78 -48.47 31.58 -52.37
N ALA H 79 -47.21 31.39 -52.74
CA ALA H 79 -46.26 32.48 -52.97
C ALA H 79 -46.35 33.13 -54.36
N GLN H 80 -47.48 33.75 -54.73
CA GLN H 80 -47.64 34.56 -55.95
C GLN H 80 -46.63 35.74 -56.02
N ASP H 81 -45.97 36.05 -54.91
CA ASP H 81 -44.66 36.67 -54.83
C ASP H 81 -43.60 35.68 -55.36
N VAL H 82 -43.72 35.39 -56.66
CA VAL H 82 -43.09 34.24 -57.33
C VAL H 82 -41.84 34.60 -58.16
N ASP H 83 -41.69 35.85 -58.61
CA ASP H 83 -40.47 36.34 -59.30
C ASP H 83 -39.20 36.25 -58.42
N GLU H 84 -39.40 36.08 -57.12
CA GLU H 84 -38.38 36.05 -56.07
C GLU H 84 -37.57 34.74 -56.00
N ALA H 85 -37.84 33.81 -56.93
CA ALA H 85 -37.55 32.40 -56.73
C ALA H 85 -36.12 31.95 -57.11
N GLU H 86 -35.21 32.01 -56.14
CA GLU H 86 -34.04 31.12 -56.06
C GLU H 86 -33.93 30.58 -54.65
N TYR H 87 -33.63 29.29 -54.48
CA TYR H 87 -33.62 28.63 -53.19
C TYR H 87 -32.54 27.55 -53.06
N TYR H 88 -32.28 27.13 -51.81
CA TYR H 88 -31.33 26.11 -51.38
C TYR H 88 -31.86 25.41 -50.12
N CYS H 89 -31.35 24.22 -49.79
CA CYS H 89 -31.63 23.56 -48.50
C CYS H 89 -30.37 23.45 -47.61
N GLN H 90 -30.51 23.27 -46.29
CA GLN H 90 -29.37 22.97 -45.41
C GLN H 90 -29.72 22.11 -44.19
N THR H 91 -28.73 21.50 -43.54
CA THR H 91 -28.87 20.64 -42.36
C THR H 91 -27.51 20.40 -41.70
N TRP H 92 -27.42 19.64 -40.61
CA TRP H 92 -26.17 19.38 -39.87
C TRP H 92 -26.08 17.98 -39.22
N ASP H 93 -27.02 17.10 -39.52
CA ASP H 93 -27.25 15.84 -38.80
C ASP H 93 -26.19 14.73 -38.97
N SER H 94 -25.35 14.82 -40.01
CA SER H 94 -24.21 13.92 -40.21
C SER H 94 -23.07 14.23 -39.21
N LYS H 95 -21.99 13.46 -39.25
CA LYS H 95 -20.84 13.46 -38.33
C LYS H 95 -20.23 14.84 -38.04
N ASN H 96 -20.78 15.56 -37.06
CA ASN H 96 -20.41 16.95 -36.72
C ASN H 96 -20.53 17.92 -37.93
N TYR H 97 -21.33 17.58 -38.95
CA TYR H 97 -21.17 18.05 -40.33
C TYR H 97 -22.39 18.82 -40.85
N VAL H 98 -22.25 20.12 -41.10
CA VAL H 98 -23.21 20.90 -41.90
C VAL H 98 -23.35 20.30 -43.31
N THR H 99 -24.50 20.48 -43.96
CA THR H 99 -24.79 19.97 -45.29
C THR H 99 -25.76 20.90 -46.01
N PHE H 100 -25.68 20.95 -47.34
CA PHE H 100 -26.55 21.78 -48.18
C PHE H 100 -27.19 20.97 -49.31
N GLY H 101 -28.41 21.35 -49.68
CA GLY H 101 -29.01 21.03 -50.97
C GLY H 101 -28.68 22.14 -51.97
N GLY H 102 -28.19 21.75 -53.14
CA GLY H 102 -27.51 22.62 -54.12
C GLY H 102 -28.38 23.71 -54.76
N GLY H 103 -29.69 23.65 -54.58
CA GLY H 103 -30.60 24.75 -54.88
C GLY H 103 -30.89 25.05 -56.35
N THR H 104 -31.84 25.94 -56.62
CA THR H 104 -32.26 26.29 -57.98
C THR H 104 -32.95 27.65 -58.04
N LYS H 105 -32.87 28.31 -59.20
CA LYS H 105 -33.81 29.34 -59.62
C LYS H 105 -35.10 28.73 -60.18
N LEU H 106 -36.18 29.51 -60.22
CA LEU H 106 -37.30 29.33 -61.14
C LEU H 106 -37.70 30.67 -61.77
N THR H 107 -37.49 30.83 -63.08
CA THR H 107 -38.02 31.95 -63.87
C THR H 107 -39.54 31.84 -64.09
N VAL H 108 -40.19 33.00 -64.28
CA VAL H 108 -41.65 33.19 -64.28
C VAL H 108 -42.18 33.71 -65.63
N LEU H 109 -41.44 34.60 -66.29
CA LEU H 109 -41.90 35.33 -67.48
C LEU H 109 -41.49 34.62 -68.78
N GLU I 2 -4.91 28.44 55.66
CA GLU I 2 -5.64 28.44 54.38
C GLU I 2 -5.35 27.14 53.60
N ASN I 3 -6.31 26.24 53.55
CA ASN I 3 -6.19 24.97 52.84
C ASN I 3 -6.32 25.11 51.31
N LEU I 4 -5.90 24.08 50.59
CA LEU I 4 -5.95 23.97 49.15
C LEU I 4 -6.17 22.52 48.71
N TRP I 5 -6.75 22.34 47.54
CA TRP I 5 -6.88 21.03 46.90
C TRP I 5 -6.34 21.05 45.48
N VAL I 6 -6.04 19.86 44.97
CA VAL I 6 -5.94 19.63 43.53
C VAL I 6 -7.24 20.02 42.86
N THR I 7 -7.12 20.78 41.79
CA THR I 7 -8.19 21.10 40.87
C THR I 7 -7.62 20.95 39.46
N VAL I 8 -8.49 20.79 38.46
CA VAL I 8 -8.07 20.76 37.05
C VAL I 8 -8.95 21.66 36.21
N TYR I 9 -8.34 22.46 35.33
CA TYR I 9 -9.08 23.24 34.30
C TYR I 9 -8.76 22.48 33.02
N TYR I 10 -9.71 22.19 32.12
CA TYR I 10 -9.47 21.34 30.93
C TYR I 10 -9.28 22.19 29.66
N GLY I 11 -8.26 21.89 28.86
CA GLY I 11 -8.02 22.58 27.58
C GLY I 11 -7.18 23.84 27.71
N VAL I 12 -6.68 24.14 28.91
CA VAL I 12 -5.83 25.34 29.16
C VAL I 12 -4.58 25.21 28.28
N PRO I 13 -3.97 26.32 27.78
CA PRO I 13 -2.88 26.21 26.84
C PRO I 13 -1.56 25.86 27.51
N VAL I 14 -1.20 24.58 27.40
CA VAL I 14 0.13 24.06 27.73
C VAL I 14 0.64 23.22 26.58
N TRP I 15 1.87 23.46 26.12
CA TRP I 15 2.40 22.76 24.96
C TRP I 15 3.89 22.53 25.00
N ARG I 16 4.32 21.54 24.22
CA ARG I 16 5.71 21.06 24.15
C ARG I 16 6.05 20.61 22.75
N ASP I 17 7.33 20.58 22.42
CA ASP I 17 7.83 20.07 21.15
C ASP I 17 7.32 18.66 20.86
N ALA I 18 7.00 18.38 19.59
CA ALA I 18 6.36 17.16 19.16
C ALA I 18 7.06 16.45 18.01
N ASP I 19 7.41 15.19 18.22
CA ASP I 19 7.81 14.24 17.16
C ASP I 19 6.59 13.68 16.41
N THR I 20 5.59 14.52 16.17
CA THR I 20 4.29 14.12 15.60
C THR I 20 4.26 14.13 14.08
N THR I 21 3.34 13.39 13.47
CA THR I 21 3.15 13.47 12.03
C THR I 21 2.39 14.74 11.61
N LEU I 22 2.54 15.16 10.36
CA LEU I 22 1.91 16.33 9.75
C LEU I 22 1.37 15.99 8.36
N PHE I 23 0.36 16.71 7.87
CA PHE I 23 -0.29 16.35 6.61
C PHE I 23 -0.65 17.57 5.75
N CYS I 24 -0.74 17.34 4.44
CA CYS I 24 -0.88 18.37 3.41
C CYS I 24 -2.26 19.02 3.34
N ALA I 25 -2.28 20.28 2.88
CA ALA I 25 -3.41 20.95 2.27
C ALA I 25 -2.97 22.00 1.23
N SER I 26 -3.90 22.40 0.36
CA SER I 26 -3.75 23.47 -0.65
C SER I 26 -5.13 23.99 -1.07
N ASP I 27 -5.21 25.05 -1.86
CA ASP I 27 -6.39 25.24 -2.73
C ASP I 27 -6.58 24.02 -3.65
N ALA I 28 -7.80 23.73 -4.06
CA ALA I 28 -8.08 22.74 -5.10
C ALA I 28 -7.78 23.32 -6.49
N LYS I 29 -6.95 22.63 -7.27
CA LYS I 29 -6.55 23.06 -8.62
C LYS I 29 -7.57 22.69 -9.69
N ALA I 30 -8.37 21.64 -9.43
CA ALA I 30 -9.48 21.19 -10.27
C ALA I 30 -10.49 20.24 -9.56
N TYR I 31 -10.26 19.87 -8.28
CA TYR I 31 -10.86 18.72 -7.56
C TYR I 31 -10.56 17.32 -8.15
N GLU I 32 -10.12 17.23 -9.41
CA GLU I 32 -9.80 15.96 -10.07
C GLU I 32 -8.58 15.27 -9.41
N THR I 33 -8.80 14.11 -8.79
CA THR I 33 -7.79 13.15 -8.34
C THR I 33 -6.64 12.90 -9.34
N GLU I 34 -6.92 12.97 -10.65
CA GLU I 34 -5.95 12.77 -11.73
C GLU I 34 -5.35 14.07 -12.32
N LYS I 35 -5.46 15.23 -11.63
CA LYS I 35 -4.86 16.52 -12.02
C LYS I 35 -3.32 16.54 -11.93
N HIS I 36 -2.70 15.77 -12.82
CA HIS I 36 -1.38 15.93 -13.43
C HIS I 36 -0.13 16.20 -12.53
N ASN I 37 -0.17 16.06 -11.21
CA ASN I 37 0.79 16.72 -10.30
C ASN I 37 1.56 15.76 -9.38
N VAL I 38 2.84 16.04 -9.05
CA VAL I 38 3.64 15.21 -8.10
C VAL I 38 3.36 15.51 -6.63
N TRP I 39 3.07 16.76 -6.29
CA TRP I 39 2.97 17.20 -4.90
C TRP I 39 1.61 16.87 -4.27
N ALA I 40 0.52 17.34 -4.87
CA ALA I 40 -0.78 17.43 -4.23
C ALA I 40 -1.93 17.42 -5.26
N THR I 41 -2.00 16.35 -6.07
CA THR I 41 -3.05 16.08 -7.10
C THR I 41 -4.44 15.76 -6.50
N HIS I 42 -4.87 16.52 -5.50
CA HIS I 42 -6.05 16.28 -4.66
C HIS I 42 -6.03 14.97 -3.84
N ALA I 43 -4.96 14.17 -3.92
CA ALA I 43 -4.65 13.13 -2.93
C ALA I 43 -4.30 13.75 -1.56
N CYS I 44 -3.57 14.85 -1.59
CA CYS I 44 -3.55 15.87 -0.54
C CYS I 44 -4.95 16.45 -0.39
N VAL I 45 -5.57 16.30 0.78
CA VAL I 45 -6.88 16.86 1.05
C VAL I 45 -6.79 18.39 1.13
N PRO I 46 -7.64 19.17 0.45
CA PRO I 46 -7.67 20.63 0.61
C PRO I 46 -8.35 21.03 1.92
N THR I 47 -7.75 20.70 3.08
CA THR I 47 -8.15 21.30 4.36
C THR I 47 -8.00 22.82 4.29
N ASP I 48 -8.92 23.51 4.97
CA ASP I 48 -9.22 24.94 4.84
C ASP I 48 -8.05 25.83 4.35
N PRO I 49 -8.11 26.30 3.09
CA PRO I 49 -7.11 27.21 2.54
C PRO I 49 -6.94 28.51 3.33
N ASN I 50 -7.92 28.94 4.12
CA ASN I 50 -7.80 30.12 4.96
C ASN I 50 -6.85 29.83 6.15
N PRO I 51 -5.74 30.56 6.32
CA PRO I 51 -4.94 30.52 7.52
C PRO I 51 -5.65 31.25 8.66
N GLN I 52 -6.52 30.54 9.37
CA GLN I 52 -7.25 31.01 10.56
C GLN I 52 -6.33 31.14 11.79
N GLU I 53 -5.29 31.96 11.68
CA GLU I 53 -4.26 32.14 12.74
C GLU I 53 -4.78 33.08 13.83
N ILE I 54 -4.14 33.13 15.01
CA ILE I 54 -4.54 34.09 16.07
C ILE I 54 -3.33 34.51 16.89
N HIS I 55 -3.36 35.70 17.48
CA HIS I 55 -2.20 36.26 18.20
C HIS I 55 -1.84 35.44 19.41
N LEU I 56 -0.57 35.17 19.59
CA LEU I 56 -0.08 34.55 20.83
C LEU I 56 0.35 35.74 21.66
N ASP I 57 -0.53 36.70 21.86
CA ASP I 57 -0.13 37.95 22.55
C ASP I 57 0.51 37.54 23.87
N ASN I 58 1.71 37.99 24.19
CA ASN I 58 2.39 37.77 25.49
C ASN I 58 2.97 36.36 25.59
N VAL I 59 2.72 35.53 24.60
CA VAL I 59 3.12 34.11 24.73
C VAL I 59 4.60 34.01 24.36
N THR I 60 5.50 33.99 25.35
CA THR I 60 6.96 33.92 25.11
C THR I 60 7.31 32.49 24.72
N GLU I 61 7.99 32.29 23.60
CA GLU I 61 8.43 30.93 23.27
C GLU I 61 9.86 30.86 22.70
N LYS I 62 10.56 29.80 23.10
CA LYS I 62 11.81 29.35 22.51
C LYS I 62 11.53 28.57 21.22
N PHE I 63 11.99 29.07 20.08
CA PHE I 63 11.97 28.34 18.82
C PHE I 63 13.25 27.50 18.66
N ASN I 64 13.19 26.49 17.80
CA ASN I 64 14.29 25.57 17.54
C ASN I 64 14.26 25.04 16.09
N MET I 65 14.86 25.81 15.18
CA MET I 65 14.98 25.49 13.76
C MET I 65 15.76 24.20 13.46
N TRP I 66 16.40 23.59 14.45
CA TRP I 66 17.39 22.55 14.23
C TRP I 66 16.95 21.19 14.73
N LYS I 67 16.58 21.07 16.01
CA LYS I 67 15.96 19.85 16.55
C LYS I 67 14.45 19.71 16.19
N ASN I 68 13.94 20.62 15.39
CA ASN I 68 12.67 20.50 14.68
C ASN I 68 12.48 19.11 14.03
N ASN I 69 11.32 18.49 14.19
CA ASN I 69 10.99 17.26 13.46
C ASN I 69 10.85 17.53 11.94
N MET I 70 10.19 18.64 11.59
CA MET I 70 9.57 18.83 10.27
C MET I 70 10.52 18.70 9.09
N VAL I 71 11.77 19.12 9.22
CA VAL I 71 12.75 19.01 8.14
C VAL I 71 12.87 17.57 7.66
N GLU I 72 13.11 16.66 8.58
CA GLU I 72 13.26 15.25 8.29
C GLU I 72 11.93 14.70 7.78
N GLN I 73 10.82 15.13 8.37
CA GLN I 73 9.51 14.70 7.93
C GLN I 73 9.28 15.10 6.48
N MET I 74 9.35 16.39 6.15
CA MET I 74 9.20 16.85 4.78
C MET I 74 10.18 16.17 3.84
N HIS I 75 11.44 16.03 4.23
CA HIS I 75 12.44 15.42 3.36
C HIS I 75 12.07 13.98 3.01
N THR I 76 11.69 13.20 4.02
CA THR I 76 11.17 11.85 3.82
C THR I 76 9.92 11.89 2.94
N ASP I 77 9.03 12.85 3.21
CA ASP I 77 7.77 13.03 2.49
C ASP I 77 8.03 13.26 1.00
N ILE I 78 8.80 14.29 0.64
CA ILE I 78 8.98 14.67 -0.76
C ILE I 78 9.55 13.50 -1.55
N ILE I 79 10.50 12.79 -0.99
CA ILE I 79 11.10 11.60 -1.62
C ILE I 79 10.03 10.53 -1.86
N SER I 80 9.10 10.36 -0.92
CA SER I 80 7.96 9.47 -1.10
C SER I 80 7.02 9.99 -2.20
N LEU I 81 6.80 11.30 -2.30
CA LEU I 81 5.99 11.88 -3.37
C LEU I 81 6.59 11.54 -4.74
N TRP I 82 7.91 11.67 -4.87
CA TRP I 82 8.60 11.35 -6.11
C TRP I 82 8.36 9.89 -6.46
N ASP I 83 8.63 8.96 -5.53
CA ASP I 83 8.39 7.54 -5.78
C ASP I 83 6.94 7.28 -6.20
N GLN I 84 5.95 7.73 -5.42
CA GLN I 84 4.53 7.54 -5.72
C GLN I 84 3.95 8.55 -6.70
N SER I 85 4.80 9.20 -7.48
CA SER I 85 4.48 9.83 -8.76
C SER I 85 5.17 9.12 -9.93
N LEU I 86 6.33 8.52 -9.70
CA LEU I 86 7.10 7.77 -10.67
C LEU I 86 6.59 6.33 -10.87
N LYS I 87 6.23 5.60 -9.82
CA LYS I 87 5.54 4.30 -9.93
C LYS I 87 4.31 4.36 -10.86
N PRO I 88 3.46 5.41 -10.81
CA PRO I 88 2.39 5.61 -11.79
C PRO I 88 2.81 5.72 -13.25
N CYS I 89 4.06 6.04 -13.55
CA CYS I 89 4.57 6.21 -14.92
C CYS I 89 5.66 5.17 -15.23
N VAL I 90 6.61 5.46 -16.11
CA VAL I 90 7.49 4.41 -16.65
C VAL I 90 8.79 4.27 -15.87
N LYS I 91 9.12 3.02 -15.54
CA LYS I 91 10.52 2.63 -15.33
C LYS I 91 11.13 2.41 -16.71
N LEU I 92 12.33 2.93 -16.94
CA LEU I 92 13.02 2.89 -18.23
C LEU I 92 13.99 1.71 -18.27
N THR I 93 13.57 0.55 -17.76
CA THR I 93 14.45 -0.60 -17.55
C THR I 93 15.11 -1.10 -18.83
N PRO I 94 14.45 -1.08 -20.01
CA PRO I 94 15.16 -1.01 -21.27
C PRO I 94 15.32 0.47 -21.66
N LEU I 95 16.48 1.04 -21.33
CA LEU I 95 16.98 2.25 -21.98
C LEU I 95 18.50 2.37 -21.91
N CYS I 96 19.11 1.93 -20.81
CA CYS I 96 20.54 1.67 -20.77
C CYS I 96 20.93 0.67 -21.86
N VAL I 97 21.63 1.17 -22.86
CA VAL I 97 21.84 0.51 -24.15
C VAL I 97 23.00 1.21 -24.86
N THR I 98 23.51 0.62 -25.93
CA THR I 98 24.49 1.29 -26.79
C THR I 98 23.95 2.64 -27.29
N LEU I 99 24.56 3.76 -26.94
CA LEU I 99 24.24 5.07 -27.52
C LEU I 99 25.35 5.53 -28.47
N HIS I 100 25.00 5.84 -29.71
CA HIS I 100 25.93 6.51 -30.64
C HIS I 100 25.64 8.02 -30.63
N CYS I 101 26.68 8.86 -30.68
CA CYS I 101 26.52 10.31 -30.62
C CYS I 101 27.45 11.08 -31.57
N THR I 102 27.05 12.32 -31.84
CA THR I 102 27.70 13.28 -32.72
C THR I 102 27.71 14.64 -32.05
N ASN I 103 28.66 15.49 -32.45
CA ASN I 103 28.92 16.78 -31.84
C ASN I 103 28.44 17.92 -32.77
N VAL I 104 27.71 18.87 -32.20
CA VAL I 104 26.88 19.86 -32.90
C VAL I 104 26.95 21.18 -32.13
N THR I 105 26.80 22.32 -32.80
CA THR I 105 27.07 23.68 -32.26
C THR I 105 26.44 23.96 -30.90
N GLU I 114 27.61 24.70 -26.90
CA GLU I 114 28.33 23.44 -27.09
C GLU I 114 28.00 22.40 -26.00
N GLY I 115 28.07 21.10 -26.33
CA GLY I 115 27.79 20.00 -25.40
C GLY I 115 26.35 19.48 -25.41
N LEU I 116 25.51 19.97 -26.30
CA LEU I 116 24.22 19.33 -26.61
C LEU I 116 24.47 18.29 -27.70
N LYS I 117 24.69 17.04 -27.27
CA LYS I 117 25.07 15.89 -28.10
C LYS I 117 23.87 15.33 -28.85
N ASN I 118 24.09 14.93 -30.10
CA ASN I 118 23.06 14.51 -31.04
C ASN I 118 23.21 13.01 -31.37
N CYS I 119 22.22 12.19 -31.04
CA CYS I 119 22.46 10.77 -30.76
C CYS I 119 21.33 9.85 -31.23
N SER I 120 21.66 8.60 -31.52
CA SER I 120 20.68 7.58 -31.90
C SER I 120 21.08 6.20 -31.37
N PHE I 121 20.09 5.31 -31.24
CA PHE I 121 20.24 4.04 -30.56
C PHE I 121 19.23 3.00 -31.06
N ASN I 122 19.52 1.73 -30.81
CA ASN I 122 18.61 0.63 -31.05
C ASN I 122 17.79 0.33 -29.80
N MET I 123 16.51 0.02 -29.95
CA MET I 123 15.62 -0.29 -28.82
C MET I 123 14.45 -1.18 -29.24
N THR I 124 13.78 -1.82 -28.29
CA THR I 124 12.47 -2.43 -28.50
C THR I 124 11.48 -1.38 -29.00
N THR I 125 10.65 -1.75 -29.97
CA THR I 125 9.41 -1.02 -30.25
C THR I 125 8.31 -1.43 -29.27
N GLU I 126 7.05 -1.12 -29.58
CA GLU I 126 5.90 -1.66 -28.86
C GLU I 126 5.82 -3.19 -28.89
N LEU I 127 6.62 -3.83 -29.72
CA LEU I 127 6.72 -5.27 -29.85
C LEU I 127 8.06 -5.75 -29.27
N ARG I 128 8.06 -6.76 -28.40
CA ARG I 128 9.27 -7.37 -27.81
C ARG I 128 9.97 -8.33 -28.76
N ASP I 129 10.18 -7.89 -29.99
CA ASP I 129 10.93 -8.59 -31.05
C ASP I 129 11.66 -7.57 -31.94
N LYS I 130 10.94 -6.68 -32.62
CA LYS I 130 11.52 -5.70 -33.54
C LYS I 130 12.43 -4.70 -32.84
N ARG I 131 13.69 -4.61 -33.29
CA ARG I 131 14.51 -3.43 -33.06
C ARG I 131 13.93 -2.25 -33.84
N GLN I 132 14.03 -1.06 -33.27
CA GLN I 132 13.79 0.19 -33.97
C GLN I 132 15.01 1.08 -33.78
N LYS I 133 15.54 1.68 -34.85
CA LYS I 133 16.47 2.82 -34.75
C LYS I 133 15.66 4.06 -34.38
N VAL I 134 16.07 4.71 -33.31
CA VAL I 134 15.37 5.85 -32.71
C VAL I 134 16.36 6.93 -32.28
N TYR I 135 15.89 8.15 -32.17
CA TYR I 135 16.72 9.35 -32.22
C TYR I 135 16.39 10.31 -31.07
N SER I 136 17.41 10.89 -30.43
CA SER I 136 17.26 11.91 -29.39
C SER I 136 18.50 12.76 -29.16
N LEU I 137 18.28 14.02 -28.82
CA LEU I 137 19.29 14.85 -28.18
C LEU I 137 19.53 14.42 -26.74
N PHE I 138 20.74 14.72 -26.25
CA PHE I 138 21.14 14.65 -24.87
C PHE I 138 22.10 15.78 -24.54
N TYR I 139 22.05 16.32 -23.34
CA TYR I 139 23.13 17.19 -22.89
C TYR I 139 24.29 16.27 -22.45
N ARG I 140 25.56 16.62 -22.67
CA ARG I 140 26.71 15.69 -22.48
C ARG I 140 26.70 15.01 -21.13
N LEU I 141 26.32 15.75 -20.10
CA LEU I 141 26.25 15.32 -18.72
C LEU I 141 25.17 14.26 -18.44
N ASP I 142 24.37 13.87 -19.43
CA ASP I 142 23.49 12.70 -19.38
C ASP I 142 24.24 11.37 -19.55
N ILE I 143 25.43 11.35 -20.14
CA ILE I 143 26.08 10.13 -20.63
C ILE I 143 27.50 10.01 -20.11
N VAL I 144 28.02 8.79 -20.13
CA VAL I 144 29.45 8.50 -19.94
C VAL I 144 29.90 7.48 -20.97
N PRO I 145 31.19 7.43 -21.35
CA PRO I 145 31.69 6.43 -22.27
C PRO I 145 31.63 5.02 -21.66
N ILE I 146 31.25 4.02 -22.47
CA ILE I 146 31.02 2.63 -22.05
C ILE I 146 32.30 1.95 -21.55
N ASN I 147 33.42 2.15 -22.24
CA ASN I 147 34.73 1.61 -21.86
C ASN I 147 35.89 2.43 -22.45
N GLU I 148 35.68 3.03 -23.62
CA GLU I 148 36.73 3.63 -24.44
C GLU I 148 36.21 4.84 -25.22
N ASN I 149 37.12 5.72 -25.61
CA ASN I 149 36.89 6.90 -26.43
C ASN I 149 36.51 6.48 -27.87
N GLN I 150 35.25 6.07 -28.08
CA GLN I 150 34.71 5.54 -29.35
C GLN I 150 33.30 6.12 -29.63
N GLY I 151 32.99 6.43 -30.88
CA GLY I 151 31.78 7.18 -31.27
C GLY I 151 30.44 6.49 -30.95
N SER I 152 30.42 5.16 -30.96
CA SER I 152 29.24 4.32 -30.67
C SER I 152 29.08 3.97 -29.19
N GLU I 153 30.01 4.34 -28.32
CA GLU I 153 30.19 3.67 -27.02
C GLU I 153 29.89 4.58 -25.82
N TYR I 154 28.61 4.83 -25.55
CA TYR I 154 28.14 5.51 -24.35
C TYR I 154 26.89 4.86 -23.76
N ARG I 155 26.71 5.08 -22.46
CA ARG I 155 25.57 4.65 -21.64
C ARG I 155 25.02 5.84 -20.88
N LEU I 156 23.77 5.78 -20.44
CA LEU I 156 23.24 6.85 -19.59
C LEU I 156 23.91 6.83 -18.22
N ILE I 157 24.13 8.01 -17.65
CA ILE I 157 25.03 8.24 -16.50
C ILE I 157 24.68 7.42 -15.25
N ASN I 158 23.42 7.06 -15.11
CA ASN I 158 22.92 6.18 -14.06
C ASN I 158 23.40 4.72 -14.18
N CYS I 159 23.56 4.18 -15.39
CA CYS I 159 23.49 2.72 -15.61
C CYS I 159 24.58 1.94 -14.87
N ASN I 160 25.73 2.58 -14.75
CA ASN I 160 26.90 2.29 -13.92
C ASN I 160 26.52 1.78 -12.50
N THR I 161 25.45 2.28 -11.88
CA THR I 161 24.98 1.82 -10.54
C THR I 161 23.46 1.82 -10.33
N SER I 162 22.63 2.33 -11.25
CA SER I 162 21.25 2.74 -10.95
C SER I 162 20.31 2.63 -12.16
N ALA I 163 19.01 2.45 -11.92
CA ALA I 163 17.94 2.41 -12.93
C ALA I 163 17.09 3.69 -12.95
N CYS I 164 16.68 4.13 -14.13
CA CYS I 164 15.93 5.37 -14.33
C CYS I 164 14.42 5.20 -14.51
N THR I 165 13.70 6.29 -14.24
CA THR I 165 12.22 6.28 -14.33
C THR I 165 11.78 7.62 -14.89
N GLN I 166 11.08 7.62 -16.01
CA GLN I 166 10.58 8.86 -16.62
C GLN I 166 9.19 9.07 -16.12
N ALA I 167 8.91 10.27 -15.67
CA ALA I 167 7.61 10.64 -15.13
C ALA I 167 6.80 11.19 -16.28
N CYS I 168 5.49 10.95 -16.29
CA CYS I 168 4.60 11.43 -17.37
C CYS I 168 4.78 12.95 -17.38
N PRO I 169 4.80 13.68 -18.50
CA PRO I 169 4.82 15.12 -18.42
C PRO I 169 3.62 15.55 -17.56
N LYS I 170 2.63 14.67 -17.36
CA LYS I 170 1.43 14.94 -16.53
C LYS I 170 1.74 14.64 -15.07
N VAL I 171 2.97 14.85 -14.61
CA VAL I 171 3.30 14.74 -13.16
C VAL I 171 4.01 16.03 -12.81
N SER I 172 3.72 17.09 -13.56
CA SER I 172 4.40 18.39 -13.42
C SER I 172 5.08 18.58 -12.08
N PHE I 173 6.38 18.78 -12.08
CA PHE I 173 7.10 19.12 -10.86
C PHE I 173 6.86 20.56 -10.39
N GLU I 174 6.12 21.35 -11.18
CA GLU I 174 5.84 22.76 -10.88
C GLU I 174 5.41 22.93 -9.41
N PRO I 175 6.10 23.80 -8.66
CA PRO I 175 5.94 23.86 -7.21
C PRO I 175 4.64 24.56 -6.84
N ILE I 176 3.57 23.77 -6.80
CA ILE I 176 2.36 24.18 -6.09
C ILE I 176 2.66 24.13 -4.59
N PRO I 177 2.37 25.19 -3.83
CA PRO I 177 2.62 25.21 -2.41
C PRO I 177 1.80 24.12 -1.73
N ILE I 178 2.36 23.66 -0.61
CA ILE I 178 1.66 22.81 0.34
C ILE I 178 1.66 23.51 1.70
N HIS I 179 0.56 23.39 2.38
CA HIS I 179 0.40 23.81 3.75
C HIS I 179 0.49 22.55 4.58
N TYR I 180 1.38 22.47 5.57
CA TYR I 180 1.30 21.42 6.56
C TYR I 180 0.29 21.80 7.61
N CYS I 181 -0.80 21.05 7.73
CA CYS I 181 -1.58 21.03 8.95
C CYS I 181 -0.90 20.17 10.00
N ALA I 182 -0.87 20.68 11.22
CA ALA I 182 -0.80 19.81 12.37
C ALA I 182 -2.17 19.15 12.56
N PRO I 183 -2.25 17.84 12.82
CA PRO I 183 -3.49 17.23 13.25
C PRO I 183 -3.86 17.71 14.66
N ALA I 184 -5.15 17.73 14.96
CA ALA I 184 -5.71 18.32 16.18
C ALA I 184 -5.08 17.72 17.45
N GLY I 185 -5.00 18.53 18.51
CA GLY I 185 -4.18 18.21 19.69
C GLY I 185 -2.67 18.32 19.47
N PHE I 186 -2.25 18.51 18.22
CA PHE I 186 -1.00 19.13 17.87
C PHE I 186 -1.31 20.44 17.16
N ALA I 187 -0.38 21.38 17.22
CA ALA I 187 -0.55 22.74 16.75
C ALA I 187 0.77 23.33 16.26
N ILE I 188 0.68 24.41 15.48
CA ILE I 188 1.85 25.12 14.97
C ILE I 188 1.95 26.48 15.64
N LEU I 189 3.13 26.81 16.14
CA LEU I 189 3.48 28.13 16.62
C LEU I 189 4.27 28.84 15.52
N LYS I 190 3.95 30.08 15.18
CA LYS I 190 4.66 30.86 14.16
C LYS I 190 5.42 32.00 14.83
N CYS I 191 6.73 32.08 14.67
CA CYS I 191 7.46 33.25 15.14
C CYS I 191 7.02 34.45 14.28
N LYS I 192 6.41 35.44 14.93
CA LYS I 192 5.72 36.55 14.27
C LYS I 192 6.60 37.78 14.29
N ASP I 193 7.79 37.61 13.73
CA ASP I 193 8.72 38.68 13.39
C ASP I 193 9.67 38.21 12.28
N GLU I 194 10.15 39.12 11.44
CA GLU I 194 11.27 38.88 10.53
C GLU I 194 12.63 39.12 11.20
N GLY I 195 12.67 39.95 12.23
CA GLY I 195 13.84 40.29 13.04
C GLY I 195 14.26 39.17 13.99
N PHE I 196 14.39 37.96 13.45
CA PHE I 196 14.54 36.71 14.21
C PHE I 196 15.47 35.69 13.52
N ASN I 197 16.23 34.96 14.33
CA ASN I 197 16.96 33.76 13.92
C ASN I 197 16.52 32.55 14.76
N GLY I 198 16.61 31.37 14.17
CA GLY I 198 15.88 30.16 14.54
C GLY I 198 16.17 29.50 15.88
N THR I 199 16.92 30.13 16.78
CA THR I 199 17.28 29.53 18.07
C THR I 199 17.25 30.51 19.25
N GLY I 200 16.58 30.13 20.33
CA GLY I 200 16.25 31.00 21.46
C GLY I 200 14.83 31.59 21.36
N LEU I 201 14.55 32.63 22.14
CA LEU I 201 13.24 33.28 22.20
C LEU I 201 12.91 34.02 20.89
N CYS I 202 11.64 33.97 20.48
CA CYS I 202 11.02 34.97 19.61
C CYS I 202 9.97 35.71 20.44
N LYS I 203 10.09 37.01 20.63
CA LYS I 203 9.25 37.74 21.61
C LYS I 203 7.78 37.87 21.17
N ASN I 204 7.56 38.00 19.84
CA ASN I 204 6.21 38.20 19.23
C ASN I 204 5.91 36.91 18.49
N VAL I 205 4.66 36.42 18.47
CA VAL I 205 4.37 35.03 18.04
C VAL I 205 2.89 34.90 17.66
N SER I 206 2.51 33.83 16.97
CA SER I 206 1.12 33.41 16.79
C SER I 206 0.99 31.89 16.75
N THR I 207 -0.22 31.35 16.51
CA THR I 207 -0.44 29.88 16.32
C THR I 207 -1.14 29.66 14.98
N VAL I 208 -0.85 28.59 14.24
CA VAL I 208 -1.62 28.30 13.00
C VAL I 208 -1.93 26.81 12.95
N GLN I 209 -3.14 26.46 12.55
CA GLN I 209 -3.56 25.05 12.41
C GLN I 209 -2.80 24.47 11.23
N CYS I 210 -2.54 25.25 10.19
CA CYS I 210 -1.76 24.82 9.00
C CYS I 210 -0.89 25.98 8.52
N THR I 211 0.35 25.71 8.08
CA THR I 211 1.33 26.77 7.77
C THR I 211 1.02 27.54 6.51
N HIS I 212 1.51 28.77 6.40
CA HIS I 212 1.41 29.52 5.13
C HIS I 212 2.20 28.67 4.15
N GLY I 213 1.81 28.62 2.89
CA GLY I 213 2.44 27.67 1.96
C GLY I 213 3.94 27.76 2.06
N ILE I 214 4.60 26.64 2.24
CA ILE I 214 6.06 26.66 2.44
C ILE I 214 6.67 27.03 1.12
N LYS I 215 6.35 26.34 0.03
CA LYS I 215 6.98 26.52 -1.30
C LYS I 215 8.04 25.46 -1.44
N PRO I 216 7.68 24.25 -1.87
CA PRO I 216 8.66 23.23 -1.96
C PRO I 216 9.35 23.29 -3.32
N VAL I 217 9.81 24.46 -3.78
CA VAL I 217 10.62 24.48 -5.03
C VAL I 217 11.80 23.65 -4.63
N VAL I 218 12.29 22.83 -5.51
CA VAL I 218 13.31 21.87 -5.08
C VAL I 218 14.47 22.62 -4.48
N SER I 219 14.94 23.68 -5.12
CA SER I 219 16.09 24.51 -4.67
C SER I 219 17.32 23.66 -4.35
N THR I 220 18.47 24.03 -4.90
CA THR I 220 19.72 23.30 -4.59
C THR I 220 20.71 24.12 -3.76
N GLN I 221 21.05 25.36 -4.11
CA GLN I 221 21.95 26.22 -3.31
C GLN I 221 21.32 27.57 -2.96
N LEU I 222 20.72 28.23 -3.95
CA LEU I 222 20.04 29.52 -3.79
C LEU I 222 18.58 29.22 -3.52
N LEU I 223 18.05 29.80 -2.46
CA LEU I 223 16.64 29.74 -2.13
C LEU I 223 15.89 30.51 -3.22
N LEU I 224 15.15 29.77 -4.03
CA LEU I 224 14.16 30.34 -4.91
C LEU I 224 12.89 30.51 -4.13
N ASN I 225 12.02 31.42 -4.58
CA ASN I 225 10.60 31.41 -4.23
C ASN I 225 10.24 31.62 -2.75
N GLY I 226 11.19 31.62 -1.82
CA GLY I 226 10.96 31.86 -0.40
C GLY I 226 10.65 33.32 -0.11
N SER I 227 9.79 33.57 0.86
CA SER I 227 9.40 34.89 1.35
C SER I 227 10.60 35.79 1.75
N LEU I 228 10.39 37.11 1.75
CA LEU I 228 11.39 38.09 2.21
C LEU I 228 11.40 38.21 3.74
N ALA I 229 12.47 38.79 4.28
CA ALA I 229 12.51 39.33 5.64
C ALA I 229 12.04 40.79 5.67
N GLU I 230 12.26 41.48 6.78
CA GLU I 230 12.06 42.91 7.03
C GLU I 230 13.05 43.35 8.12
N LYS I 231 13.25 44.66 8.29
CA LYS I 231 14.19 45.32 9.23
C LYS I 231 15.65 45.14 8.87
N ASN I 232 16.09 43.90 8.71
CA ASN I 232 17.44 43.53 8.31
C ASN I 232 17.40 42.27 7.43
N ILE I 233 18.47 42.03 6.67
CA ILE I 233 18.74 40.71 6.08
C ILE I 233 18.86 39.69 7.22
N THR I 234 18.53 38.43 6.93
CA THR I 234 18.50 37.37 7.95
C THR I 234 19.50 36.28 7.60
N ILE I 235 20.13 35.75 8.64
CA ILE I 235 21.14 34.72 8.60
C ILE I 235 20.75 33.66 9.62
N ARG I 236 20.86 32.38 9.28
CA ARG I 236 20.46 31.26 10.15
C ARG I 236 21.42 30.09 10.06
N SER I 237 21.73 29.50 11.19
CA SER I 237 22.60 28.31 11.25
C SER I 237 22.38 27.54 12.54
N GLU I 238 22.70 26.24 12.55
CA GLU I 238 22.77 25.46 13.78
C GLU I 238 23.77 26.10 14.75
N ASN I 239 24.98 26.35 14.25
CA ASN I 239 26.07 26.84 15.10
C ASN I 239 27.09 27.52 14.18
N ILE I 240 27.26 28.84 14.28
CA ILE I 240 28.11 29.55 13.33
C ILE I 240 29.60 29.26 13.49
N THR I 241 30.02 28.71 14.63
CA THR I 241 31.39 28.28 14.86
C THR I 241 31.72 26.95 14.17
N ASN I 242 30.72 26.17 13.77
CA ASN I 242 30.91 25.09 12.80
C ASN I 242 30.94 25.69 11.39
N ASN I 243 32.12 26.10 10.95
CA ASN I 243 32.29 26.71 9.64
C ASN I 243 31.82 25.78 8.50
N ALA I 244 31.96 24.46 8.67
CA ALA I 244 31.67 23.51 7.61
C ALA I 244 30.16 23.35 7.37
N LYS I 245 29.34 23.40 8.43
CA LYS I 245 27.88 23.21 8.33
C LYS I 245 27.13 24.47 7.95
N ILE I 246 25.91 24.29 7.45
CA ILE I 246 25.25 25.25 6.56
C ILE I 246 25.00 26.62 7.20
N ILE I 247 25.07 27.67 6.38
CA ILE I 247 24.56 29.01 6.67
C ILE I 247 23.45 29.35 5.68
N ILE I 248 22.27 29.69 6.17
CA ILE I 248 21.15 30.13 5.33
C ILE I 248 21.05 31.65 5.40
N VAL I 249 20.88 32.30 4.26
CA VAL I 249 20.52 33.70 4.14
C VAL I 249 19.12 33.81 3.60
N GLN I 250 18.32 34.72 4.10
CA GLN I 250 17.07 35.17 3.48
C GLN I 250 17.13 36.71 3.39
N LEU I 251 16.78 37.25 2.23
CA LEU I 251 17.03 38.65 1.87
C LEU I 251 15.88 39.58 2.26
N VAL I 252 16.22 40.82 2.60
CA VAL I 252 15.24 41.91 2.86
C VAL I 252 14.71 42.53 1.55
N GLN I 253 15.33 42.18 0.42
CA GLN I 253 15.03 42.63 -0.94
C GLN I 253 14.90 41.40 -1.85
N PRO I 254 13.94 41.35 -2.79
CA PRO I 254 13.88 40.26 -3.75
C PRO I 254 14.95 40.40 -4.83
N VAL I 255 15.17 39.34 -5.56
CA VAL I 255 15.98 39.28 -6.79
C VAL I 255 15.24 38.36 -7.74
N THR I 256 15.40 38.51 -9.04
CA THR I 256 14.62 37.72 -10.00
C THR I 256 15.49 37.26 -11.17
N ILE I 257 15.28 36.02 -11.62
CA ILE I 257 16.02 35.32 -12.66
C ILE I 257 15.05 34.70 -13.67
N LYS I 258 15.41 34.71 -14.95
CA LYS I 258 14.55 34.26 -16.07
C LYS I 258 15.34 33.36 -17.03
N CYS I 259 15.96 32.31 -16.52
CA CYS I 259 16.79 31.40 -17.33
C CYS I 259 16.00 30.76 -18.48
N ILE I 260 16.72 30.39 -19.54
CA ILE I 260 16.14 29.94 -20.81
C ILE I 260 16.96 28.83 -21.45
N ARG I 261 16.29 27.85 -22.06
CA ARG I 261 16.88 27.03 -23.12
C ARG I 261 16.71 27.80 -24.43
N PRO I 262 17.75 28.37 -25.05
CA PRO I 262 17.60 29.21 -26.25
C PRO I 262 17.38 28.38 -27.52
N ASN I 263 16.97 27.13 -27.39
CA ASN I 263 16.99 26.12 -28.44
C ASN I 263 15.58 25.51 -28.59
N ASN I 264 15.06 25.49 -29.82
CA ASN I 264 13.69 25.12 -30.15
C ASN I 264 13.54 23.60 -30.10
N ASN I 265 13.33 23.05 -28.90
CA ASN I 265 13.47 21.61 -28.65
C ASN I 265 12.19 21.00 -28.09
N THR I 266 11.92 19.75 -28.48
CA THR I 266 10.58 19.17 -28.56
C THR I 266 10.50 17.73 -28.09
N ARG I 267 9.31 17.28 -27.71
CA ARG I 267 9.00 15.87 -27.43
C ARG I 267 9.14 15.05 -28.72
N LYS I 268 9.85 13.92 -28.67
CA LYS I 268 9.68 12.79 -29.59
C LYS I 268 9.23 11.60 -28.77
N SER I 269 8.09 11.00 -29.09
CA SER I 269 7.48 9.94 -28.27
C SER I 269 7.70 8.59 -28.93
N ILE I 270 8.34 7.66 -28.22
CA ILE I 270 8.61 6.32 -28.73
C ILE I 270 8.17 5.25 -27.73
N ARG I 271 7.50 4.23 -28.23
CA ARG I 271 6.97 3.13 -27.41
C ARG I 271 8.09 2.11 -27.23
N ILE I 272 8.57 1.98 -26.00
CA ILE I 272 9.63 1.07 -25.59
C ILE I 272 9.01 -0.07 -24.77
N GLY I 273 8.26 -0.93 -25.45
CA GLY I 273 7.19 -1.71 -24.83
C GLY I 273 5.85 -0.98 -24.97
N PRO I 274 4.76 -1.74 -25.00
CA PRO I 274 3.46 -1.25 -25.47
C PRO I 274 2.85 -0.17 -24.59
N GLY I 275 2.97 -0.25 -23.26
CA GLY I 275 2.46 0.75 -22.33
C GLY I 275 3.40 1.93 -22.06
N GLN I 276 4.59 1.92 -22.68
CA GLN I 276 5.75 2.65 -22.19
C GLN I 276 6.23 3.70 -23.21
N ALA I 277 5.65 4.90 -23.15
CA ALA I 277 6.06 6.04 -23.95
C ALA I 277 7.30 6.76 -23.34
N PHE I 278 8.47 6.50 -23.91
CA PHE I 278 9.65 7.30 -23.64
C PHE I 278 9.61 8.63 -24.40
N TYR I 279 10.04 9.69 -23.74
CA TYR I 279 10.17 11.01 -24.34
C TYR I 279 11.63 11.29 -24.69
N ALA I 280 11.95 10.89 -25.92
CA ALA I 280 13.09 11.39 -26.65
C ALA I 280 12.97 12.89 -26.97
N THR I 281 14.06 13.47 -27.45
CA THR I 281 14.27 14.92 -27.50
C THR I 281 14.59 15.35 -28.92
N GLY I 282 13.62 15.96 -29.61
CA GLY I 282 13.74 16.40 -30.99
C GLY I 282 14.24 17.85 -31.12
N ASP I 283 15.22 18.07 -32.00
CA ASP I 283 15.88 19.37 -32.18
C ASP I 283 15.04 20.39 -33.00
N ILE I 284 15.58 21.59 -33.26
CA ILE I 284 14.98 22.65 -34.10
C ILE I 284 14.46 22.08 -35.43
N ASP I 287 20.47 27.72 -34.92
CA ASP I 287 21.78 27.39 -34.35
C ASP I 287 21.66 27.11 -32.84
N ILE I 288 22.55 26.30 -32.27
CA ILE I 288 22.42 25.79 -30.89
C ILE I 288 23.34 26.55 -29.94
N ARG I 289 22.79 27.04 -28.82
CA ARG I 289 23.51 27.87 -27.82
C ARG I 289 23.32 27.37 -26.39
N GLN I 290 24.31 27.62 -25.55
CA GLN I 290 24.31 27.17 -24.17
C GLN I 290 23.21 27.87 -23.37
N ALA I 291 22.52 27.12 -22.51
CA ALA I 291 21.48 27.66 -21.66
C ALA I 291 22.04 28.74 -20.74
N HIS I 292 21.29 29.80 -20.56
CA HIS I 292 21.79 30.99 -19.88
C HIS I 292 20.69 31.70 -19.10
N CYS I 293 21.11 32.69 -18.34
CA CYS I 293 20.29 33.44 -17.42
C CYS I 293 20.61 34.92 -17.53
N ASN I 294 19.67 35.79 -17.13
CA ASN I 294 19.86 37.23 -17.06
C ASN I 294 19.53 37.70 -15.63
N VAL I 295 20.53 38.12 -14.87
CA VAL I 295 20.37 38.87 -13.61
C VAL I 295 21.45 39.93 -13.58
N SER I 296 21.10 41.20 -13.82
CA SER I 296 22.10 42.25 -14.00
C SER I 296 22.83 42.57 -12.71
N ARG I 297 24.16 42.70 -12.81
CA ARG I 297 25.10 42.55 -11.67
C ARG I 297 24.86 43.52 -10.51
N SER I 298 24.61 44.79 -10.75
CA SER I 298 24.72 45.81 -9.69
C SER I 298 23.64 45.72 -8.59
N ARG I 299 22.42 45.27 -8.91
CA ARG I 299 21.37 44.97 -7.92
C ARG I 299 21.85 43.92 -6.94
N TRP I 300 22.35 42.82 -7.49
CA TRP I 300 22.91 41.73 -6.72
C TRP I 300 24.10 42.22 -5.90
N ASN I 301 25.03 42.93 -6.53
CA ASN I 301 26.25 43.42 -5.92
C ASN I 301 25.95 44.20 -4.62
N LYS I 302 25.13 45.25 -4.68
CA LYS I 302 24.84 46.06 -3.49
C LYS I 302 23.89 45.34 -2.51
N THR I 303 23.16 44.32 -2.96
CA THR I 303 22.49 43.39 -2.04
C THR I 303 23.52 42.63 -1.22
N LEU I 304 24.49 42.01 -1.87
CA LEU I 304 25.54 41.26 -1.21
C LEU I 304 26.38 42.13 -0.30
N GLN I 305 26.58 43.40 -0.66
CA GLN I 305 27.22 44.36 0.23
C GLN I 305 26.50 44.43 1.59
N GLU I 306 25.17 44.38 1.61
CA GLU I 306 24.43 44.28 2.87
C GLU I 306 24.46 42.87 3.47
N VAL I 307 24.43 41.81 2.65
CA VAL I 307 24.60 40.44 3.18
C VAL I 307 25.90 40.31 3.96
N ALA I 308 26.98 40.82 3.39
CA ALA I 308 28.27 40.89 4.02
C ALA I 308 28.19 41.68 5.33
N GLU I 309 27.49 42.80 5.35
CA GLU I 309 27.37 43.57 6.57
C GLU I 309 26.64 42.79 7.68
N LYS I 310 25.57 42.08 7.34
CA LYS I 310 24.86 41.24 8.31
C LYS I 310 25.79 40.13 8.80
N LEU I 311 26.56 39.51 7.92
CA LEU I 311 27.58 38.53 8.29
C LEU I 311 28.66 39.16 9.18
N ARG I 312 29.16 40.35 8.88
CA ARG I 312 30.11 41.06 9.76
C ARG I 312 29.50 41.36 11.13
N THR I 313 28.18 41.46 11.24
CA THR I 313 27.54 41.66 12.55
C THR I 313 27.71 40.42 13.44
N TYR I 314 28.05 39.24 12.88
CA TYR I 314 28.65 38.14 13.63
C TYR I 314 30.16 38.31 13.81
N PHE I 315 30.89 38.59 12.73
CA PHE I 315 32.34 38.34 12.66
C PHE I 315 33.28 39.51 13.03
N GLY I 316 32.78 40.75 13.12
CA GLY I 316 33.60 41.96 13.18
C GLY I 316 34.14 42.36 11.80
N ASN I 317 34.88 43.45 11.72
CA ASN I 317 35.27 44.13 10.47
C ASN I 317 36.31 43.36 9.62
N LYS I 318 35.85 42.32 8.90
CA LYS I 318 36.56 41.59 7.82
C LYS I 318 36.15 42.09 6.45
N THR I 319 37.10 42.20 5.52
CA THR I 319 36.80 42.09 4.09
C THR I 319 36.41 40.64 3.79
N ILE I 320 35.40 40.48 2.95
CA ILE I 320 34.72 39.20 2.73
C ILE I 320 34.64 38.92 1.23
N ILE I 321 34.76 37.65 0.84
CA ILE I 321 34.58 37.19 -0.54
C ILE I 321 33.50 36.14 -0.56
N PHE I 322 32.70 36.15 -1.63
CA PHE I 322 31.90 35.01 -2.04
C PHE I 322 32.58 34.40 -3.26
N ALA I 323 32.89 33.11 -3.18
CA ALA I 323 33.68 32.37 -4.15
C ALA I 323 32.94 31.10 -4.60
N ASN I 324 33.31 30.49 -5.73
CA ASN I 324 32.53 29.41 -6.33
C ASN I 324 32.58 28.12 -5.54
N SER I 325 31.51 27.33 -5.59
CA SER I 325 31.59 25.90 -5.29
C SER I 325 32.45 25.19 -6.33
N SER I 326 33.23 24.20 -5.93
CA SER I 326 34.29 23.61 -6.74
C SER I 326 34.58 22.16 -6.36
N GLY I 327 35.07 21.36 -7.31
CA GLY I 327 35.56 19.99 -7.16
C GLY I 327 34.51 18.90 -6.91
N GLY I 328 33.52 19.16 -6.06
CA GLY I 328 32.44 18.23 -5.76
C GLY I 328 31.54 17.90 -6.96
N ASP I 329 30.60 16.98 -6.77
CA ASP I 329 29.66 16.52 -7.80
C ASP I 329 28.93 17.67 -8.47
N LEU I 330 28.89 17.72 -9.80
CA LEU I 330 28.17 18.74 -10.56
C LEU I 330 26.70 18.85 -10.13
N GLU I 331 26.07 17.74 -9.74
CA GLU I 331 24.70 17.73 -9.20
C GLU I 331 24.54 18.68 -7.99
N ILE I 332 25.60 18.82 -7.20
CA ILE I 332 25.62 19.60 -5.96
C ILE I 332 26.26 20.96 -6.19
N THR I 333 27.36 21.01 -6.93
CA THR I 333 28.23 22.18 -6.97
C THR I 333 27.74 23.28 -7.88
N THR I 334 26.86 22.99 -8.83
CA THR I 334 26.06 24.03 -9.47
C THR I 334 24.86 24.38 -8.62
N HIS I 335 24.37 25.61 -8.70
CA HIS I 335 22.99 25.85 -8.31
C HIS I 335 22.06 25.18 -9.33
N SER I 336 20.98 24.60 -8.86
CA SER I 336 20.18 23.71 -9.67
C SER I 336 18.73 23.75 -9.26
N PHE I 337 17.85 23.68 -10.25
CA PHE I 337 16.40 23.72 -10.08
C PHE I 337 15.66 23.22 -11.33
N ASN I 338 14.38 22.93 -11.16
CA ASN I 338 13.44 22.69 -12.26
C ASN I 338 12.92 24.01 -12.82
N CYS I 339 12.64 24.04 -14.12
CA CYS I 339 11.65 24.95 -14.70
C CYS I 339 10.65 24.13 -15.53
N GLY I 340 9.36 24.27 -15.20
CA GLY I 340 8.30 23.46 -15.79
C GLY I 340 8.44 22.01 -15.39
N GLY I 341 9.16 21.24 -16.20
CA GLY I 341 9.55 19.87 -15.90
C GLY I 341 10.95 19.46 -16.35
N GLU I 342 11.85 20.41 -16.63
CA GLU I 342 13.21 20.11 -17.09
C GLU I 342 14.27 20.83 -16.23
N PHE I 343 15.45 20.22 -16.03
CA PHE I 343 16.36 20.57 -14.94
C PHE I 343 17.66 21.24 -15.36
N PHE I 344 18.06 22.20 -14.54
CA PHE I 344 19.16 23.11 -14.79
C PHE I 344 20.25 22.96 -13.74
N TYR I 345 21.49 23.23 -14.14
CA TYR I 345 22.71 23.06 -13.35
C TYR I 345 23.65 24.19 -13.72
N CYS I 346 23.55 25.32 -13.02
CA CYS I 346 24.18 26.56 -13.44
C CYS I 346 25.49 26.80 -12.69
N ASN I 347 26.51 27.18 -13.44
CA ASN I 347 27.86 27.43 -12.97
C ASN I 347 27.85 28.70 -12.13
N THR I 348 27.45 28.61 -10.86
CA THR I 348 27.09 29.75 -10.02
C THR I 348 28.23 30.73 -9.79
N SER I 349 29.44 30.38 -10.18
CA SER I 349 30.66 31.18 -10.13
C SER I 349 30.45 32.64 -10.50
N GLY I 350 29.77 32.94 -11.61
CA GLY I 350 29.60 34.32 -12.09
C GLY I 350 28.77 35.23 -11.16
N LEU I 351 28.05 34.65 -10.21
CA LEU I 351 27.24 35.35 -9.21
C LEU I 351 27.88 35.25 -7.80
N PHE I 352 28.94 34.45 -7.67
CA PHE I 352 29.70 34.20 -6.43
C PHE I 352 31.22 34.16 -6.74
N ASN I 353 31.75 35.26 -7.25
CA ASN I 353 33.16 35.52 -7.56
C ASN I 353 33.35 37.01 -7.33
N SER I 354 33.29 37.44 -6.07
CA SER I 354 33.03 38.84 -5.75
C SER I 354 33.53 39.19 -4.36
N THR I 355 33.79 40.47 -4.14
CA THR I 355 34.60 40.97 -3.01
C THR I 355 33.92 42.13 -2.29
N TRP I 356 34.05 42.18 -0.96
CA TRP I 356 33.27 43.03 -0.08
C TRP I 356 34.14 43.60 1.03
N TYR I 357 34.71 44.77 0.77
CA TYR I 357 35.44 45.55 1.76
C TYR I 357 34.52 46.12 2.85
N VAL I 358 35.08 46.72 3.90
CA VAL I 358 34.31 47.53 4.86
C VAL I 358 34.15 48.98 4.37
N ASN I 359 35.25 49.63 4.00
CA ASN I 359 35.33 51.08 3.88
C ASN I 359 34.61 51.66 2.65
N SER I 360 33.63 52.55 2.90
CA SER I 360 32.96 53.43 1.91
C SER I 360 32.58 52.75 0.58
N THR I 361 32.16 51.49 0.64
CA THR I 361 31.87 50.63 -0.51
C THR I 361 30.59 51.04 -1.21
N THR I 376 23.17 36.63 -14.39
CA THR I 376 24.10 36.67 -15.52
C THR I 376 24.70 35.29 -15.84
N LEU I 377 24.28 34.23 -15.16
CA LEU I 377 24.87 32.89 -15.23
C LEU I 377 24.83 32.22 -16.62
N PRO I 378 25.92 31.56 -17.05
CA PRO I 378 25.88 30.45 -17.98
C PRO I 378 25.46 29.15 -17.26
N CYS I 379 24.84 28.21 -17.98
CA CYS I 379 24.21 27.04 -17.38
C CYS I 379 24.20 25.78 -18.26
N ARG I 380 24.20 24.61 -17.62
CA ARG I 380 24.05 23.30 -18.26
C ARG I 380 22.63 22.78 -18.00
N ILE I 381 21.94 22.28 -19.00
CA ILE I 381 20.70 21.51 -18.79
C ILE I 381 21.08 20.04 -18.65
N LYS I 382 20.26 19.24 -17.96
CA LYS I 382 20.45 17.78 -17.84
C LYS I 382 19.08 17.07 -17.88
N GLN I 383 19.00 15.88 -18.45
CA GLN I 383 17.77 15.09 -18.46
C GLN I 383 17.76 14.09 -17.31
N ILE I 384 18.88 13.46 -16.98
CA ILE I 384 18.96 12.62 -15.78
C ILE I 384 19.28 13.50 -14.58
N ILE I 385 18.62 13.25 -13.46
CA ILE I 385 18.98 13.79 -12.17
C ILE I 385 19.05 12.69 -11.12
N ASN I 386 20.00 12.80 -10.20
CA ASN I 386 20.10 11.99 -8.98
C ASN I 386 19.51 12.74 -7.76
N MET I 387 18.23 13.12 -7.82
CA MET I 387 17.67 14.05 -6.82
C MET I 387 17.69 13.48 -5.41
N TRP I 388 17.96 14.34 -4.43
CA TRP I 388 18.26 13.97 -3.03
C TRP I 388 19.47 13.05 -2.85
N GLN I 389 20.32 12.91 -3.89
CA GLN I 389 21.59 12.19 -3.81
C GLN I 389 21.43 10.70 -3.39
N ARG I 390 20.28 10.09 -3.73
CA ARG I 390 19.95 8.66 -3.52
C ARG I 390 20.76 7.76 -4.44
N ALA I 391 21.10 6.57 -3.96
CA ALA I 391 21.47 5.44 -4.82
C ALA I 391 20.19 4.81 -5.40
N GLY I 392 20.27 4.30 -6.62
CA GLY I 392 19.09 3.85 -7.36
C GLY I 392 18.14 5.00 -7.74
N GLN I 393 16.98 4.65 -8.29
CA GLN I 393 15.82 5.54 -8.45
C GLN I 393 16.11 6.89 -9.14
N CYS I 394 16.97 6.85 -10.16
CA CYS I 394 17.19 7.98 -11.06
C CYS I 394 15.86 8.48 -11.63
N MET I 395 15.74 9.80 -11.79
CA MET I 395 14.70 10.35 -12.65
C MET I 395 15.31 10.90 -13.93
N TYR I 396 14.88 10.33 -15.06
CA TYR I 396 14.97 10.98 -16.34
C TYR I 396 13.79 11.93 -16.44
N ALA I 397 14.08 13.20 -16.25
CA ALA I 397 13.12 14.27 -16.44
C ALA I 397 12.63 14.27 -17.90
N PRO I 398 11.35 14.57 -18.13
CA PRO I 398 10.86 14.75 -19.47
C PRO I 398 11.58 15.93 -20.12
N PRO I 399 12.05 15.82 -21.35
CA PRO I 399 12.36 17.00 -22.13
C PRO I 399 11.05 17.76 -22.33
N ILE I 400 10.94 18.96 -21.80
CA ILE I 400 9.72 19.74 -21.98
C ILE I 400 9.67 20.19 -23.44
N PRO I 401 8.53 20.07 -24.13
CA PRO I 401 8.34 20.72 -25.41
C PRO I 401 8.21 22.23 -25.20
N GLY I 402 9.27 22.98 -25.50
CA GLY I 402 9.29 24.43 -25.29
C GLY I 402 10.66 25.07 -25.46
N VAL I 403 10.69 26.32 -25.93
CA VAL I 403 11.77 27.26 -25.59
C VAL I 403 11.48 27.72 -24.17
N ILE I 404 11.93 26.92 -23.20
CA ILE I 404 11.44 26.96 -21.82
C ILE I 404 11.94 28.19 -21.07
N LYS I 405 11.05 28.84 -20.31
CA LYS I 405 11.30 30.12 -19.61
C LYS I 405 10.95 30.02 -18.12
N CYS I 406 11.89 30.39 -17.25
CA CYS I 406 11.81 30.10 -15.81
C CYS I 406 10.99 31.06 -14.92
N GLU I 407 11.02 32.38 -15.17
CA GLU I 407 10.23 33.41 -14.46
C GLU I 407 10.14 33.24 -12.93
N SER I 408 11.19 33.50 -12.15
CA SER I 408 11.20 33.20 -10.70
C SER I 408 12.08 34.12 -9.84
N ASN I 409 11.77 34.24 -8.54
CA ASN I 409 12.56 35.00 -7.58
C ASN I 409 13.72 34.16 -6.97
N ILE I 410 14.90 34.74 -6.83
CA ILE I 410 15.93 34.33 -5.88
C ILE I 410 15.77 35.19 -4.64
N THR I 411 15.77 34.62 -3.45
CA THR I 411 15.53 35.38 -2.20
C THR I 411 16.40 34.96 -1.01
N GLY I 412 17.34 34.04 -1.20
CA GLY I 412 18.23 33.61 -0.12
C GLY I 412 19.32 32.65 -0.57
N LEU I 413 20.29 32.41 0.30
CA LEU I 413 21.55 31.74 -0.02
C LEU I 413 21.87 30.63 0.99
N LEU I 414 22.10 29.40 0.54
CA LEU I 414 22.87 28.41 1.29
C LEU I 414 24.35 28.67 1.12
N LEU I 415 24.87 29.50 1.99
CA LEU I 415 26.29 29.72 2.17
C LEU I 415 26.96 28.63 2.99
N THR I 416 28.26 28.50 2.80
CA THR I 416 29.22 27.87 3.69
C THR I 416 30.34 28.88 3.94
N ARG I 417 30.87 28.99 5.17
CA ARG I 417 32.05 29.80 5.47
C ARG I 417 33.30 28.92 5.46
N ASP I 418 34.40 29.43 4.94
CA ASP I 418 35.60 28.64 4.64
C ASP I 418 36.20 27.95 5.87
N GLY I 419 36.75 26.76 5.67
CA GLY I 419 37.56 26.08 6.67
C GLY I 419 38.85 26.83 6.98
N GLY I 420 39.24 27.78 6.12
CA GLY I 420 40.26 28.77 6.39
C GLY I 420 39.90 29.64 7.59
N LYS I 421 40.19 29.14 8.80
CA LYS I 421 40.20 29.90 10.05
C LYS I 421 41.40 30.84 10.10
N ASP I 422 41.47 31.73 9.10
CA ASP I 422 42.58 32.61 8.75
C ASP I 422 42.76 33.80 9.71
N ASN I 423 42.67 33.52 11.01
CA ASN I 423 43.10 34.34 12.15
C ASN I 423 42.78 35.83 12.03
N ASN I 424 41.50 36.18 11.79
CA ASN I 424 41.00 37.55 11.82
C ASN I 424 41.60 38.43 10.71
N VAL I 425 41.38 38.07 9.43
CA VAL I 425 41.96 38.81 8.28
C VAL I 425 41.05 38.92 7.07
N ASN I 426 40.46 37.81 6.62
CA ASN I 426 39.93 37.72 5.25
C ASN I 426 38.86 36.64 5.06
N GLU I 427 38.29 36.13 6.15
CA GLU I 427 37.37 34.99 6.18
C GLU I 427 36.18 35.18 5.23
N THR I 428 35.72 34.08 4.64
CA THR I 428 35.06 34.11 3.32
C THR I 428 34.11 32.93 3.15
N PHE I 429 33.41 32.84 2.02
CA PHE I 429 32.29 31.92 1.82
C PHE I 429 32.24 31.31 0.43
N ARG I 430 31.61 30.14 0.34
CA ARG I 430 31.21 29.50 -0.92
C ARG I 430 29.75 29.02 -0.80
N PRO I 431 28.90 29.16 -1.82
CA PRO I 431 27.55 28.62 -1.76
C PRO I 431 27.61 27.10 -1.88
N GLY I 432 26.58 26.39 -1.44
CA GLY I 432 26.56 24.93 -1.53
C GLY I 432 25.19 24.29 -1.44
N GLY I 433 25.11 23.02 -1.82
CA GLY I 433 23.89 22.21 -1.74
C GLY I 433 23.91 21.27 -0.54
N GLY I 434 24.30 21.80 0.62
CA GLY I 434 24.77 21.03 1.78
C GLY I 434 23.78 19.99 2.32
N ASP I 435 22.49 20.33 2.36
CA ASP I 435 21.38 19.41 2.60
C ASP I 435 20.10 19.97 1.98
N MET I 436 19.32 19.14 1.31
CA MET I 436 18.03 19.59 0.79
C MET I 436 17.03 19.75 1.94
N ARG I 437 17.24 19.13 3.09
CA ARG I 437 16.57 19.54 4.32
C ARG I 437 16.73 21.03 4.56
N ASP I 438 17.92 21.55 4.33
CA ASP I 438 18.21 22.95 4.56
C ASP I 438 17.62 23.83 3.46
N ASN I 439 17.53 23.31 2.23
CA ASN I 439 16.66 23.91 1.22
C ASN I 439 15.21 24.00 1.68
N TRP I 440 14.71 23.19 2.63
CA TRP I 440 13.40 23.43 3.26
C TRP I 440 13.45 24.29 4.54
N ARG I 441 14.55 24.23 5.31
CA ARG I 441 14.71 25.07 6.52
C ARG I 441 14.50 26.53 6.20
N SER I 442 14.94 26.91 5.01
CA SER I 442 14.60 28.14 4.27
C SER I 442 13.27 28.80 4.61
N GLU I 443 12.22 28.01 4.82
CA GLU I 443 10.92 28.46 5.28
C GLU I 443 10.50 27.84 6.60
N LEU I 444 10.83 26.59 6.86
CA LEU I 444 10.40 25.93 8.08
C LEU I 444 10.84 26.66 9.36
N TYR I 445 11.90 27.49 9.30
CA TYR I 445 12.44 28.18 10.48
C TYR I 445 11.37 28.90 11.32
N LYS I 446 10.35 29.48 10.68
CA LYS I 446 9.31 30.25 11.37
C LYS I 446 8.27 29.41 12.10
N TYR I 447 8.15 28.12 11.78
CA TYR I 447 7.10 27.24 12.30
C TYR I 447 7.66 26.22 13.31
N LYS I 448 7.12 26.19 14.53
CA LYS I 448 7.43 25.19 15.55
C LYS I 448 6.22 24.32 15.87
N VAL I 449 6.31 23.03 15.59
CA VAL I 449 5.23 22.06 15.79
C VAL I 449 5.22 21.51 17.21
N VAL I 450 4.05 21.49 17.84
CA VAL I 450 3.92 21.21 19.28
C VAL I 450 2.70 20.35 19.60
N LYS I 451 2.74 19.61 20.71
CA LYS I 451 1.58 18.93 21.30
C LYS I 451 0.94 19.84 22.32
N ILE I 452 -0.38 19.96 22.33
CA ILE I 452 -1.10 20.58 23.44
C ILE I 452 -1.40 19.49 24.46
N GLU I 453 -1.07 19.68 25.72
CA GLU I 453 -1.44 18.78 26.81
C GLU I 453 -2.50 19.48 27.69
N PRO I 454 -3.78 19.05 27.69
CA PRO I 454 -4.90 19.83 28.24
C PRO I 454 -5.09 19.67 29.75
N LEU I 455 -4.00 19.52 30.48
CA LEU I 455 -3.95 18.88 31.78
C LEU I 455 -3.64 19.86 32.90
N GLY I 456 -4.52 20.84 33.06
CA GLY I 456 -4.27 22.01 33.89
C GLY I 456 -4.46 21.77 35.38
N VAL I 457 -3.56 21.02 36.00
CA VAL I 457 -3.48 20.86 37.45
C VAL I 457 -3.13 22.17 38.13
N ALA I 458 -3.90 22.48 39.15
CA ALA I 458 -3.71 23.68 39.93
C ALA I 458 -4.17 23.51 41.38
N PRO I 459 -3.67 24.35 42.28
CA PRO I 459 -4.35 24.59 43.54
C PRO I 459 -5.59 25.44 43.31
N THR I 460 -6.64 25.20 44.10
CA THR I 460 -7.78 26.09 44.42
C THR I 460 -8.52 25.41 45.58
N ARG I 461 -9.82 25.61 45.76
CA ARG I 461 -10.65 24.87 46.72
C ARG I 461 -11.95 24.43 46.06
N CYS I 462 -12.54 23.36 46.55
CA CYS I 462 -13.87 22.86 46.16
C CYS I 462 -14.33 21.71 47.08
N LYS I 463 -15.55 21.23 46.86
CA LYS I 463 -16.10 19.92 47.27
C LYS I 463 -17.00 19.39 46.16
N ARG I 464 -17.08 18.08 45.99
CA ARG I 464 -17.91 17.51 44.91
C ARG I 464 -19.40 17.85 45.09
N ARG I 465 -20.09 18.09 43.99
CA ARG I 465 -21.50 18.55 43.89
C ARG I 465 -22.47 17.69 44.72
N GLY J 10 -14.19 34.24 21.65
CA GLY J 10 -12.90 33.96 22.31
C GLY J 10 -11.86 33.41 21.35
N PHE J 11 -10.58 33.56 21.68
CA PHE J 11 -9.44 33.10 20.88
C PHE J 11 -9.06 31.62 21.14
N LEU J 12 -8.18 31.05 20.32
CA LEU J 12 -7.34 29.88 20.69
C LEU J 12 -6.08 30.32 21.46
N GLY J 13 -5.22 29.38 21.87
CA GLY J 13 -3.99 29.67 22.61
C GLY J 13 -4.27 30.49 23.87
N ALA J 14 -3.80 31.73 23.88
CA ALA J 14 -4.03 32.75 24.91
C ALA J 14 -3.37 32.52 26.29
N ALA J 15 -2.29 31.75 26.37
CA ALA J 15 -1.62 31.42 27.65
C ALA J 15 -1.10 32.61 28.44
N GLY J 16 -0.82 33.72 27.77
CA GLY J 16 -0.30 34.95 28.35
C GLY J 16 -1.36 35.80 29.05
N SER J 17 -2.65 35.52 28.81
CA SER J 17 -3.72 35.93 29.72
C SER J 17 -3.50 35.21 31.06
N THR J 18 -3.62 35.90 32.18
CA THR J 18 -3.32 35.26 33.48
C THR J 18 -4.32 34.15 33.77
N MET J 19 -3.95 33.10 34.51
CA MET J 19 -4.63 31.82 34.35
C MET J 19 -6.16 31.87 34.52
N GLY J 20 -6.67 32.71 35.42
CA GLY J 20 -8.11 32.93 35.60
C GLY J 20 -8.76 33.59 34.39
N ALA J 21 -8.21 34.70 33.92
CA ALA J 21 -8.66 35.36 32.69
C ALA J 21 -8.45 34.46 31.46
N ALA J 22 -7.41 33.63 31.46
CA ALA J 22 -7.20 32.63 30.43
C ALA J 22 -8.41 31.68 30.37
N SER J 23 -8.91 31.26 31.52
CA SER J 23 -10.12 30.44 31.65
C SER J 23 -11.41 31.14 31.19
N ASN J 24 -11.40 32.41 30.81
CA ASN J 24 -12.52 32.98 30.05
C ASN J 24 -12.66 32.25 28.70
N THR J 25 -11.57 31.69 28.20
CA THR J 25 -11.54 30.74 27.09
C THR J 25 -11.24 29.37 27.66
N LEU J 26 -11.99 28.35 27.26
CA LEU J 26 -11.63 26.96 27.55
C LEU J 26 -12.10 26.03 26.43
N THR J 27 -13.40 25.99 26.24
CA THR J 27 -14.06 25.02 25.39
C THR J 27 -13.61 25.14 23.93
N VAL J 28 -13.24 26.32 23.45
CA VAL J 28 -12.76 26.46 22.07
C VAL J 28 -11.42 25.73 21.91
N GLN J 29 -10.49 25.86 22.86
CA GLN J 29 -9.29 25.03 22.86
C GLN J 29 -9.66 23.54 22.94
N ALA J 30 -10.67 23.15 23.71
CA ALA J 30 -11.11 21.75 23.75
C ALA J 30 -11.49 21.23 22.34
N ARG J 31 -12.23 22.02 21.55
CA ARG J 31 -12.51 21.65 20.15
C ARG J 31 -11.22 21.45 19.35
N GLN J 32 -10.24 22.32 19.52
CA GLN J 32 -8.93 22.21 18.89
C GLN J 32 -8.15 20.95 19.29
N LEU J 33 -8.44 20.35 20.45
CA LEU J 33 -7.87 19.05 20.78
C LEU J 33 -8.34 17.99 19.78
N LEU J 34 -9.51 18.15 19.14
CA LEU J 34 -10.20 17.07 18.43
C LEU J 34 -10.40 17.32 16.93
N SER J 35 -10.70 18.55 16.51
CA SER J 35 -10.81 18.97 15.11
C SER J 35 -10.24 20.38 14.90
N GLY J 36 -9.77 20.73 13.71
CA GLY J 36 -8.92 21.91 13.49
C GLY J 36 -9.58 23.28 13.56
N ILE J 37 -10.90 23.36 13.72
CA ILE J 37 -11.73 24.58 13.83
C ILE J 37 -11.31 25.71 12.87
N LYS J 56 -6.15 1.21 -3.13
CA LYS J 56 -4.72 1.50 -3.18
C LYS J 56 -4.26 2.42 -2.05
N LEU J 57 -3.02 2.25 -1.58
CA LEU J 57 -2.31 3.26 -0.80
C LEU J 57 -2.10 4.53 -1.63
N THR J 58 -2.11 5.68 -1.00
CA THR J 58 -1.50 6.89 -1.56
C THR J 58 -0.82 7.68 -0.43
N VAL J 59 0.29 8.36 -0.71
CA VAL J 59 1.22 8.84 0.33
C VAL J 59 0.63 9.85 1.32
N TRP J 60 -0.11 10.88 0.91
CA TRP J 60 -0.84 11.71 1.87
C TRP J 60 -1.98 10.96 2.56
N GLY J 61 -2.64 10.04 1.85
CA GLY J 61 -3.78 9.27 2.35
C GLY J 61 -3.44 8.45 3.59
N ILE J 62 -2.36 7.67 3.54
CA ILE J 62 -1.90 6.90 4.70
C ILE J 62 -1.43 7.81 5.85
N LYS J 63 -0.81 8.96 5.53
CA LYS J 63 -0.36 9.96 6.51
C LYS J 63 -1.53 10.63 7.23
N GLN J 64 -2.59 11.03 6.52
CA GLN J 64 -3.84 11.48 7.13
C GLN J 64 -4.43 10.40 8.03
N LEU J 65 -4.44 9.14 7.59
CA LEU J 65 -5.05 8.06 8.34
C LEU J 65 -4.32 7.79 9.65
N GLN J 66 -2.99 7.72 9.61
CA GLN J 66 -2.14 7.71 10.79
C GLN J 66 -2.37 8.94 11.70
N ALA J 67 -2.39 10.14 11.12
CA ALA J 67 -2.58 11.38 11.84
C ALA J 67 -3.90 11.41 12.62
N ARG J 68 -5.01 11.09 11.96
CA ARG J 68 -6.32 11.08 12.60
C ARG J 68 -6.34 10.06 13.72
N VAL J 69 -5.78 8.88 13.52
CA VAL J 69 -5.71 7.90 14.61
C VAL J 69 -4.91 8.41 15.79
N LEU J 70 -3.71 8.98 15.58
CA LEU J 70 -2.91 9.52 16.68
C LEU J 70 -3.65 10.63 17.45
N ALA J 71 -4.26 11.56 16.73
CA ALA J 71 -5.09 12.60 17.35
C ALA J 71 -6.25 11.99 18.14
N VAL J 72 -6.99 11.08 17.52
CA VAL J 72 -8.15 10.40 18.16
C VAL J 72 -7.66 9.74 19.43
N GLU J 73 -6.62 8.92 19.36
CA GLU J 73 -6.13 8.16 20.53
C GLU J 73 -5.62 9.13 21.60
N ARG J 74 -4.87 10.17 21.21
CA ARG J 74 -4.34 11.17 22.16
C ARG J 74 -5.51 11.94 22.78
N TYR J 75 -6.51 12.28 22.00
CA TYR J 75 -7.72 12.96 22.52
C TYR J 75 -8.41 11.98 23.45
N LEU J 76 -8.44 10.70 23.09
CA LEU J 76 -9.09 9.64 23.90
C LEU J 76 -8.27 9.39 25.15
N GLU J 77 -6.98 9.73 25.16
CA GLU J 77 -6.09 9.51 26.33
C GLU J 77 -6.44 10.54 27.40
N VAL J 78 -6.77 11.77 27.03
CA VAL J 78 -7.19 12.83 27.94
C VAL J 78 -8.64 12.67 28.37
N GLN J 79 -9.52 12.08 27.55
CA GLN J 79 -10.85 11.70 28.01
C GLN J 79 -10.75 10.61 29.08
N GLN J 80 -9.81 9.69 28.96
CA GLN J 80 -9.54 8.63 29.92
C GLN J 80 -9.00 9.25 31.21
N LEU J 81 -8.12 10.25 31.10
CA LEU J 81 -7.70 11.04 32.25
C LEU J 81 -8.92 11.69 32.89
N LEU J 82 -9.76 12.38 32.13
CA LEU J 82 -11.05 12.91 32.58
C LEU J 82 -12.10 11.85 32.95
N GLY J 83 -11.74 10.58 32.84
CA GLY J 83 -12.47 9.49 33.44
C GLY J 83 -11.97 9.34 34.85
N ILE J 84 -10.72 8.90 34.97
CA ILE J 84 -10.18 8.45 36.24
C ILE J 84 -9.86 9.63 37.16
N TRP J 85 -9.68 10.84 36.65
CA TRP J 85 -9.61 12.08 37.43
C TRP J 85 -10.99 12.60 37.81
N GLY J 86 -12.03 11.98 37.23
CA GLY J 86 -13.36 12.55 37.10
C GLY J 86 -13.50 13.62 36.05
N CYS J 87 -14.64 14.30 36.09
CA CYS J 87 -14.82 15.61 35.47
C CYS J 87 -14.94 15.63 33.95
N SER J 88 -14.86 14.52 33.21
CA SER J 88 -15.37 14.48 31.82
C SER J 88 -16.84 14.91 31.68
N GLY J 89 -17.66 14.73 32.71
CA GLY J 89 -19.03 15.25 32.80
C GLY J 89 -19.12 16.72 33.21
N LYS J 90 -18.02 17.36 33.58
CA LYS J 90 -17.95 18.73 34.13
C LYS J 90 -16.54 19.30 33.86
N LEU J 91 -16.29 19.85 32.68
CA LEU J 91 -14.94 20.15 32.17
C LEU J 91 -14.18 21.27 32.89
N ILE J 92 -14.64 21.68 34.06
CA ILE J 92 -13.84 22.38 35.04
C ILE J 92 -13.96 21.60 36.37
N CYS J 93 -12.87 21.19 37.01
CA CYS J 93 -12.85 20.02 37.88
C CYS J 93 -12.57 20.22 39.38
N CYS J 94 -13.23 19.39 40.19
CA CYS J 94 -13.12 19.32 41.63
C CYS J 94 -12.70 17.94 42.15
N THR J 95 -11.77 17.94 43.10
CA THR J 95 -11.55 16.87 44.09
C THR J 95 -11.05 17.47 45.40
N ASN J 96 -11.26 16.81 46.55
CA ASN J 96 -10.62 17.20 47.80
C ASN J 96 -9.22 16.58 47.98
N VAL J 97 -8.57 16.10 46.92
CA VAL J 97 -7.19 15.60 46.99
C VAL J 97 -6.23 16.68 47.47
N PRO J 98 -5.25 16.36 48.35
CA PRO J 98 -4.36 17.35 48.92
C PRO J 98 -3.59 18.13 47.86
N TRP J 99 -3.58 19.46 47.94
CA TRP J 99 -2.50 20.21 47.34
C TRP J 99 -1.27 20.04 48.24
N ASN J 100 -0.29 19.25 47.80
CA ASN J 100 0.83 18.90 48.64
C ASN J 100 1.78 20.11 48.71
N SER J 101 2.01 20.66 49.91
CA SER J 101 2.89 21.83 50.13
C SER J 101 4.35 21.61 49.71
N SER J 102 4.78 20.40 49.35
CA SER J 102 6.07 20.18 48.66
C SER J 102 6.13 20.79 47.25
N TRP J 103 4.99 21.03 46.62
CA TRP J 103 4.87 21.73 45.33
C TRP J 103 5.12 23.25 45.49
N SER J 104 5.07 24.01 44.40
CA SER J 104 5.17 25.47 44.45
C SER J 104 4.13 26.09 45.38
N ASN J 105 4.55 26.94 46.30
CA ASN J 105 3.66 27.58 47.25
C ASN J 105 2.94 28.82 46.69
N LYS J 106 3.08 29.12 45.39
CA LYS J 106 2.51 30.35 44.80
C LYS J 106 1.02 30.51 45.08
N SER J 107 0.63 31.73 45.40
CA SER J 107 -0.72 32.07 45.87
C SER J 107 -1.76 31.97 44.75
N LEU J 108 -3.00 31.59 45.07
CA LEU J 108 -4.11 31.60 44.13
C LEU J 108 -4.26 32.95 43.42
N ASP J 109 -4.12 34.03 44.18
CA ASP J 109 -4.15 35.39 43.65
C ASP J 109 -3.09 35.62 42.56
N GLU J 110 -1.85 35.20 42.81
CA GLU J 110 -0.78 35.28 41.82
C GLU J 110 -1.16 34.44 40.60
N ILE J 111 -1.62 33.22 40.84
CA ILE J 111 -1.79 32.24 39.80
C ILE J 111 -2.85 32.69 38.81
N TRP J 112 -4.07 32.93 39.30
CA TRP J 112 -5.20 33.28 38.43
C TRP J 112 -5.07 34.70 37.85
N ASN J 113 -4.32 35.61 38.50
CA ASN J 113 -4.33 37.04 38.15
C ASN J 113 -2.96 37.66 37.81
N ASN J 114 -1.88 36.88 37.74
CA ASN J 114 -0.55 37.36 37.30
C ASN J 114 0.25 36.29 36.53
N MET J 115 0.21 35.04 36.96
CA MET J 115 0.84 33.90 36.29
C MET J 115 -0.02 33.36 35.14
N THR J 116 0.55 32.46 34.34
CA THR J 116 0.17 32.21 32.94
C THR J 116 0.54 30.78 32.51
N TRP J 117 -0.27 30.08 31.71
CA TRP J 117 -0.29 28.60 31.71
C TRP J 117 1.03 27.93 31.32
N LEU J 118 1.70 28.34 30.24
CA LEU J 118 2.98 27.72 29.89
C LEU J 118 3.98 27.91 31.02
N GLN J 119 4.13 29.16 31.43
CA GLN J 119 4.98 29.58 32.54
C GLN J 119 4.57 28.93 33.87
N TRP J 120 3.31 28.56 34.04
CA TRP J 120 2.82 27.74 35.16
C TRP J 120 3.27 26.27 35.02
N ASP J 121 2.96 25.60 33.91
CA ASP J 121 3.34 24.20 33.77
C ASP J 121 4.85 24.01 33.82
N LYS J 122 5.61 24.93 33.22
CA LYS J 122 7.08 24.93 33.25
C LYS J 122 7.67 25.20 34.64
N GLU J 123 6.87 25.61 35.61
CA GLU J 123 7.20 25.61 37.03
C GLU J 123 6.69 24.36 37.75
N ILE J 124 5.67 23.68 37.21
CA ILE J 124 4.87 22.69 37.94
C ILE J 124 5.09 21.25 37.46
N ASN J 125 5.54 21.04 36.22
CA ASN J 125 5.85 19.77 35.58
C ASN J 125 6.65 18.82 36.48
N ASN J 126 7.62 19.35 37.22
CA ASN J 126 8.43 18.61 38.18
C ASN J 126 7.58 17.89 39.23
N TYR J 127 6.45 18.48 39.63
CA TYR J 127 5.46 17.85 40.50
C TYR J 127 4.43 17.03 39.72
N THR J 128 4.11 17.40 38.48
CA THR J 128 2.87 16.93 37.81
C THR J 128 2.68 15.43 37.80
N GLN J 129 3.73 14.64 37.62
CA GLN J 129 3.56 13.20 37.52
C GLN J 129 3.01 12.62 38.83
N LEU J 130 3.36 13.20 39.97
CA LEU J 130 2.75 12.82 41.26
C LEU J 130 1.26 13.10 41.21
N ILE J 131 0.88 14.31 40.82
CA ILE J 131 -0.54 14.71 40.75
C ILE J 131 -1.28 13.83 39.76
N TYR J 132 -0.77 13.63 38.55
CA TYR J 132 -1.38 12.80 37.53
C TYR J 132 -1.54 11.32 37.93
N ARG J 133 -1.07 10.92 39.11
CA ARG J 133 -1.51 9.68 39.77
C ARG J 133 -2.34 9.97 41.02
N LEU J 134 -1.89 10.81 41.93
CA LEU J 134 -2.57 11.07 43.19
C LEU J 134 -3.95 11.71 43.02
N ILE J 135 -4.18 12.37 41.88
CA ILE J 135 -5.49 12.85 41.46
C ILE J 135 -6.51 11.73 41.39
N GLU J 136 -6.14 10.53 40.93
CA GLU J 136 -7.03 9.38 40.93
C GLU J 136 -7.03 8.72 42.30
N GLU J 137 -7.40 9.51 43.30
CA GLU J 137 -7.84 9.01 44.59
C GLU J 137 -9.35 8.73 44.57
N SER J 138 -9.81 8.26 45.71
CA SER J 138 -11.02 7.50 45.91
C SER J 138 -12.27 8.15 45.32
N GLN J 139 -12.36 9.47 45.37
CA GLN J 139 -13.42 10.30 44.79
C GLN J 139 -13.77 9.88 43.36
N PHE J 140 -12.76 9.52 42.56
CA PHE J 140 -12.93 8.95 41.21
C PHE J 140 -12.21 7.63 41.02
N GLN J 141 -11.66 7.03 42.07
CA GLN J 141 -10.92 5.78 41.98
C GLN J 141 -11.50 4.66 42.85
N GLN J 142 -12.21 4.97 43.93
CA GLN J 142 -12.63 3.98 44.94
C GLN J 142 -13.98 4.27 45.62
N GLU J 143 -14.63 5.42 45.43
CA GLU J 143 -15.55 5.94 46.43
C GLU J 143 -16.80 5.11 46.72
N ILE J 144 -17.28 4.25 45.81
CA ILE J 144 -18.44 3.40 46.11
C ILE J 144 -18.12 2.38 47.23
N ASN J 145 -16.84 2.06 47.41
CA ASN J 145 -16.34 1.33 48.58
C ASN J 145 -16.63 2.09 49.91
N GLU J 146 -16.92 3.39 49.83
CA GLU J 146 -17.32 4.28 50.89
C GLU J 146 -18.82 4.59 50.82
N VAL J 147 -19.41 4.64 49.61
CA VAL J 147 -20.88 4.64 49.45
C VAL J 147 -21.48 3.37 50.06
N GLU J 148 -20.70 2.30 50.17
CA GLU J 148 -20.99 1.11 50.96
C GLU J 148 -21.48 1.46 52.37
N LEU J 149 -20.81 2.38 53.07
CA LEU J 149 -21.22 2.86 54.38
C LEU J 149 -22.51 3.70 54.31
N LEU J 150 -22.72 4.44 53.21
CA LEU J 150 -23.87 5.32 53.00
C LEU J 150 -25.16 4.57 52.65
N ALA J 151 -25.08 3.39 52.03
CA ALA J 151 -26.22 2.70 51.42
C ALA J 151 -26.39 1.21 51.76
N LEU J 152 -25.40 0.54 52.38
CA LEU J 152 -25.45 -0.86 52.80
C LEU J 152 -25.28 -1.04 54.34
N ASP J 153 -26.13 -1.89 54.95
CA ASP J 153 -26.21 -2.14 56.41
C ASP J 153 -24.94 -2.76 57.04
N GLU K 1 60.43 18.54 27.49
CA GLU K 1 59.57 18.17 28.64
C GLU K 1 58.75 16.90 28.38
N MET K 2 57.67 16.96 27.61
CA MET K 2 57.01 15.74 27.08
C MET K 2 57.93 15.06 26.07
N ARG K 3 57.87 13.74 25.95
CA ARG K 3 58.66 12.99 24.96
C ARG K 3 57.73 12.15 24.09
N LEU K 4 57.99 12.19 22.78
CA LEU K 4 57.13 11.63 21.75
C LEU K 4 57.89 10.47 21.11
N GLU K 5 57.33 9.27 21.22
CA GLU K 5 58.09 8.02 21.19
C GLU K 5 57.27 6.93 20.49
N GLU K 6 57.95 5.95 19.88
CA GLU K 6 57.31 4.83 19.19
C GLU K 6 57.97 3.47 19.47
N SER K 7 57.36 2.38 18.99
CA SER K 7 57.93 1.02 18.94
C SER K 7 59.34 0.94 18.34
N GLY K 8 60.13 -0.08 18.69
CA GLY K 8 61.31 -0.46 17.91
C GLY K 8 60.92 -1.05 16.55
N GLY K 9 61.67 -0.73 15.51
CA GLY K 9 61.43 -1.20 14.15
C GLY K 9 62.19 -2.48 13.79
N ALA K 10 62.58 -2.60 12.53
CA ALA K 10 63.46 -3.66 12.02
C ALA K 10 64.22 -3.19 10.77
N LEU K 11 65.27 -3.90 10.36
CA LEU K 11 65.84 -3.80 9.02
C LEU K 11 64.93 -4.50 8.01
N VAL K 12 63.68 -4.02 7.90
CA VAL K 12 62.54 -4.68 7.26
C VAL K 12 62.83 -5.28 5.88
N LYS K 13 62.21 -6.41 5.55
CA LYS K 13 62.40 -7.01 4.22
C LYS K 13 61.82 -6.10 3.13
N PRO K 14 62.48 -5.93 1.99
CA PRO K 14 61.83 -5.39 0.80
C PRO K 14 60.63 -6.27 0.45
N GLY K 15 59.46 -5.67 0.24
CA GLY K 15 58.18 -6.38 0.10
C GLY K 15 57.62 -6.99 1.38
N GLY K 16 58.22 -6.70 2.55
CA GLY K 16 57.80 -7.20 3.86
C GLY K 16 56.69 -6.37 4.53
N SER K 17 56.59 -6.55 5.85
CA SER K 17 55.62 -5.90 6.75
C SER K 17 56.24 -5.43 8.08
N LEU K 18 55.57 -4.51 8.78
CA LEU K 18 56.01 -3.91 10.06
C LEU K 18 54.82 -3.35 10.85
N ARG K 19 54.97 -3.18 12.16
CA ARG K 19 54.11 -2.33 12.99
C ARG K 19 54.92 -1.41 13.88
N LEU K 20 54.54 -0.14 13.94
CA LEU K 20 55.04 0.81 14.92
C LEU K 20 53.86 1.54 15.55
N SER K 21 53.95 1.87 16.83
CA SER K 21 52.88 2.54 17.57
C SER K 21 53.42 3.54 18.58
N CYS K 22 52.56 4.46 19.01
CA CYS K 22 52.83 5.33 20.15
C CYS K 22 53.32 4.55 21.38
N VAL K 23 54.44 5.01 21.96
CA VAL K 23 54.82 4.73 23.36
C VAL K 23 55.19 6.02 24.11
N ALA K 24 54.76 7.18 23.63
CA ALA K 24 55.11 8.50 24.17
C ALA K 24 54.78 8.71 25.66
N SER K 25 55.38 9.73 26.27
CA SER K 25 55.26 10.05 27.69
C SER K 25 55.10 11.54 27.98
N GLY K 26 54.51 11.82 29.15
CA GLY K 26 54.38 13.17 29.73
C GLY K 26 52.96 13.74 29.79
N PHE K 27 51.98 13.10 29.15
CA PHE K 27 50.62 13.58 28.95
C PHE K 27 49.64 12.40 28.85
N LYS K 28 48.35 12.65 29.06
CA LYS K 28 47.31 11.66 28.72
C LYS K 28 47.27 11.56 27.19
N LEU K 29 47.56 10.39 26.63
CA LEU K 29 47.62 10.21 25.18
C LEU K 29 46.31 10.64 24.51
N SER K 30 45.17 10.34 25.17
CA SER K 30 43.88 11.00 25.02
C SER K 30 43.57 11.41 23.58
N GLU K 31 43.54 10.45 22.67
CA GLU K 31 43.22 10.66 21.26
C GLU K 31 44.05 11.69 20.48
N TRP K 32 45.01 12.43 21.04
CA TRP K 32 45.69 13.47 20.24
C TRP K 32 46.41 12.83 19.06
N SER K 33 46.30 13.40 17.85
CA SER K 33 46.51 12.60 16.64
C SER K 33 47.89 11.97 16.58
N LEU K 34 47.90 10.78 15.98
CA LEU K 34 49.11 10.25 15.38
C LEU K 34 49.79 11.34 14.54
N MET K 35 51.10 11.46 14.64
CA MET K 35 51.89 12.12 13.62
C MET K 35 53.33 11.61 13.59
N TRP K 36 53.82 11.47 12.37
CA TRP K 36 55.05 10.80 11.98
C TRP K 36 55.43 11.28 10.58
N VAL K 37 56.61 10.92 10.09
CA VAL K 37 57.11 11.38 8.80
C VAL K 37 57.89 10.32 8.04
N ARG K 38 57.78 10.35 6.72
CA ARG K 38 58.84 9.86 5.82
C ARG K 38 59.96 10.90 5.80
N GLN K 39 60.75 10.98 6.87
CA GLN K 39 62.09 11.59 6.79
C GLN K 39 63.00 10.63 6.02
N ALA K 40 62.82 10.52 4.71
CA ALA K 40 63.51 9.54 3.89
C ALA K 40 65.04 9.70 4.00
N PRO K 41 65.82 8.61 3.98
CA PRO K 41 67.23 8.69 4.37
C PRO K 41 68.01 9.62 3.44
N GLY K 42 68.64 10.65 4.00
CA GLY K 42 69.37 11.68 3.23
C GLY K 42 68.52 12.70 2.46
N LYS K 43 67.18 12.54 2.48
CA LYS K 43 66.20 13.54 2.03
C LYS K 43 65.86 14.52 3.17
N GLY K 44 64.91 15.41 2.92
CA GLY K 44 64.34 16.35 3.88
C GLY K 44 63.23 15.76 4.75
N LEU K 45 61.97 16.10 4.45
CA LEU K 45 60.79 15.62 5.17
C LEU K 45 59.60 15.33 4.25
N GLN K 46 58.72 14.46 4.73
CA GLN K 46 57.47 14.12 4.08
C GLN K 46 56.52 13.51 5.12
N TRP K 47 55.21 13.50 4.85
CA TRP K 47 54.18 12.94 5.74
C TRP K 47 54.46 11.51 6.20
N VAL K 48 53.80 11.10 7.29
CA VAL K 48 53.49 9.68 7.50
C VAL K 48 52.37 9.26 6.58
N SER K 49 51.35 10.11 6.57
CA SER K 49 50.11 10.09 5.84
C SER K 49 49.27 11.21 6.44
N SER K 50 48.04 11.36 5.95
CA SER K 50 46.97 11.90 6.78
C SER K 50 46.71 10.94 7.95
N ILE K 51 46.15 11.43 9.06
CA ILE K 51 46.25 10.81 10.39
C ILE K 51 45.04 11.10 11.27
N SER K 52 44.84 10.30 12.32
CA SER K 52 43.61 10.26 13.12
C SER K 52 43.83 10.76 14.53
N LEU K 53 42.86 11.53 15.04
CA LEU K 53 42.67 11.72 16.47
C LEU K 53 41.97 10.47 17.04
N ASN K 54 40.72 10.55 17.49
CA ASN K 54 39.97 9.30 17.79
C ASN K 54 39.94 8.63 16.43
N GLN K 55 39.95 7.31 16.29
CA GLN K 55 40.00 6.67 14.94
C GLN K 55 38.84 7.22 14.12
N ASP K 56 39.04 7.65 12.86
CA ASP K 56 38.01 8.25 11.97
C ASP K 56 38.57 9.33 11.05
N TYR K 57 39.52 10.14 11.50
CA TYR K 57 40.01 11.33 10.76
C TYR K 57 41.29 11.04 10.00
N ILE K 58 41.85 9.85 10.12
CA ILE K 58 43.03 9.44 9.33
C ILE K 58 42.56 9.24 7.90
N SER K 59 43.44 9.38 6.92
CA SER K 59 43.16 9.00 5.51
C SER K 59 44.52 8.69 4.92
N TYR K 60 44.62 7.82 3.92
CA TYR K 60 45.89 7.67 3.22
C TYR K 60 46.43 9.04 2.76
N ALA K 61 47.70 9.09 2.35
CA ALA K 61 48.22 10.16 1.52
C ALA K 61 48.00 9.84 0.04
N GLY K 62 47.18 10.65 -0.64
CA GLY K 62 46.73 10.36 -2.01
C GLY K 62 46.15 8.95 -2.15
N SER K 63 46.67 8.18 -3.11
CA SER K 63 46.37 6.72 -3.21
C SER K 63 47.64 5.98 -2.75
N VAL K 64 48.67 6.67 -2.22
CA VAL K 64 50.02 6.09 -1.90
C VAL K 64 50.06 5.13 -0.72
N ARG K 65 49.41 5.42 0.40
CA ARG K 65 49.57 4.60 1.63
C ARG K 65 48.38 3.68 1.77
N GLY K 66 47.72 3.35 0.67
CA GLY K 66 46.67 2.34 0.67
C GLY K 66 47.29 1.02 1.11
N ARG K 67 48.53 0.76 0.70
CA ARG K 67 49.25 -0.50 1.05
C ARG K 67 49.60 -0.52 2.54
N PHE K 68 49.30 0.52 3.33
CA PHE K 68 49.44 0.60 4.80
C PHE K 68 48.07 0.78 5.47
N ASP K 69 48.02 0.65 6.78
CA ASP K 69 46.84 0.86 7.61
C ASP K 69 47.23 1.63 8.88
N VAL K 70 46.25 2.24 9.53
CA VAL K 70 46.45 3.06 10.73
C VAL K 70 45.32 2.81 11.73
N PHE K 71 45.60 2.84 13.03
CA PHE K 71 44.62 2.55 14.09
C PHE K 71 44.78 3.45 15.31
N ARG K 72 43.73 3.57 16.12
CA ARG K 72 43.75 4.25 17.43
C ARG K 72 43.78 3.30 18.62
N ASP K 73 42.91 2.29 18.55
CA ASP K 73 42.56 1.32 19.60
C ASP K 73 41.97 1.95 20.88
N ARG K 74 41.04 1.24 21.52
CA ARG K 74 40.57 1.54 22.88
C ARG K 74 41.74 1.67 23.84
N THR K 75 42.74 0.79 23.76
CA THR K 75 44.04 0.99 24.45
C THR K 75 44.83 2.06 23.71
N GLN K 76 44.93 3.27 24.28
CA GLN K 76 45.47 4.47 23.61
C GLN K 76 46.92 4.30 23.11
N THR K 77 47.68 3.38 23.70
CA THR K 77 49.01 3.00 23.21
C THR K 77 48.99 2.55 21.75
N SER K 78 47.99 1.79 21.31
CA SER K 78 47.81 1.33 19.92
C SER K 78 47.28 2.39 18.95
N LEU K 79 47.64 3.66 19.20
CA LEU K 79 47.75 4.69 18.17
C LEU K 79 48.89 4.29 17.21
N LEU K 80 48.53 3.48 16.22
CA LEU K 80 49.40 2.52 15.56
C LEU K 80 49.42 2.70 14.04
N LEU K 81 50.58 2.45 13.45
CA LEU K 81 50.88 2.40 12.02
C LEU K 81 51.25 0.96 11.61
N ASN K 82 50.48 0.38 10.68
CA ASN K 82 50.71 -0.96 10.15
C ASN K 82 51.14 -0.88 8.69
N MET K 83 52.22 -1.58 8.37
CA MET K 83 52.92 -1.46 7.10
C MET K 83 52.90 -2.81 6.38
N ASN K 84 52.57 -2.80 5.08
CA ASN K 84 52.51 -4.00 4.25
C ASN K 84 53.09 -3.68 2.87
N LYS K 85 53.48 -4.73 2.12
CA LYS K 85 53.97 -4.67 0.73
C LYS K 85 55.10 -3.65 0.54
N LEU K 86 56.02 -3.59 1.51
CA LEU K 86 56.94 -2.46 1.68
C LEU K 86 57.81 -2.15 0.46
N LYS K 87 57.77 -0.89 0.01
CA LYS K 87 58.61 -0.33 -1.07
C LYS K 87 59.88 0.31 -0.49
N THR K 88 60.92 0.50 -1.30
CA THR K 88 62.07 1.36 -0.94
C THR K 88 61.63 2.81 -0.67
N GLU K 89 60.56 3.28 -1.31
CA GLU K 89 59.92 4.58 -1.00
C GLU K 89 59.36 4.70 0.43
N ASP K 90 59.02 3.60 1.11
CA ASP K 90 58.43 3.65 2.45
C ASP K 90 59.42 4.04 3.55
N THR K 91 60.70 3.93 3.26
CA THR K 91 61.79 4.04 4.23
C THR K 91 62.00 5.48 4.74
N GLY K 92 62.60 5.62 5.92
CA GLY K 92 62.90 6.91 6.55
C GLY K 92 62.98 6.85 8.09
N VAL K 93 63.33 7.98 8.71
CA VAL K 93 63.29 8.11 10.17
C VAL K 93 61.87 8.43 10.60
N TYR K 94 61.21 7.48 11.24
CA TYR K 94 59.88 7.65 11.84
C TYR K 94 59.97 8.44 13.16
N PHE K 95 60.59 9.62 13.14
CA PHE K 95 60.35 10.62 14.19
C PHE K 95 58.86 10.94 14.27
N CYS K 96 58.39 11.37 15.43
CA CYS K 96 56.96 11.53 15.71
C CYS K 96 56.66 12.75 16.58
N ALA K 97 55.43 13.24 16.53
CA ALA K 97 55.04 14.44 17.25
C ALA K 97 53.60 14.38 17.74
N ARG K 98 53.33 15.07 18.84
CA ARG K 98 51.94 15.31 19.24
C ARG K 98 51.31 16.29 18.25
N VAL K 99 49.98 16.29 18.16
CA VAL K 99 49.22 17.17 17.28
C VAL K 99 48.51 18.28 18.06
N HIS K 100 48.65 19.53 17.62
CA HIS K 100 48.19 20.75 18.31
C HIS K 100 46.70 21.05 17.98
N ALA K 101 45.85 20.01 17.97
CA ALA K 101 44.46 20.06 17.50
C ALA K 101 43.64 18.86 18.04
N TRP K 102 42.30 18.97 18.08
CA TRP K 102 41.46 18.12 18.95
C TRP K 102 40.11 17.60 18.34
N ARG K 103 39.73 18.00 17.11
CA ARG K 103 38.38 17.80 16.48
C ARG K 103 38.26 16.58 15.54
N TYR K 104 37.07 16.37 14.95
CA TYR K 104 36.76 15.39 13.88
C TYR K 104 37.53 15.72 12.54
N PHE K 105 37.14 15.19 11.36
CA PHE K 105 37.60 15.72 10.04
C PHE K 105 36.68 15.41 8.83
N ASP K 106 35.69 16.24 8.45
CA ASP K 106 35.00 16.10 7.13
C ASP K 106 34.06 17.23 6.68
N TRP K 107 33.77 17.27 5.38
CA TRP K 107 32.70 17.99 4.66
C TRP K 107 32.63 17.46 3.20
N VAL K 108 31.93 18.14 2.28
CA VAL K 108 32.22 18.02 0.84
C VAL K 108 33.67 18.45 0.64
N ASN K 109 34.57 17.50 0.42
CA ASN K 109 36.01 17.69 0.57
C ASN K 109 36.69 18.26 -0.69
N ARG K 110 37.79 17.66 -1.15
CA ARG K 110 38.69 18.13 -2.20
C ARG K 110 39.28 19.50 -1.85
N ARG K 111 38.64 20.59 -2.24
CA ARG K 111 39.04 21.97 -1.87
C ARG K 111 37.92 22.75 -1.14
N SER K 112 36.74 22.16 -1.00
CA SER K 112 35.62 22.78 -0.30
C SER K 112 35.75 22.70 1.24
N PRO K 113 34.93 23.44 2.03
CA PRO K 113 35.20 23.76 3.44
C PRO K 113 35.24 22.64 4.50
N VAL K 114 36.42 22.12 4.82
CA VAL K 114 36.69 21.49 6.12
C VAL K 114 37.49 22.45 6.98
N GLU K 115 36.92 22.89 8.11
CA GLU K 115 37.68 23.62 9.13
C GLU K 115 38.70 22.74 9.83
N LYS K 116 38.30 21.50 10.05
CA LYS K 116 38.79 20.63 11.12
C LYS K 116 40.32 20.61 11.28
N VAL K 117 40.79 21.28 12.33
CA VAL K 117 42.20 21.57 12.57
C VAL K 117 43.14 20.36 12.57
N LEU K 118 44.30 20.51 11.91
CA LEU K 118 45.48 19.63 11.97
C LEU K 118 46.77 20.48 12.10
N SER K 119 47.80 19.99 12.79
CA SER K 119 48.92 20.80 13.29
C SER K 119 49.95 19.97 14.08
N ILE K 120 51.24 20.31 14.01
CA ILE K 120 52.28 19.53 14.69
C ILE K 120 52.84 20.32 15.88
N ASP K 121 52.78 19.71 17.06
CA ASP K 121 53.24 20.25 18.35
C ASP K 121 54.74 19.94 18.58
N LEU K 122 55.19 19.75 19.82
CA LEU K 122 56.49 19.17 20.16
C LEU K 122 56.65 17.74 19.64
N TRP K 123 57.91 17.37 19.38
CA TRP K 123 58.34 16.33 18.44
C TRP K 123 59.57 15.59 19.00
N GLY K 124 59.59 14.26 18.93
CA GLY K 124 60.58 13.39 19.57
C GLY K 124 61.16 12.26 18.70
N ARG K 125 62.15 11.55 19.28
CA ARG K 125 63.00 10.55 18.63
C ARG K 125 62.20 9.45 17.95
N GLY K 126 62.77 8.86 16.90
CA GLY K 126 62.20 7.69 16.23
C GLY K 126 63.21 6.84 15.44
N THR K 127 62.79 5.66 15.02
CA THR K 127 63.63 4.66 14.34
C THR K 127 63.89 5.05 12.89
N LEU K 128 65.15 4.97 12.44
CA LEU K 128 65.53 4.95 11.03
C LEU K 128 65.23 3.56 10.46
N VAL K 129 64.15 3.43 9.68
CA VAL K 129 63.72 2.16 9.08
C VAL K 129 64.07 2.16 7.59
N THR K 130 64.81 1.15 7.16
CA THR K 130 65.25 0.92 5.78
C THR K 130 65.12 -0.57 5.46
N VAL K 131 65.12 -0.91 4.17
CA VAL K 131 64.90 -2.30 3.71
C VAL K 131 65.95 -3.29 4.27
N ALA L 6 54.84 23.08 -3.40
CA ALA L 6 55.10 24.36 -2.70
C ALA L 6 56.30 24.23 -1.75
N THR L 7 57.30 25.13 -1.80
CA THR L 7 58.55 24.97 -1.01
C THR L 7 59.28 26.30 -0.74
N GLN L 8 60.21 26.33 0.21
CA GLN L 8 61.28 27.34 0.25
C GLN L 8 62.35 27.07 -0.82
N PRO L 9 63.13 28.08 -1.22
CA PRO L 9 64.39 27.89 -1.93
C PRO L 9 65.37 26.99 -1.13
N PRO L 10 66.34 26.35 -1.81
CA PRO L 10 67.42 25.61 -1.16
C PRO L 10 68.37 26.54 -0.41
N SER L 13 73.34 30.34 2.53
CA SER L 13 74.28 30.69 3.59
C SER L 13 73.99 32.05 4.24
N VAL L 14 74.50 32.24 5.46
CA VAL L 14 74.62 33.54 6.14
C VAL L 14 76.04 33.71 6.66
N SER L 15 76.51 34.94 6.82
CA SER L 15 77.71 35.17 7.63
C SER L 15 77.33 35.25 9.11
N LYS L 16 78.31 35.14 10.02
CA LYS L 16 78.07 35.25 11.46
C LYS L 16 77.58 36.66 11.84
N GLY L 17 76.51 36.77 12.63
CA GLY L 17 75.87 38.04 13.06
C GLY L 17 74.55 38.40 12.37
N GLU L 18 74.24 37.79 11.23
CA GLU L 18 73.01 38.02 10.45
C GLU L 18 71.84 37.16 10.96
N THR L 19 70.63 37.37 10.46
CA THR L 19 69.43 36.60 10.84
C THR L 19 68.59 36.19 9.63
N ALA L 20 67.92 35.03 9.72
CA ALA L 20 67.24 34.41 8.59
C ALA L 20 65.82 34.93 8.34
N ARG L 21 65.51 35.17 7.06
CA ARG L 21 64.18 35.46 6.53
C ARG L 21 63.98 34.69 5.22
N ILE L 22 63.52 33.44 5.35
CA ILE L 22 63.30 32.56 4.20
C ILE L 22 61.79 32.46 3.95
N THR L 23 61.38 32.69 2.71
CA THR L 23 59.99 32.53 2.27
C THR L 23 59.78 31.11 1.75
N CYS L 24 58.73 30.42 2.18
CA CYS L 24 58.28 29.15 1.62
C CYS L 24 56.95 29.36 0.86
N SER L 25 56.91 28.94 -0.41
CA SER L 25 55.68 28.56 -1.15
C SER L 25 55.98 28.11 -2.58
N GLY L 26 57.07 28.54 -3.21
CA GLY L 26 57.28 28.40 -4.66
C GLY L 26 56.49 29.44 -5.48
N VAL L 27 56.46 30.67 -4.97
CA VAL L 27 55.79 31.89 -5.49
C VAL L 27 54.24 31.91 -5.50
N GLU L 28 53.55 30.96 -4.84
CA GLU L 28 52.08 31.04 -4.67
C GLU L 28 51.54 30.24 -3.47
N LEU L 29 50.82 30.90 -2.55
CA LEU L 29 50.11 30.30 -1.40
C LEU L 29 49.19 31.34 -0.72
N SER L 30 48.27 30.89 0.13
CA SER L 30 47.30 31.73 0.86
C SER L 30 46.80 31.06 2.15
N SER L 31 45.99 31.75 2.96
CA SER L 31 45.21 31.14 4.06
C SER L 31 46.04 30.35 5.09
N GLN L 32 45.38 29.45 5.83
CA GLN L 32 45.96 28.62 6.89
C GLN L 32 47.13 27.70 6.47
N TYR L 33 47.57 27.73 5.21
CA TYR L 33 48.44 26.73 4.59
C TYR L 33 49.92 26.88 5.03
N VAL L 34 50.14 27.30 6.28
CA VAL L 34 51.32 28.04 6.77
C VAL L 34 51.83 27.42 8.07
N SER L 35 53.03 26.82 7.93
CA SER L 35 53.75 26.21 9.07
C SER L 35 55.23 25.93 8.70
N TRP L 36 56.15 25.83 9.68
CA TRP L 36 57.59 25.46 9.45
C TRP L 36 58.28 24.91 10.70
N TYR L 37 59.13 23.88 10.59
CA TYR L 37 59.73 23.17 11.74
C TYR L 37 61.25 23.01 11.59
N ARG L 38 62.06 23.31 12.62
CA ARG L 38 63.55 23.34 12.53
C ARG L 38 64.15 21.99 12.89
N GLN L 39 65.36 21.67 12.47
CA GLN L 39 66.04 20.43 12.87
C GLN L 39 67.52 20.68 13.19
N ARG L 40 68.16 19.78 13.93
CA ARG L 40 69.60 19.53 13.83
C ARG L 40 69.73 18.02 13.54
N PRO L 41 70.45 17.57 12.50
CA PRO L 41 70.45 16.18 12.09
C PRO L 41 70.67 15.19 13.25
N GLY L 42 69.96 14.07 13.21
CA GLY L 42 69.97 13.06 14.27
C GLY L 42 69.03 13.38 15.44
N GLN L 43 68.83 14.65 15.77
CA GLN L 43 67.64 15.08 16.52
C GLN L 43 66.43 15.07 15.58
N SER L 44 65.23 15.10 16.17
CA SER L 44 64.00 15.20 15.39
C SER L 44 63.86 16.57 14.70
N PRO L 45 62.90 16.70 13.78
CA PRO L 45 62.31 17.98 13.47
C PRO L 45 61.65 18.62 14.70
N VAL L 46 61.44 19.94 14.68
CA VAL L 46 61.19 20.79 15.87
C VAL L 46 60.20 21.90 15.55
N LEU L 47 59.23 22.18 16.41
CA LEU L 47 58.26 23.26 16.21
C LEU L 47 58.92 24.64 16.16
N VAL L 48 58.56 25.46 15.18
CA VAL L 48 58.82 26.90 15.25
C VAL L 48 57.55 27.72 15.20
N MET L 49 56.66 27.57 14.22
CA MET L 49 55.35 28.26 14.24
C MET L 49 54.18 27.52 13.57
N PHE L 50 53.01 27.64 14.19
CA PHE L 50 51.69 27.35 13.63
C PHE L 50 50.69 28.42 14.09
N HIS L 51 50.12 29.19 13.17
CA HIS L 51 49.07 30.18 13.41
C HIS L 51 49.32 31.17 14.55
N ASN L 52 50.58 31.53 14.79
CA ASN L 52 51.02 32.53 15.77
C ASN L 52 50.69 32.28 17.25
N ASN L 53 49.75 31.42 17.62
CA ASN L 53 49.48 31.02 19.01
C ASN L 53 50.16 29.69 19.42
N SER L 54 50.69 28.92 18.47
CA SER L 54 51.60 27.78 18.69
C SER L 54 52.99 28.07 18.12
N ARG L 55 54.04 27.96 18.94
CA ARG L 55 55.33 28.66 18.76
C ARG L 55 56.52 27.89 19.33
N ALA L 56 57.74 28.26 18.92
CA ALA L 56 58.98 27.63 19.33
C ALA L 56 59.19 27.62 20.85
N SER L 57 59.83 26.57 21.34
CA SER L 57 60.30 26.46 22.72
C SER L 57 61.70 27.03 22.94
N ARG L 58 62.58 27.10 21.92
CA ARG L 58 63.98 27.52 22.06
C ARG L 58 64.44 28.52 20.97
N ILE L 59 63.59 29.51 20.71
CA ILE L 59 63.97 30.82 20.10
C ILE L 59 63.28 31.97 20.88
N PRO L 60 62.96 31.77 22.18
CA PRO L 60 62.05 32.56 23.01
C PRO L 60 60.91 33.38 22.35
N GLU L 61 61.14 34.59 21.85
CA GLU L 61 60.14 35.47 21.20
C GLU L 61 60.66 36.10 19.87
N ARG L 62 61.76 35.59 19.31
CA ARG L 62 62.58 36.28 18.31
C ARG L 62 62.31 35.81 16.86
N PHE L 63 61.09 35.39 16.56
CA PHE L 63 60.68 34.74 15.30
C PHE L 63 59.20 34.99 14.98
N SER L 64 58.82 35.04 13.70
CA SER L 64 57.48 35.46 13.27
C SER L 64 57.04 34.83 11.95
N ALA L 65 55.74 34.83 11.65
CA ALA L 65 55.22 34.70 10.29
C ALA L 65 55.33 36.03 9.52
N SER L 66 55.17 35.95 8.21
CA SER L 66 54.88 37.08 7.32
C SER L 66 54.49 36.55 5.94
N ASP L 67 53.94 37.40 5.08
CA ASP L 67 53.59 37.08 3.69
C ASP L 67 54.18 38.11 2.71
N SER L 68 54.56 37.68 1.50
CA SER L 68 54.92 38.56 0.37
C SER L 68 53.72 38.94 -0.52
N GLY L 69 52.63 38.20 -0.37
CA GLY L 69 51.45 38.17 -1.22
C GLY L 69 51.23 36.79 -1.84
N ASP L 70 51.98 35.79 -1.38
CA ASP L 70 52.14 34.48 -2.01
C ASP L 70 52.93 33.50 -1.13
N THR L 71 53.41 33.87 0.06
CA THR L 71 54.36 33.05 0.83
C THR L 71 54.03 32.86 2.30
N ALA L 72 54.29 31.65 2.79
CA ALA L 72 54.62 31.42 4.19
C ALA L 72 56.07 31.91 4.40
N THR L 73 56.46 32.30 5.61
CA THR L 73 57.81 32.83 5.85
C THR L 73 58.34 32.47 7.21
N LEU L 74 59.49 31.81 7.21
CA LEU L 74 60.35 31.63 8.36
C LEU L 74 61.01 32.98 8.64
N THR L 75 60.33 33.84 9.40
CA THR L 75 60.79 35.20 9.73
C THR L 75 61.57 35.16 11.04
N ILE L 76 62.69 34.45 11.05
CA ILE L 76 63.52 34.09 12.21
C ILE L 76 64.41 35.28 12.63
N ALA L 77 63.83 36.46 12.60
CA ALA L 77 64.52 37.73 12.38
C ALA L 77 65.45 38.17 13.53
N GLY L 78 65.28 37.65 14.73
CA GLY L 78 66.12 37.93 15.90
C GLY L 78 66.90 36.70 16.37
N ALA L 79 66.98 35.66 15.56
CA ALA L 79 67.54 34.38 15.94
C ALA L 79 69.06 34.33 15.73
N GLN L 80 69.81 35.15 16.48
CA GLN L 80 71.29 35.14 16.49
C GLN L 80 71.85 33.81 17.03
N ASP L 81 71.00 33.01 17.67
CA ASP L 81 71.13 31.55 17.77
C ASP L 81 70.92 30.91 16.38
N VAL L 82 71.82 31.28 15.46
CA VAL L 82 71.75 31.04 14.03
C VAL L 82 72.52 29.79 13.58
N ASP L 83 73.44 29.29 14.39
CA ASP L 83 74.17 28.03 14.16
C ASP L 83 73.24 26.81 14.04
N GLU L 84 72.01 26.96 14.54
CA GLU L 84 70.95 25.97 14.62
C GLU L 84 70.19 25.75 13.29
N ALA L 85 70.56 26.46 12.22
CA ALA L 85 69.70 26.64 11.06
C ALA L 85 69.60 25.46 10.07
N GLU L 86 68.66 24.55 10.30
CA GLU L 86 68.01 23.73 9.27
C GLU L 86 66.51 23.80 9.49
N TYR L 87 65.71 23.98 8.44
CA TYR L 87 64.26 24.13 8.55
C TYR L 87 63.51 23.50 7.38
N TYR L 88 62.19 23.32 7.55
CA TYR L 88 61.20 22.75 6.61
C TYR L 88 59.83 23.42 6.83
N CYS L 89 58.92 23.37 5.86
CA CYS L 89 57.53 23.85 6.03
C CYS L 89 56.49 22.69 5.93
N GLN L 90 55.28 22.79 6.52
CA GLN L 90 54.20 21.80 6.33
C GLN L 90 52.77 22.37 6.39
N THR L 91 51.79 21.65 5.81
CA THR L 91 50.37 22.03 5.65
C THR L 91 49.52 20.77 5.37
N TRP L 92 48.20 20.88 5.37
CA TRP L 92 47.29 19.77 5.09
C TRP L 92 46.03 20.18 4.30
N ASP L 93 46.03 21.36 3.71
CA ASP L 93 44.82 22.01 3.16
C ASP L 93 44.21 21.36 1.92
N SER L 94 45.01 20.60 1.17
CA SER L 94 44.59 19.97 -0.08
C SER L 94 43.75 18.71 0.19
N LYS L 95 43.33 18.01 -0.86
CA LYS L 95 42.40 16.87 -0.88
C LYS L 95 42.75 15.74 0.11
N ASN L 96 42.28 15.89 1.35
CA ASN L 96 42.64 15.07 2.53
C ASN L 96 44.17 15.01 2.80
N TYR L 97 44.95 15.96 2.26
CA TYR L 97 46.35 15.74 1.92
C TYR L 97 47.32 16.59 2.73
N VAL L 98 48.10 15.95 3.62
CA VAL L 98 49.30 16.55 4.24
C VAL L 98 50.29 16.96 3.13
N THR L 99 51.13 17.96 3.35
CA THR L 99 52.16 18.43 2.39
C THR L 99 53.31 19.11 3.12
N PHE L 100 54.51 19.03 2.56
CA PHE L 100 55.74 19.62 3.11
C PHE L 100 56.44 20.51 2.08
N GLY L 101 57.08 21.55 2.59
CA GLY L 101 58.18 22.26 1.92
C GLY L 101 59.52 21.58 2.21
N GLY L 102 60.31 21.36 1.16
CA GLY L 102 61.49 20.50 1.15
C GLY L 102 62.64 20.92 2.06
N GLY L 103 62.62 22.15 2.58
CA GLY L 103 63.53 22.62 3.62
C GLY L 103 64.98 22.85 3.18
N THR L 104 65.76 23.44 4.08
CA THR L 104 67.19 23.71 3.87
C THR L 104 67.92 23.95 5.17
N LYS L 105 69.20 23.55 5.23
CA LYS L 105 70.20 24.14 6.10
C LYS L 105 70.54 25.56 5.66
N LEU L 106 71.09 26.38 6.55
CA LEU L 106 71.98 27.49 6.20
C LEU L 106 73.23 27.44 7.10
N THR L 107 74.42 27.37 6.53
CA THR L 107 75.70 27.46 7.28
C THR L 107 76.01 28.89 7.71
N VAL L 108 76.93 29.07 8.68
CA VAL L 108 77.20 30.36 9.33
C VAL L 108 78.68 30.74 9.28
N LEU L 109 79.58 29.85 9.70
CA LEU L 109 81.03 30.09 9.79
C LEU L 109 81.72 29.97 8.42
#